data_7QEF
#
_entry.id   7QEF
#
_cell.length_a   63.376
_cell.length_b   81.675
_cell.length_c   93.548
_cell.angle_alpha   66.570
_cell.angle_beta   89.390
_cell.angle_gamma   89.170
#
_symmetry.space_group_name_H-M   'P 1'
#
loop_
_entity.id
_entity.type
_entity.pdbx_description
1 polymer SN243
2 non-polymer 'ACETATE ION'
3 non-polymer '4-nitrophenyl beta-D-glucopyranosiduronic acid'
4 non-polymer 'ZINC ION'
5 non-polymer 'SULFATE ION'
6 water water
#
_entity_poly.entity_id   1
_entity_poly.type   'polypeptide(L)'
_entity_poly.pdbx_seq_one_letter_code
;SATTPPGDLEQPELEARVKEIIEVDGYQFRDLNDNGELDPYEDWRLPTPERVADLVGQMSLVEKSGLMLINTLNAACDPQ
TGEFGVLPAQADNYINTQHMHRFVFRNVVDVRAEGVECTGTGTPVVSPAEAATFTNAVQEMSEATRLGIPSLFKSNARNH
IDPDARVGINEAAGAFSAFPKEAGIAAAALGEQARRTGEATTGDMSVVADFADVMGEEWASIGLRGMYGYMADLSTEPRW
YRTHETFTEDAYLAAEIMETLVQTLQGEELTDNGLALSPQTRVALTLKHFPGGGPQELGLDPHYAFGKAQVYPAGRFEEH
FLPFQAAIDAGVSSIMPYYGVPVDVPVVGGEPGETYPHTGFAFSDSIVNGLLRDQLGFTGYVNSATGIINDRAWGLEGNT
VPERVAAAINGGTDTLSGFSDVSVITDLYEADLISEERIDLAAERLLEPLFDMGLFENPYVDPDVATATVGADDHRAVGL
DLQRKSLVLLQNEETDEGPVLPLKEGGDVYILGDFTEETVESYGYEVTNGNVAEGEERPSAAGSDYVLISMTAKTNAGDY
VSDDPSLGLNPDHGTNPSVIIGDDGEPLPGLDGQSLWGAADVCVHKEGHEENPSCTDNRLRFGGAYPWESSILDFTGMEA
AESWEVVPSLETIQEVMAEVEDPSKVILHVYFRQPYVLDEESGLRDAGAILAGFGMTDTALMDVLTGAYAPQGKLPFALA
GTREAIIEQDSDRPGYDETEDGALYPFGYGLTYEDDTEE
;
_entity_poly.pdbx_strand_id   A,B
#
loop_
_chem_comp.id
_chem_comp.type
_chem_comp.name
_chem_comp.formula
ACT non-polymer 'ACETATE ION' 'C2 H3 O2 -1'
C3G D-saccharide '4-nitrophenyl beta-D-glucopyranosiduronic acid' 'C12 H13 N O9'
SO4 non-polymer 'SULFATE ION' 'O4 S -2'
ZN non-polymer 'ZINC ION' 'Zn 2'
#
# COMPACT_ATOMS: atom_id res chain seq x y z
N GLU A 10 25.34 1.36 27.92
CA GLU A 10 25.83 2.58 28.61
C GLU A 10 26.13 3.66 27.59
N GLN A 11 27.12 3.42 26.72
CA GLN A 11 27.53 4.48 25.77
C GLN A 11 26.37 4.77 24.83
N PRO A 12 25.73 5.95 24.93
CA PRO A 12 24.62 6.30 24.06
C PRO A 12 25.17 6.77 22.70
N GLU A 13 24.41 6.57 21.63
CA GLU A 13 24.85 7.04 20.30
C GLU A 13 24.97 8.56 20.34
N LEU A 14 26.08 9.10 19.81
CA LEU A 14 26.31 10.56 19.88
C LEU A 14 26.61 11.08 18.48
N GLU A 15 25.83 12.04 17.98
CA GLU A 15 26.19 12.66 16.68
C GLU A 15 26.48 14.14 16.94
N ALA A 16 27.48 14.69 16.26
CA ALA A 16 27.87 16.08 16.45
C ALA A 16 28.39 16.62 15.13
N ARG A 17 27.68 17.58 14.53
CA ARG A 17 28.07 18.13 13.25
C ARG A 17 28.82 19.45 13.34
N VAL A 18 28.94 20.03 14.54
CA VAL A 18 29.66 21.29 14.66
C VAL A 18 30.61 21.22 15.84
N LYS A 19 30.06 20.97 17.03
CA LYS A 19 30.97 20.72 18.11
C LYS A 19 31.54 19.33 17.95
N GLU A 20 32.60 19.04 18.71
CA GLU A 20 33.28 17.72 18.56
C GLU A 20 33.06 16.83 19.77
N ILE A 21 33.48 15.57 19.67
CA ILE A 21 33.27 14.58 20.77
C ILE A 21 34.54 14.46 21.58
N ILE A 22 34.41 14.37 22.90
CA ILE A 22 35.59 14.26 23.80
C ILE A 22 35.49 12.94 24.57
N GLU A 23 36.59 12.20 24.67
CA GLU A 23 36.60 10.93 25.46
C GLU A 23 37.01 11.25 26.89
N VAL A 24 36.26 10.73 27.86
CA VAL A 24 36.58 10.95 29.30
C VAL A 24 36.19 9.71 30.10
N ASP A 25 36.95 9.40 31.16
CA ASP A 25 36.66 8.22 32.02
C ASP A 25 36.25 7.02 31.18
N GLY A 26 36.90 6.81 30.02
CA GLY A 26 36.63 5.62 29.20
C GLY A 26 35.34 5.71 28.42
N TYR A 27 34.74 6.90 28.37
CA TYR A 27 33.47 7.09 27.62
C TYR A 27 33.63 8.31 26.69
N GLN A 28 32.70 8.44 25.73
CA GLN A 28 32.76 9.61 24.80
C GLN A 28 31.63 10.60 25.15
N PHE A 29 31.86 11.89 24.96
CA PHE A 29 30.86 12.92 25.31
C PHE A 29 30.92 14.04 24.27
N ARG A 30 29.83 14.81 24.15
CA ARG A 30 29.81 15.95 23.19
C ARG A 30 30.25 17.23 23.91
N ASP A 31 31.30 17.87 23.42
CA ASP A 31 31.75 19.13 24.03
C ASP A 31 30.98 20.28 23.38
N LEU A 32 29.88 20.65 24.02
CA LEU A 32 28.93 21.58 23.41
C LEU A 32 29.27 23.03 23.67
N ASN A 33 29.91 23.35 24.81
CA ASN A 33 30.45 24.69 25.04
C ASN A 33 31.74 24.92 24.29
N ASP A 34 32.35 23.86 23.73
CA ASP A 34 33.59 23.97 22.96
C ASP A 34 34.69 24.63 23.79
N ASN A 35 34.76 24.17 25.05
CA ASN A 35 35.79 24.66 26.00
C ASN A 35 36.92 23.64 26.04
N GLY A 36 36.67 22.43 25.53
CA GLY A 36 37.69 21.38 25.50
C GLY A 36 37.60 20.49 26.71
N GLU A 37 36.61 20.73 27.57
CA GLU A 37 36.53 19.96 28.84
C GLU A 37 35.10 19.45 29.03
N LEU A 38 34.94 18.38 29.80
CA LEU A 38 33.60 17.80 30.02
C LEU A 38 32.90 18.60 31.12
N ASP A 39 31.77 19.23 30.79
CA ASP A 39 30.98 19.93 31.83
C ASP A 39 29.89 18.98 32.30
N PRO A 40 29.47 19.03 33.58
CA PRO A 40 28.50 18.08 34.09
C PRO A 40 27.24 17.99 33.22
N TYR A 41 26.87 19.07 32.53
CA TYR A 41 25.64 19.08 31.69
C TYR A 41 25.90 18.25 30.42
N GLU A 42 27.15 18.20 29.98
CA GLU A 42 27.52 17.40 28.78
C GLU A 42 27.75 15.95 29.18
N ASP A 43 27.71 15.65 30.49
CA ASP A 43 28.00 14.28 30.99
C ASP A 43 26.69 13.49 31.09
N TRP A 44 26.48 12.53 30.19
CA TRP A 44 25.22 11.76 30.15
C TRP A 44 25.13 10.76 31.30
N ARG A 45 26.15 10.72 32.16
CA ARG A 45 26.19 9.71 33.24
C ARG A 45 25.54 10.29 34.50
N LEU A 46 25.33 11.61 34.54
CA LEU A 46 24.81 12.24 35.78
C LEU A 46 23.29 12.33 35.72
N PRO A 47 22.56 12.30 36.85
CA PRO A 47 21.11 12.53 36.81
C PRO A 47 20.79 13.83 36.08
N THR A 48 19.59 13.85 35.50
CA THR A 48 19.18 15.02 34.71
C THR A 48 19.19 16.31 35.53
N PRO A 49 18.67 16.35 36.77
CA PRO A 49 18.71 17.61 37.53
C PRO A 49 20.10 18.22 37.62
N GLU A 50 21.14 17.40 37.84
CA GLU A 50 22.48 17.95 37.95
C GLU A 50 22.98 18.49 36.62
N ARG A 51 22.57 17.88 35.51
CA ARG A 51 22.96 18.42 34.22
C ARG A 51 22.25 19.74 33.95
N VAL A 52 20.95 19.81 34.28
CA VAL A 52 20.23 21.07 34.15
C VAL A 52 20.91 22.16 34.95
N ALA A 53 21.17 21.89 36.24
CA ALA A 53 21.76 22.88 37.13
C ALA A 53 23.04 23.46 36.55
N ASP A 54 23.91 22.60 36.00
CA ASP A 54 25.17 23.05 35.41
C ASP A 54 24.94 23.86 34.14
N LEU A 55 23.96 23.44 33.33
CA LEU A 55 23.65 24.18 32.11
C LEU A 55 23.02 25.52 32.45
N VAL A 56 22.00 25.50 33.32
CA VAL A 56 21.37 26.74 33.75
C VAL A 56 22.39 27.67 34.39
N GLY A 57 23.34 27.10 35.14
CA GLY A 57 24.37 27.90 35.80
C GLY A 57 25.19 28.75 34.83
N GLN A 58 25.52 28.21 33.66
CA GLN A 58 26.38 28.85 32.68
C GLN A 58 25.66 29.76 31.71
N MET A 59 24.34 29.92 31.80
CA MET A 59 23.67 30.63 30.73
C MET A 59 23.41 32.09 31.08
N SER A 60 23.43 32.91 30.03
CA SER A 60 23.11 34.30 30.20
C SER A 60 21.63 34.45 30.49
N LEU A 61 21.25 35.67 30.84
CA LEU A 61 19.84 35.93 31.09
C LEU A 61 19.05 35.76 29.81
N VAL A 62 19.48 36.42 28.73
CA VAL A 62 18.77 36.32 27.46
C VAL A 62 18.70 34.87 26.99
N GLU A 63 19.78 34.10 27.19
CA GLU A 63 19.76 32.70 26.77
C GLU A 63 18.63 31.95 27.43
N LYS A 64 18.42 32.22 28.73
CA LYS A 64 17.30 31.60 29.43
C LYS A 64 15.98 32.18 28.96
N SER A 65 15.95 33.47 28.58
CA SER A 65 14.73 34.07 28.05
C SER A 65 14.36 33.50 26.68
N GLY A 66 15.35 33.14 25.85
CA GLY A 66 15.07 32.53 24.56
C GLY A 66 14.32 31.22 24.66
N LEU A 67 14.44 30.51 25.79
CA LEU A 67 13.70 29.28 25.97
C LEU A 67 12.19 29.51 26.16
N MET A 68 11.77 30.72 26.52
CA MET A 68 10.36 30.95 26.84
C MET A 68 9.55 31.37 25.63
N LEU A 69 10.06 31.11 24.44
CA LEU A 69 9.40 31.41 23.19
C LEU A 69 9.26 30.12 22.36
N ILE A 70 8.16 29.99 21.64
CA ILE A 70 8.06 28.93 20.63
C ILE A 70 7.30 29.49 19.43
N ASN A 71 7.87 29.30 18.23
CA ASN A 71 7.35 29.98 17.06
C ASN A 71 7.46 29.11 15.82
N THR A 72 6.61 29.41 14.83
CA THR A 72 6.63 28.75 13.53
C THR A 72 8.00 28.79 12.88
N LEU A 73 8.51 27.63 12.52
CA LEU A 73 9.72 27.57 11.70
C LEU A 73 9.48 26.50 10.64
N ASN A 74 8.89 26.90 9.52
CA ASN A 74 8.58 25.96 8.46
C ASN A 74 9.74 25.85 7.49
N ALA A 75 9.89 24.67 6.89
CA ALA A 75 10.77 24.50 5.74
C ALA A 75 10.29 25.36 4.59
N ALA A 76 11.23 25.78 3.78
CA ALA A 76 10.89 26.60 2.61
C ALA A 76 11.52 25.96 1.40
N CYS A 77 11.38 26.57 0.23
CA CYS A 77 12.06 25.94 -0.92
C CYS A 77 13.27 26.78 -1.32
N PHE A 84 14.27 21.33 -1.76
CA PHE A 84 13.02 21.66 -1.05
C PHE A 84 13.29 21.33 0.42
N GLY A 85 13.11 22.29 1.31
CA GLY A 85 13.47 22.03 2.72
C GLY A 85 14.62 22.93 3.15
N VAL A 86 14.75 24.09 2.51
CA VAL A 86 15.77 25.07 2.95
C VAL A 86 15.29 25.66 4.28
N LEU A 87 16.19 26.29 5.04
CA LEU A 87 15.76 26.96 6.29
C LEU A 87 15.11 28.28 5.88
N PRO A 88 14.05 28.75 6.56
CA PRO A 88 13.34 29.97 6.15
C PRO A 88 14.11 31.22 6.54
N ALA A 89 13.64 32.35 6.02
CA ALA A 89 14.28 33.65 6.26
C ALA A 89 14.59 33.88 7.73
N GLN A 90 13.64 33.59 8.61
CA GLN A 90 13.72 33.97 10.02
C GLN A 90 14.50 32.98 10.87
N ALA A 91 15.09 31.95 10.27
CA ALA A 91 15.80 30.97 11.10
C ALA A 91 17.01 31.62 11.76
N ASP A 92 17.82 32.36 11.00
CA ASP A 92 18.96 33.01 11.61
C ASP A 92 18.51 33.90 12.77
N ASN A 93 17.49 34.72 12.55
CA ASN A 93 17.03 35.62 13.60
C ASN A 93 16.49 34.87 14.81
N TYR A 94 15.70 33.82 14.58
CA TYR A 94 15.11 33.12 15.72
C TYR A 94 16.17 32.45 16.58
N ILE A 95 17.18 31.88 15.96
CA ILE A 95 18.11 31.03 16.70
C ILE A 95 19.25 31.85 17.31
N ASN A 96 19.75 32.86 16.59
CA ASN A 96 20.90 33.61 17.04
C ASN A 96 20.55 34.94 17.69
N THR A 97 19.44 35.55 17.32
CA THR A 97 19.07 36.82 17.93
C THR A 97 18.11 36.60 19.09
N GLN A 98 17.17 35.68 18.95
CA GLN A 98 16.17 35.42 19.97
C GLN A 98 16.50 34.22 20.86
N HIS A 99 17.48 33.38 20.48
CA HIS A 99 17.90 32.23 21.28
C HIS A 99 16.76 31.24 21.54
N MET A 100 15.92 31.01 20.52
CA MET A 100 14.85 30.04 20.61
C MET A 100 15.34 28.63 20.34
N HIS A 101 14.73 27.68 21.02
CA HIS A 101 15.04 26.27 20.79
C HIS A 101 13.77 25.45 20.61
N ARG A 102 12.60 26.10 20.52
CA ARG A 102 11.33 25.41 20.35
C ARG A 102 10.58 26.03 19.17
N PHE A 103 10.13 25.17 18.25
CA PHE A 103 9.54 25.61 16.99
C PHE A 103 8.33 24.75 16.64
N VAL A 104 7.44 25.32 15.85
CA VAL A 104 6.24 24.63 15.37
C VAL A 104 6.38 24.42 13.88
N PHE A 105 6.37 23.16 13.45
CA PHE A 105 6.58 22.77 12.05
C PHE A 105 5.22 22.49 11.42
N ARG A 106 4.87 23.25 10.38
CA ARG A 106 3.54 23.19 9.79
C ARG A 106 3.45 22.72 8.33
N ASN A 107 4.55 22.44 7.63
CA ASN A 107 4.42 22.01 6.23
C ASN A 107 3.66 20.69 6.13
N VAL A 108 2.91 20.55 5.03
CA VAL A 108 2.46 19.23 4.61
C VAL A 108 3.66 18.44 4.13
N VAL A 109 3.80 17.21 4.62
CA VAL A 109 4.81 16.29 4.15
C VAL A 109 4.18 15.26 3.21
N ASP A 110 4.60 15.29 1.95
CA ASP A 110 4.06 14.35 0.93
C ASP A 110 4.97 14.39 -0.29
N VAL A 111 4.71 13.51 -1.26
CA VAL A 111 5.49 13.53 -2.54
C VAL A 111 4.82 14.54 -3.47
N ARG A 112 5.52 15.61 -3.81
CA ARG A 112 4.92 16.67 -4.67
C ARG A 112 4.66 16.11 -6.06
N ALA A 113 3.57 16.55 -6.70
CA ALA A 113 3.25 16.11 -8.07
C ALA A 113 4.32 16.64 -9.03
N GLU A 114 4.50 15.95 -10.16
CA GLU A 114 5.48 16.42 -11.17
C GLU A 114 5.09 17.83 -11.63
N GLY A 115 6.07 18.72 -11.74
CA GLY A 115 5.80 20.08 -12.26
C GLY A 115 5.86 21.15 -11.18
N VAL A 116 5.66 20.79 -9.91
CA VAL A 116 5.58 21.82 -8.83
C VAL A 116 6.78 22.77 -8.90
N GLU A 117 6.52 24.04 -9.21
CA GLU A 117 7.62 25.05 -9.26
C GLU A 117 7.49 26.05 -8.11
N CYS A 118 8.18 25.84 -6.98
CA CYS A 118 8.05 26.74 -5.79
C CYS A 118 7.84 28.19 -6.22
N THR A 119 6.64 28.72 -6.02
CA THR A 119 6.43 30.16 -6.32
C THR A 119 5.41 30.73 -5.33
N GLY A 120 5.43 32.06 -5.16
CA GLY A 120 4.53 32.69 -4.17
C GLY A 120 5.10 32.59 -2.77
N THR A 121 4.37 33.08 -1.78
CA THR A 121 4.89 33.08 -0.39
C THR A 121 4.05 32.12 0.46
N GLY A 122 3.72 30.96 -0.11
CA GLY A 122 2.95 29.95 0.65
C GLY A 122 3.87 29.10 1.50
N THR A 123 3.40 27.91 1.87
CA THR A 123 4.21 26.99 2.67
C THR A 123 4.37 25.67 1.94
N PRO A 124 5.54 25.39 1.35
CA PRO A 124 5.70 24.23 0.47
C PRO A 124 5.45 22.87 1.12
N VAL A 125 5.13 21.89 0.27
CA VAL A 125 5.09 20.47 0.61
C VAL A 125 6.48 19.89 0.49
N VAL A 126 6.87 19.03 1.44
CA VAL A 126 8.23 18.47 1.48
C VAL A 126 8.13 16.98 1.74
N SER A 127 8.98 16.21 1.07
CA SER A 127 9.02 14.78 1.30
C SER A 127 9.54 14.47 2.70
N PRO A 128 9.33 13.24 3.19
CA PRO A 128 9.88 12.89 4.51
C PRO A 128 11.38 13.11 4.64
N ALA A 129 12.18 12.79 3.62
CA ALA A 129 13.61 13.05 3.72
C ALA A 129 13.90 14.55 3.68
N GLU A 130 13.17 15.30 2.87
CA GLU A 130 13.37 16.74 2.83
C GLU A 130 13.00 17.38 4.16
N ALA A 131 11.95 16.89 4.82
CA ALA A 131 11.61 17.40 6.15
C ALA A 131 12.71 17.02 7.16
N ALA A 132 13.19 15.78 7.09
CA ALA A 132 14.24 15.37 8.01
C ALA A 132 15.52 16.17 7.76
N THR A 133 15.82 16.43 6.48
CA THR A 133 16.95 17.27 6.11
C THR A 133 16.80 18.69 6.66
N PHE A 134 15.59 19.24 6.63
CA PHE A 134 15.38 20.58 7.15
C PHE A 134 15.52 20.61 8.66
N THR A 135 14.91 19.64 9.37
CA THR A 135 15.01 19.62 10.82
C THR A 135 16.42 19.30 11.30
N ASN A 136 17.18 18.51 10.54
CA ASN A 136 18.59 18.32 10.86
C ASN A 136 19.36 19.62 10.71
N ALA A 137 19.05 20.42 9.69
CA ALA A 137 19.72 21.70 9.53
C ALA A 137 19.44 22.62 10.71
N VAL A 138 18.20 22.59 11.25
CA VAL A 138 17.91 23.43 12.40
C VAL A 138 18.70 22.96 13.60
N GLN A 139 18.75 21.63 13.82
CA GLN A 139 19.56 21.10 14.91
C GLN A 139 21.03 21.43 14.73
N GLU A 140 21.47 21.60 13.50
CA GLU A 140 22.87 21.94 13.27
C GLU A 140 23.12 23.40 13.59
N MET A 141 22.16 24.25 13.25
CA MET A 141 22.25 25.64 13.64
C MET A 141 22.20 25.79 15.16
N SER A 142 21.45 24.91 15.82
CA SER A 142 21.37 24.92 17.28
C SER A 142 22.65 24.45 17.95
N GLU A 143 23.22 23.33 17.46
CA GLU A 143 24.53 22.90 17.95
C GLU A 143 25.54 24.02 17.87
N ALA A 144 25.51 24.78 16.78
CA ALA A 144 26.44 25.88 16.53
C ALA A 144 26.27 27.05 17.51
N THR A 145 25.27 27.05 18.36
CA THR A 145 25.20 28.15 19.31
C THR A 145 26.15 27.87 20.48
N ARG A 146 26.52 28.95 21.19
CA ARG A 146 27.58 28.94 22.21
C ARG A 146 27.53 27.70 23.09
N LEU A 147 26.37 27.36 23.62
CA LEU A 147 26.29 26.21 24.51
C LEU A 147 25.72 24.97 23.82
N GLY A 148 25.40 25.08 22.54
CA GLY A 148 24.96 23.93 21.75
C GLY A 148 23.72 23.23 22.25
N ILE A 149 22.78 23.97 22.83
CA ILE A 149 21.52 23.37 23.27
C ILE A 149 20.73 22.92 22.04
N PRO A 150 20.17 21.69 22.03
CA PRO A 150 19.39 21.25 20.86
C PRO A 150 18.02 21.91 20.74
N SER A 151 17.30 21.55 19.68
CA SER A 151 15.98 22.11 19.41
C SER A 151 14.92 21.01 19.46
N LEU A 152 13.69 21.44 19.74
CA LEU A 152 12.51 20.60 19.73
C LEU A 152 11.50 21.20 18.76
N PHE A 153 10.91 20.35 17.90
CA PHE A 153 9.87 20.74 16.96
C PHE A 153 8.53 20.22 17.45
N LYS A 154 7.51 21.04 17.34
CA LYS A 154 6.16 20.57 17.59
C LYS A 154 5.33 20.68 16.33
N SER A 155 4.20 19.98 16.35
CA SER A 155 3.34 19.88 15.18
C SER A 155 1.93 19.59 15.67
N ASN A 156 0.94 20.08 14.92
CA ASN A 156 -0.40 19.55 15.10
C ASN A 156 -0.48 18.15 14.49
N ALA A 157 -1.59 17.47 14.72
CA ALA A 157 -1.70 16.11 14.24
C ALA A 157 -1.60 16.08 12.72
N ARG A 158 -1.02 14.99 12.20
CA ARG A 158 -0.82 14.83 10.77
C ARG A 158 -1.36 13.52 10.20
N ASN A 159 -1.92 12.63 11.02
CA ASN A 159 -2.23 11.26 10.64
C ASN A 159 -3.71 11.03 10.33
N HIS A 160 -4.48 12.08 10.13
CA HIS A 160 -5.91 11.93 9.96
C HIS A 160 -6.33 12.39 8.57
N ILE A 161 -7.29 11.68 7.99
CA ILE A 161 -7.90 12.07 6.73
C ILE A 161 -8.65 13.39 6.89
N ASP A 162 -8.39 14.35 5.99
CA ASP A 162 -9.28 15.50 5.86
C ASP A 162 -10.40 15.17 4.86
N PRO A 163 -11.59 14.74 5.31
CA PRO A 163 -12.64 14.37 4.32
C PRO A 163 -13.20 15.59 3.58
N ALA A 173 -2.48 12.60 6.30
CA ALA A 173 -2.20 13.84 5.57
C ALA A 173 -0.91 13.68 4.77
N GLY A 174 -1.04 13.81 3.46
CA GLY A 174 0.12 13.60 2.60
C GLY A 174 0.55 12.15 2.60
N ALA A 175 1.83 11.92 2.88
CA ALA A 175 2.42 10.59 2.95
C ALA A 175 2.40 10.00 4.36
N PHE A 176 1.98 10.75 5.37
CA PHE A 176 1.78 10.16 6.70
C PHE A 176 0.63 9.16 6.62
N SER A 177 0.75 8.07 7.38
CA SER A 177 -0.26 7.02 7.33
C SER A 177 -1.64 7.56 7.76
N ALA A 178 -2.65 7.31 6.90
CA ALA A 178 -3.98 7.91 7.05
C ALA A 178 -4.87 7.14 8.03
N PHE A 179 -5.49 7.87 8.95
CA PHE A 179 -6.46 7.31 9.87
C PHE A 179 -7.71 8.18 9.85
N PRO A 180 -8.83 7.66 10.36
CA PRO A 180 -10.00 8.54 10.57
C PRO A 180 -9.65 9.64 11.54
N LYS A 181 -10.53 10.63 11.63
CA LYS A 181 -10.32 11.69 12.61
C LYS A 181 -10.45 11.14 14.03
N GLU A 182 -10.08 11.98 15.00
CA GLU A 182 -9.97 11.57 16.39
C GLU A 182 -11.24 10.86 16.86
N ALA A 183 -12.39 11.44 16.56
CA ALA A 183 -13.65 10.82 16.96
C ALA A 183 -13.84 9.47 16.26
N GLY A 184 -13.35 9.33 15.05
CA GLY A 184 -13.36 8.02 14.41
C GLY A 184 -12.49 7.00 15.12
N ILE A 185 -11.38 7.44 15.74
CA ILE A 185 -10.56 6.49 16.48
C ILE A 185 -11.29 6.02 17.73
N ALA A 186 -11.97 6.94 18.43
CA ALA A 186 -12.78 6.56 19.59
C ALA A 186 -13.93 5.65 19.17
N ALA A 187 -14.54 5.92 18.01
CA ALA A 187 -15.61 5.04 17.52
C ALA A 187 -15.10 3.62 17.34
N ALA A 188 -13.98 3.45 16.64
CA ALA A 188 -13.32 2.15 16.54
C ALA A 188 -13.09 1.53 17.90
N ALA A 189 -12.56 2.31 18.85
CA ALA A 189 -12.23 1.77 20.17
C ALA A 189 -13.50 1.30 20.90
N LEU A 190 -14.54 2.15 20.95
CA LEU A 190 -15.78 1.72 21.59
C LEU A 190 -16.32 0.45 20.93
N GLY A 191 -16.32 0.40 19.60
CA GLY A 191 -16.97 -0.69 18.91
C GLY A 191 -16.23 -2.01 19.03
N GLU A 192 -14.92 -1.96 19.23
CA GLU A 192 -14.16 -3.18 19.44
C GLU A 192 -14.32 -3.68 20.88
N GLN A 193 -14.46 -2.76 21.84
CA GLN A 193 -14.80 -3.21 23.19
C GLN A 193 -16.18 -3.87 23.20
N ALA A 194 -17.07 -3.46 22.33
CA ALA A 194 -18.41 -4.06 22.38
C ALA A 194 -18.41 -5.42 21.67
N ARG A 195 -17.57 -5.59 20.66
CA ARG A 195 -17.52 -6.84 19.87
C ARG A 195 -16.80 -7.93 20.67
N ARG A 196 -16.17 -7.57 21.78
CA ARG A 196 -15.50 -8.56 22.64
C ARG A 196 -16.18 -8.63 24.00
N THR A 197 -17.01 -7.65 24.34
CA THR A 197 -17.56 -7.61 25.71
C THR A 197 -19.06 -7.41 25.66
N GLY A 198 -19.56 -6.85 24.56
CA GLY A 198 -20.99 -6.52 24.56
C GLY A 198 -21.21 -5.26 25.39
N GLU A 199 -20.18 -4.42 25.52
CA GLU A 199 -20.28 -3.19 26.33
C GLU A 199 -19.50 -2.05 25.70
N ALA A 200 -20.02 -0.82 25.77
CA ALA A 200 -19.26 0.33 25.27
C ALA A 200 -19.11 1.39 26.37
N THR A 201 -18.02 1.31 27.14
CA THR A 201 -17.80 2.21 28.26
C THR A 201 -16.60 3.10 27.95
N THR A 202 -15.39 2.55 27.99
CA THR A 202 -14.17 3.30 27.80
C THR A 202 -13.33 2.74 26.67
N GLY A 203 -13.82 1.72 25.97
CA GLY A 203 -13.19 1.27 24.75
C GLY A 203 -11.99 0.37 24.96
N ASP A 204 -11.53 -0.20 23.85
CA ASP A 204 -10.38 -1.09 23.80
C ASP A 204 -9.16 -0.27 23.39
N MET A 205 -8.30 0.02 24.37
CA MET A 205 -7.20 0.94 24.13
C MET A 205 -6.15 0.40 23.20
N SER A 206 -6.20 -0.90 22.89
CA SER A 206 -5.31 -1.47 21.90
C SER A 206 -5.47 -0.78 20.54
N VAL A 207 -6.71 -0.41 20.20
CA VAL A 207 -6.95 0.34 18.98
C VAL A 207 -6.17 1.66 19.00
N VAL A 208 -6.28 2.40 20.12
CA VAL A 208 -5.57 3.68 20.24
C VAL A 208 -4.08 3.47 20.23
N ALA A 209 -3.60 2.52 21.05
CA ALA A 209 -2.18 2.19 21.07
C ALA A 209 -1.64 1.85 19.68
N ASP A 210 -2.41 1.08 18.90
CA ASP A 210 -1.98 0.70 17.56
C ASP A 210 -1.87 1.92 16.66
N PHE A 211 -2.82 2.84 16.79
CA PHE A 211 -2.74 4.11 16.08
C PHE A 211 -1.50 4.89 16.49
N ALA A 212 -1.27 5.01 17.81
CA ALA A 212 -0.20 5.89 18.26
C ALA A 212 1.19 5.31 17.97
N ASP A 213 1.30 3.98 17.88
CA ASP A 213 2.59 3.39 17.52
C ASP A 213 3.02 3.78 16.11
N VAL A 214 2.07 3.83 15.17
CA VAL A 214 2.41 4.25 13.82
C VAL A 214 2.79 5.73 13.78
N MET A 215 2.03 6.58 14.47
CA MET A 215 2.32 8.02 14.47
C MET A 215 3.68 8.33 15.06
N GLY A 216 3.99 7.73 16.21
CA GLY A 216 5.30 7.85 16.83
C GLY A 216 6.47 7.61 15.91
N GLU A 217 6.54 6.42 15.30
CA GLU A 217 7.70 6.08 14.47
C GLU A 217 7.82 7.00 13.26
N GLU A 218 6.69 7.37 12.66
CA GLU A 218 6.75 8.25 11.49
C GLU A 218 7.17 9.66 11.89
N TRP A 219 6.66 10.16 13.02
CA TRP A 219 7.04 11.50 13.46
C TRP A 219 8.51 11.52 13.87
N ALA A 220 8.91 10.58 14.72
CA ALA A 220 10.29 10.56 15.20
C ALA A 220 11.28 10.50 14.04
N SER A 221 10.93 9.76 12.98
CA SER A 221 11.83 9.55 11.86
C SER A 221 12.12 10.81 11.05
N ILE A 222 11.26 11.83 11.12
CA ILE A 222 11.58 13.08 10.46
C ILE A 222 12.12 14.08 11.46
N GLY A 223 12.50 13.60 12.63
CA GLY A 223 13.01 14.50 13.65
C GLY A 223 11.93 15.42 14.13
N LEU A 224 10.70 14.90 14.30
CA LEU A 224 9.56 15.64 14.82
C LEU A 224 9.20 15.01 16.17
N ARG A 225 9.71 15.59 17.26
CA ARG A 225 9.61 14.95 18.55
C ARG A 225 8.59 15.60 19.48
N GLY A 226 7.83 16.58 19.02
CA GLY A 226 6.87 17.25 19.88
C GLY A 226 5.55 17.43 19.16
N MET A 227 4.48 17.48 19.96
CA MET A 227 3.14 17.63 19.41
C MET A 227 2.37 18.70 20.16
N TYR A 228 1.71 19.58 19.42
CA TYR A 228 0.65 20.44 19.93
C TYR A 228 -0.63 19.60 19.95
N GLY A 229 -0.77 18.84 21.02
CA GLY A 229 -1.90 17.94 21.17
C GLY A 229 -1.46 16.70 21.91
N TYR A 230 -2.32 15.68 21.91
CA TYR A 230 -3.67 15.66 21.31
C TYR A 230 -4.64 16.46 22.16
N MET A 231 -5.87 16.58 21.70
CA MET A 231 -6.91 17.32 22.41
C MET A 231 -7.63 16.43 23.41
N ALA A 232 -7.65 16.86 24.67
CA ALA A 232 -8.42 16.19 25.71
C ALA A 232 -9.78 16.83 25.85
N ASP A 233 -10.03 17.87 25.08
CA ASP A 233 -11.30 18.58 25.12
C ASP A 233 -12.44 17.60 24.87
N LEU A 234 -13.55 17.86 25.54
CA LEU A 234 -14.73 17.04 25.42
C LEU A 234 -15.76 17.71 24.52
N SER A 235 -16.44 16.90 23.71
CA SER A 235 -17.36 17.44 22.72
C SER A 235 -18.76 17.58 23.33
N THR A 236 -18.84 18.32 24.44
CA THR A 236 -20.09 18.45 25.18
C THR A 236 -20.95 19.57 24.65
N GLU A 237 -20.41 20.42 23.80
CA GLU A 237 -21.15 21.49 23.14
C GLU A 237 -21.09 21.30 21.63
N PRO A 238 -22.11 20.68 21.02
CA PRO A 238 -22.02 20.32 19.60
C PRO A 238 -21.79 21.50 18.66
N ARG A 239 -22.06 22.73 19.11
CA ARG A 239 -21.89 23.89 18.25
C ARG A 239 -20.46 24.37 18.16
N TRP A 240 -19.55 23.76 18.91
CA TRP A 240 -18.14 24.12 18.85
C TRP A 240 -17.53 23.54 17.57
N TYR A 241 -16.96 24.41 16.73
CA TYR A 241 -16.46 23.94 15.44
C TYR A 241 -15.34 22.94 15.59
N ARG A 242 -14.58 23.01 16.70
CA ARG A 242 -13.45 22.10 16.91
C ARG A 242 -13.90 20.74 17.42
N THR A 243 -15.21 20.45 17.41
CA THR A 243 -15.58 19.07 17.65
C THR A 243 -15.06 18.17 16.56
N HIS A 244 -14.57 18.75 15.46
CA HIS A 244 -14.01 17.96 14.38
C HIS A 244 -12.74 17.24 14.80
N GLU A 245 -12.07 17.70 15.87
CA GLU A 245 -10.84 17.06 16.30
C GLU A 245 -10.91 16.61 17.77
N THR A 246 -12.10 16.50 18.33
CA THR A 246 -12.22 15.89 19.66
C THR A 246 -12.48 14.40 19.51
N PHE A 247 -12.00 13.62 20.47
CA PHE A 247 -12.28 12.18 20.43
C PHE A 247 -13.74 11.89 20.81
N THR A 248 -14.22 12.41 21.94
CA THR A 248 -15.50 12.00 22.47
C THR A 248 -16.04 13.09 23.39
N GLU A 249 -17.30 12.95 23.77
CA GLU A 249 -17.94 13.82 24.75
C GLU A 249 -17.80 13.27 26.16
N ASP A 250 -17.32 12.04 26.29
CA ASP A 250 -17.27 11.32 27.55
C ASP A 250 -15.92 11.52 28.19
N ALA A 251 -15.92 12.10 29.39
CA ALA A 251 -14.68 12.39 30.11
C ALA A 251 -13.91 11.12 30.41
N TYR A 252 -14.64 10.05 30.75
CA TYR A 252 -13.96 8.82 31.15
C TYR A 252 -13.30 8.13 29.98
N LEU A 253 -13.97 8.08 28.82
CA LEU A 253 -13.35 7.54 27.62
C LEU A 253 -12.19 8.42 27.17
N ALA A 254 -12.35 9.76 27.21
CA ALA A 254 -11.21 10.63 26.93
C ALA A 254 -10.03 10.31 27.84
N ALA A 255 -10.29 10.26 29.15
CA ALA A 255 -9.26 9.89 30.11
C ALA A 255 -8.52 8.61 29.68
N GLU A 256 -9.23 7.60 29.19
CA GLU A 256 -8.55 6.37 28.83
C GLU A 256 -7.72 6.54 27.56
N ILE A 257 -8.22 7.35 26.63
CA ILE A 257 -7.49 7.61 25.40
C ILE A 257 -6.22 8.39 25.69
N MET A 258 -6.34 9.48 26.46
CA MET A 258 -5.17 10.27 26.87
C MET A 258 -4.10 9.40 27.53
N GLU A 259 -4.52 8.53 28.45
CA GLU A 259 -3.59 7.64 29.15
C GLU A 259 -2.82 6.77 28.14
N THR A 260 -3.54 6.12 27.22
CA THR A 260 -2.87 5.28 26.24
C THR A 260 -2.01 6.09 25.29
N LEU A 261 -2.49 7.26 24.87
CA LEU A 261 -1.70 8.10 23.96
C LEU A 261 -0.36 8.49 24.59
N VAL A 262 -0.37 8.88 25.87
CA VAL A 262 0.87 9.27 26.53
C VAL A 262 1.77 8.05 26.71
N GLN A 263 1.19 6.93 27.17
CA GLN A 263 1.96 5.71 27.39
C GLN A 263 2.61 5.24 26.09
N THR A 264 1.86 5.30 24.98
CA THR A 264 2.41 4.82 23.72
C THR A 264 3.40 5.81 23.10
N LEU A 265 3.09 7.10 23.13
CA LEU A 265 3.95 8.04 22.40
C LEU A 265 5.15 8.50 23.23
N GLN A 266 4.99 8.65 24.54
CA GLN A 266 6.08 9.08 25.41
C GLN A 266 6.75 7.92 26.12
N GLY A 267 6.03 6.82 26.31
CA GLY A 267 6.53 5.65 27.00
C GLY A 267 5.93 5.53 28.40
N GLU A 268 6.27 4.42 29.05
CA GLU A 268 5.83 4.15 30.40
C GLU A 268 6.97 4.24 31.39
N GLU A 269 8.17 4.60 30.93
CA GLU A 269 9.27 4.83 31.86
C GLU A 269 9.16 6.27 32.36
N LEU A 270 8.92 6.43 33.66
CA LEU A 270 8.78 7.75 34.24
C LEU A 270 10.06 8.14 34.95
N THR A 271 10.40 9.40 34.88
CA THR A 271 11.51 9.86 35.69
C THR A 271 11.08 9.96 37.15
N ASP A 272 12.07 10.22 38.02
CA ASP A 272 11.79 10.50 39.42
C ASP A 272 10.92 11.73 39.58
N ASN A 273 10.96 12.62 38.60
CA ASN A 273 10.05 13.76 38.55
C ASN A 273 8.68 13.39 38.00
N GLY A 274 8.41 12.11 37.74
CA GLY A 274 7.09 11.67 37.34
C GLY A 274 6.73 12.00 35.91
N LEU A 275 7.71 12.01 35.01
CA LEU A 275 7.48 12.35 33.62
C LEU A 275 7.90 11.18 32.74
N ALA A 276 7.02 10.78 31.84
CA ALA A 276 7.26 9.66 30.93
C ALA A 276 8.18 10.17 29.83
N LEU A 277 9.48 10.28 30.15
CA LEU A 277 10.47 10.81 29.22
C LEU A 277 11.75 9.99 29.29
N SER A 278 12.09 9.35 28.17
CA SER A 278 13.33 8.63 28.00
C SER A 278 13.93 9.03 26.65
N PRO A 279 15.13 8.57 26.30
CA PRO A 279 15.52 8.65 24.88
C PRO A 279 14.59 7.85 23.97
N GLN A 280 13.84 6.90 24.52
CA GLN A 280 12.86 6.14 23.77
C GLN A 280 11.52 6.88 23.61
N THR A 281 11.41 8.12 24.10
CA THR A 281 10.22 8.92 23.84
C THR A 281 10.26 9.33 22.36
N ARG A 282 9.21 8.96 21.62
CA ARG A 282 9.17 9.34 20.21
C ARG A 282 8.54 10.71 19.99
N VAL A 283 7.43 11.01 20.68
CA VAL A 283 6.81 12.33 20.64
C VAL A 283 6.38 12.70 22.06
N ALA A 284 6.91 13.82 22.56
CA ALA A 284 6.42 14.41 23.80
C ALA A 284 5.13 15.19 23.50
N LEU A 285 4.08 14.89 24.24
CA LEU A 285 2.80 15.53 24.02
C LEU A 285 2.72 16.85 24.78
N THR A 286 2.14 17.85 24.14
CA THR A 286 1.69 19.05 24.83
C THR A 286 0.17 18.97 24.81
N LEU A 287 -0.40 18.40 25.86
CA LEU A 287 -1.82 18.19 25.88
C LEU A 287 -2.53 19.53 25.89
N LYS A 288 -3.63 19.61 25.15
CA LYS A 288 -4.37 20.83 24.98
C LYS A 288 -5.86 20.46 25.00
N HIS A 289 -6.71 21.45 25.28
CA HIS A 289 -6.33 22.76 25.83
C HIS A 289 -6.80 22.90 27.28
N PHE A 290 -5.86 22.83 28.22
CA PHE A 290 -6.17 22.83 29.64
C PHE A 290 -6.97 24.08 30.06
N PRO A 291 -7.92 23.96 31.00
CA PRO A 291 -8.35 22.71 31.64
C PRO A 291 -9.40 21.95 30.83
N GLY A 292 -9.53 22.31 29.57
CA GLY A 292 -10.56 21.70 28.75
C GLY A 292 -11.33 22.75 27.99
N GLY A 293 -11.24 22.67 26.67
CA GLY A 293 -11.78 23.71 25.83
C GLY A 293 -13.16 23.41 25.31
N GLY A 294 -13.77 22.31 25.74
CA GLY A 294 -15.05 21.88 25.22
C GLY A 294 -16.21 22.82 25.46
N PRO A 295 -16.50 23.24 26.73
CA PRO A 295 -17.81 23.92 26.99
C PRO A 295 -17.86 25.41 26.63
N GLN A 296 -17.76 25.72 25.35
CA GLN A 296 -17.80 27.09 24.89
C GLN A 296 -19.23 27.57 24.80
N GLU A 297 -19.47 28.84 25.14
CA GLU A 297 -20.83 29.35 25.24
C GLU A 297 -21.41 29.59 23.84
N LEU A 298 -22.58 28.98 23.60
CA LEU A 298 -23.18 28.97 22.27
C LEU A 298 -22.21 28.40 21.23
N GLY A 299 -21.23 27.60 21.69
CA GLY A 299 -20.23 27.04 20.82
C GLY A 299 -19.27 28.01 20.18
N LEU A 300 -19.22 29.26 20.66
CA LEU A 300 -18.36 30.25 20.03
C LEU A 300 -16.95 30.08 20.55
N ASP A 301 -15.97 30.11 19.66
CA ASP A 301 -14.62 29.68 20.02
C ASP A 301 -13.76 30.89 20.41
N PRO A 302 -12.98 30.80 21.50
CA PRO A 302 -12.20 31.97 21.95
C PRO A 302 -10.96 32.30 21.13
N HIS A 303 -10.75 31.73 19.94
CA HIS A 303 -9.85 32.37 18.99
C HIS A 303 -10.33 33.77 18.65
N TYR A 304 -11.62 34.01 18.82
CA TYR A 304 -12.31 35.21 18.38
C TYR A 304 -12.85 35.94 19.60
N ALA A 305 -13.06 37.25 19.44
CA ALA A 305 -13.41 38.11 20.57
C ALA A 305 -14.82 37.85 21.11
N PHE A 306 -15.80 37.56 20.26
CA PHE A 306 -17.13 37.24 20.80
C PHE A 306 -17.18 35.90 21.53
N GLY A 307 -16.14 35.08 21.45
CA GLY A 307 -16.22 33.75 22.01
C GLY A 307 -15.27 33.51 23.16
N LYS A 308 -14.93 34.57 23.89
CA LYS A 308 -14.01 34.44 25.01
C LYS A 308 -14.54 33.49 26.08
N ALA A 309 -15.86 33.38 26.21
CA ALA A 309 -16.46 32.79 27.41
C ALA A 309 -16.52 31.26 27.37
N GLN A 310 -16.22 30.63 28.51
CA GLN A 310 -16.55 29.24 28.73
C GLN A 310 -17.50 29.15 29.92
N VAL A 311 -18.57 28.39 29.77
CA VAL A 311 -19.62 28.39 30.77
C VAL A 311 -19.90 26.96 31.19
N TYR A 312 -20.36 26.80 32.43
CA TYR A 312 -20.50 25.49 33.06
C TYR A 312 -21.86 25.38 33.76
N PRO A 313 -22.97 25.51 33.02
CA PRO A 313 -24.29 25.49 33.67
C PRO A 313 -24.58 24.23 34.45
N ALA A 314 -23.96 23.10 34.10
CA ALA A 314 -24.18 21.88 34.84
C ALA A 314 -23.09 21.61 35.87
N GLY A 315 -22.16 22.54 36.03
CA GLY A 315 -21.09 22.37 36.99
C GLY A 315 -20.16 21.20 36.77
N ARG A 316 -19.63 21.04 35.56
CA ARG A 316 -18.78 19.91 35.24
C ARG A 316 -17.34 20.34 34.99
N PHE A 317 -16.95 21.52 35.50
CA PHE A 317 -15.56 21.95 35.39
C PHE A 317 -14.60 20.88 35.84
N GLU A 318 -14.92 20.23 36.97
CA GLU A 318 -14.08 19.12 37.43
C GLU A 318 -14.06 17.97 36.43
N GLU A 319 -15.23 17.64 35.84
CA GLU A 319 -15.28 16.56 34.85
C GLU A 319 -14.39 16.86 33.65
N HIS A 320 -14.31 18.12 33.23
CA HIS A 320 -13.61 18.46 32.00
C HIS A 320 -12.10 18.41 32.12
N PHE A 321 -11.52 18.57 33.31
CA PHE A 321 -10.09 18.36 33.39
C PHE A 321 -9.71 16.95 33.83
N LEU A 322 -10.68 16.02 33.83
CA LEU A 322 -10.37 14.64 34.21
C LEU A 322 -9.42 13.97 33.23
N PRO A 323 -9.64 14.03 31.90
CA PRO A 323 -8.62 13.48 30.98
C PRO A 323 -7.24 14.06 31.22
N PHE A 324 -7.17 15.32 31.63
CA PHE A 324 -5.87 15.90 31.89
C PHE A 324 -5.23 15.25 33.12
N GLN A 325 -6.01 14.97 34.16
N GLN A 325 -6.03 15.01 34.16
CA GLN A 325 -5.44 14.25 35.30
CA GLN A 325 -5.55 14.24 35.31
C GLN A 325 -4.92 12.88 34.89
C GLN A 325 -4.94 12.90 34.88
N ALA A 326 -5.59 12.20 33.95
CA ALA A 326 -5.08 10.89 33.51
C ALA A 326 -3.79 11.04 32.73
N ALA A 327 -3.68 12.09 31.90
CA ALA A 327 -2.47 12.28 31.11
C ALA A 327 -1.30 12.73 31.98
N ILE A 328 -1.59 13.57 32.98
CA ILE A 328 -0.55 14.06 33.87
C ILE A 328 0.02 12.91 34.69
N ASP A 329 -0.86 12.05 35.20
CA ASP A 329 -0.44 10.89 35.99
C ASP A 329 0.38 9.92 35.17
N ALA A 330 0.17 9.86 33.86
CA ALA A 330 1.00 9.04 32.99
C ALA A 330 2.24 9.78 32.53
N GLY A 331 2.40 11.04 32.91
CA GLY A 331 3.65 11.72 32.65
C GLY A 331 3.69 12.52 31.37
N VAL A 332 2.60 13.18 31.01
CA VAL A 332 2.62 14.00 29.81
C VAL A 332 3.63 15.12 30.01
N SER A 333 4.34 15.46 28.94
CA SER A 333 5.47 16.35 29.10
C SER A 333 5.05 17.81 29.33
N SER A 334 3.95 18.21 28.71
CA SER A 334 3.65 19.62 28.58
C SER A 334 2.13 19.79 28.55
N ILE A 335 1.70 21.01 28.88
CA ILE A 335 0.29 21.39 28.92
C ILE A 335 0.13 22.72 28.20
N MET A 336 -0.89 22.79 27.33
CA MET A 336 -1.25 24.05 26.70
C MET A 336 -2.60 24.49 27.23
N PRO A 337 -2.68 25.60 27.97
CA PRO A 337 -4.00 26.13 28.38
C PRO A 337 -4.71 26.81 27.23
N TYR A 338 -6.03 26.85 27.31
CA TYR A 338 -6.82 27.46 26.24
C TYR A 338 -6.97 28.96 26.43
N TYR A 339 -7.43 29.62 25.37
CA TYR A 339 -7.68 31.06 25.38
C TYR A 339 -8.83 31.44 26.29
N GLY A 340 -9.78 30.51 26.49
CA GLY A 340 -11.06 30.84 27.09
C GLY A 340 -10.97 31.43 28.48
N VAL A 341 -12.05 32.14 28.82
CA VAL A 341 -12.25 32.76 30.12
C VAL A 341 -13.29 31.95 30.89
N PRO A 342 -12.94 31.34 32.02
CA PRO A 342 -13.92 30.55 32.78
C PRO A 342 -14.82 31.49 33.57
N VAL A 343 -16.14 31.35 33.38
CA VAL A 343 -17.13 32.26 33.96
C VAL A 343 -17.69 31.65 35.24
N ASP A 344 -17.42 32.32 36.36
CA ASP A 344 -18.01 32.02 37.67
C ASP A 344 -17.78 30.57 38.06
N VAL A 345 -16.52 30.16 38.04
CA VAL A 345 -16.15 28.79 38.31
C VAL A 345 -15.47 28.75 39.67
N PRO A 346 -16.00 28.00 40.63
CA PRO A 346 -15.32 27.84 41.93
C PRO A 346 -13.93 27.28 41.81
N VAL A 347 -13.00 27.89 42.54
CA VAL A 347 -11.64 27.39 42.65
C VAL A 347 -11.67 26.00 43.28
N VAL A 348 -11.03 25.05 42.61
CA VAL A 348 -11.02 23.69 43.12
C VAL A 348 -10.08 23.65 44.32
N GLY A 349 -10.62 23.29 45.47
CA GLY A 349 -9.83 23.26 46.68
C GLY A 349 -9.51 24.65 47.17
N GLY A 350 -10.52 25.51 47.25
CA GLY A 350 -10.34 26.86 47.71
C GLY A 350 -11.44 27.22 48.70
N GLU A 351 -11.35 28.40 49.19
CA GLU A 351 -12.34 28.72 50.21
C GLU A 351 -13.67 29.09 49.56
N PRO A 352 -14.79 28.75 50.20
CA PRO A 352 -16.09 28.79 49.51
C PRO A 352 -16.39 30.18 48.99
N GLY A 353 -17.09 30.24 47.86
CA GLY A 353 -17.41 31.49 47.22
C GLY A 353 -16.33 32.04 46.30
N GLU A 354 -15.14 31.44 46.32
CA GLU A 354 -14.03 31.89 45.49
C GLU A 354 -14.23 31.38 44.06
N THR A 355 -13.94 32.24 43.08
CA THR A 355 -13.99 31.85 41.68
C THR A 355 -12.68 32.23 40.99
N TYR A 356 -12.41 31.54 39.89
CA TYR A 356 -11.22 31.76 39.09
C TYR A 356 -11.28 33.11 38.36
N PRO A 357 -10.13 33.73 38.10
CA PRO A 357 -10.14 35.04 37.43
C PRO A 357 -10.83 35.01 36.07
N HIS A 358 -11.63 36.03 35.82
CA HIS A 358 -12.23 36.17 34.49
C HIS A 358 -11.18 36.71 33.53
N THR A 359 -10.23 35.82 33.20
CA THR A 359 -9.18 36.10 32.23
C THR A 359 -8.80 34.79 31.57
N GLY A 360 -8.10 34.88 30.44
CA GLY A 360 -7.59 33.71 29.78
C GLY A 360 -6.86 32.80 30.74
N PHE A 361 -7.05 31.47 30.57
CA PHE A 361 -6.49 30.48 31.49
C PHE A 361 -5.00 30.68 31.67
N ALA A 362 -4.29 31.07 30.61
CA ALA A 362 -2.82 31.13 30.69
C ALA A 362 -2.33 32.26 31.60
N PHE A 363 -3.13 33.31 31.85
CA PHE A 363 -2.72 34.41 32.72
C PHE A 363 -3.13 34.24 34.17
N SER A 364 -3.88 33.20 34.53
CA SER A 364 -4.40 33.00 35.88
C SER A 364 -3.47 32.08 36.67
N ASP A 365 -2.81 32.63 37.70
CA ASP A 365 -2.00 31.82 38.62
C ASP A 365 -2.80 30.70 39.27
N SER A 366 -4.06 30.98 39.64
CA SER A 366 -4.91 29.96 40.25
C SER A 366 -5.09 28.76 39.34
N ILE A 367 -5.03 28.94 38.03
CA ILE A 367 -5.27 27.84 37.09
C ILE A 367 -3.94 27.15 36.79
N VAL A 368 -2.98 27.92 36.27
CA VAL A 368 -1.76 27.30 35.78
C VAL A 368 -0.89 26.83 36.92
N ASN A 369 -0.78 27.64 37.97
CA ASN A 369 0.04 27.27 39.12
C ASN A 369 -0.76 26.55 40.19
N GLY A 370 -2.00 26.96 40.41
CA GLY A 370 -2.77 26.39 41.49
C GLY A 370 -3.43 25.09 41.12
N LEU A 371 -4.40 25.15 40.20
CA LEU A 371 -5.10 23.94 39.77
C LEU A 371 -4.12 22.93 39.18
N LEU A 372 -3.46 23.29 38.08
CA LEU A 372 -2.64 22.33 37.34
C LEU A 372 -1.50 21.75 38.17
N ARG A 373 -0.71 22.61 38.81
CA ARG A 373 0.48 22.10 39.49
C ARG A 373 0.19 21.62 40.93
N ASP A 374 -0.53 22.43 41.71
CA ASP A 374 -0.72 22.07 43.12
C ASP A 374 -1.80 21.03 43.29
N GLN A 375 -2.95 21.24 42.65
CA GLN A 375 -4.06 20.32 42.82
C GLN A 375 -3.88 19.07 41.98
N LEU A 376 -3.58 19.23 40.69
CA LEU A 376 -3.48 18.06 39.85
C LEU A 376 -2.06 17.51 39.78
N GLY A 377 -1.10 18.20 40.37
CA GLY A 377 0.20 17.59 40.55
C GLY A 377 1.12 17.65 39.37
N PHE A 378 0.84 18.50 38.40
CA PHE A 378 1.67 18.57 37.21
C PHE A 378 3.05 19.12 37.55
N THR A 379 4.08 18.42 37.08
CA THR A 379 5.47 18.79 37.31
C THR A 379 6.20 19.16 36.02
N GLY A 380 5.50 19.27 34.89
CA GLY A 380 6.12 19.62 33.62
C GLY A 380 6.14 21.11 33.35
N TYR A 381 6.24 21.47 32.07
CA TYR A 381 6.24 22.86 31.66
C TYR A 381 4.95 23.22 30.91
N VAL A 382 4.66 24.52 30.85
CA VAL A 382 3.40 25.03 30.30
C VAL A 382 3.69 25.85 29.05
N ASN A 383 2.95 25.56 27.98
CA ASN A 383 3.14 26.12 26.65
C ASN A 383 1.88 26.93 26.36
N SER A 384 2.01 28.25 26.24
CA SER A 384 0.80 29.02 25.95
C SER A 384 0.20 28.61 24.60
N ALA A 385 -1.09 28.89 24.42
CA ALA A 385 -1.67 28.80 23.09
C ALA A 385 -1.12 29.94 22.24
N THR A 386 -1.20 29.76 20.92
CA THR A 386 -0.52 30.67 20.03
C THR A 386 -1.21 32.03 19.99
N GLY A 387 -0.41 33.09 20.14
CA GLY A 387 -0.88 34.44 19.95
C GLY A 387 -1.64 35.05 21.11
N ILE A 388 -1.42 34.58 22.35
CA ILE A 388 -2.14 35.16 23.49
C ILE A 388 -1.62 36.55 23.86
N ILE A 389 -0.41 36.91 23.45
CA ILE A 389 0.12 38.21 23.86
C ILE A 389 -0.41 39.34 22.98
N ASN A 390 -0.19 39.20 21.67
CA ASN A 390 -0.58 40.27 20.75
C ASN A 390 -2.08 40.27 20.45
N ASP A 391 -2.71 39.11 20.43
CA ASP A 391 -4.01 38.99 19.79
C ASP A 391 -5.12 38.55 20.72
N ARG A 392 -4.85 37.63 21.65
CA ARG A 392 -5.92 37.03 22.45
C ARG A 392 -5.58 37.05 23.95
N ALA A 393 -5.18 38.21 24.47
CA ALA A 393 -4.96 38.36 25.91
C ALA A 393 -6.30 38.69 26.61
N TRP A 394 -7.17 37.69 26.64
CA TRP A 394 -8.55 37.89 27.10
C TRP A 394 -8.61 38.21 28.58
N GLY A 395 -9.25 39.34 28.92
CA GLY A 395 -9.28 39.88 30.25
C GLY A 395 -8.26 40.97 30.48
N LEU A 396 -7.30 41.10 29.58
CA LEU A 396 -6.19 42.04 29.64
C LEU A 396 -6.24 42.97 28.43
N GLU A 397 -7.47 43.28 28.00
CA GLU A 397 -7.66 44.08 26.80
C GLU A 397 -6.97 45.43 26.91
N GLY A 398 -7.00 46.04 28.10
CA GLY A 398 -6.37 47.34 28.29
C GLY A 398 -4.88 47.31 28.53
N ASN A 399 -4.33 46.15 28.88
CA ASN A 399 -2.92 46.05 29.22
C ASN A 399 -2.03 46.07 27.97
N THR A 400 -0.75 46.39 28.20
CA THR A 400 0.27 46.41 27.16
C THR A 400 0.84 45.01 26.90
N VAL A 401 1.60 44.93 25.82
CA VAL A 401 2.35 43.71 25.54
C VAL A 401 3.28 43.35 26.68
N PRO A 402 4.17 44.23 27.19
CA PRO A 402 5.00 43.84 28.33
C PRO A 402 4.19 43.44 29.55
N GLU A 403 3.09 44.12 29.82
CA GLU A 403 2.23 43.72 30.94
C GLU A 403 1.60 42.35 30.70
N ARG A 404 1.17 42.07 29.48
CA ARG A 404 0.55 40.76 29.22
C ARG A 404 1.59 39.65 29.29
N VAL A 405 2.79 39.88 28.75
CA VAL A 405 3.87 38.89 28.83
C VAL A 405 4.23 38.58 30.28
N ALA A 406 4.28 39.61 31.15
CA ALA A 406 4.62 39.36 32.55
C ALA A 406 3.53 38.56 33.25
N ALA A 407 2.25 38.92 33.02
CA ALA A 407 1.14 38.21 33.66
C ALA A 407 1.11 36.73 33.26
N ALA A 408 1.42 36.44 31.98
CA ALA A 408 1.40 35.05 31.55
C ALA A 408 2.53 34.28 32.20
N ILE A 409 3.73 34.84 32.18
CA ILE A 409 4.87 34.15 32.76
C ILE A 409 4.70 34.00 34.26
N ASN A 410 4.23 35.06 34.93
CA ASN A 410 4.10 35.05 36.37
C ASN A 410 2.92 34.21 36.84
N GLY A 411 1.87 34.11 36.03
CA GLY A 411 0.77 33.17 36.27
C GLY A 411 1.17 31.70 36.18
N GLY A 412 2.25 31.38 35.46
CA GLY A 412 2.73 30.01 35.42
C GLY A 412 3.15 29.51 34.05
N THR A 413 3.00 30.34 33.03
CA THR A 413 3.28 29.93 31.68
C THR A 413 4.77 30.09 31.43
N ASP A 414 5.41 29.02 30.93
CA ASP A 414 6.86 28.95 30.81
C ASP A 414 7.38 29.30 29.42
N THR A 415 6.54 29.14 28.39
CA THR A 415 6.94 29.41 27.01
C THR A 415 5.72 29.97 26.27
N LEU A 416 5.97 30.96 25.42
CA LEU A 416 4.91 31.68 24.73
C LEU A 416 4.92 31.34 23.24
N SER A 417 3.90 30.62 22.80
CA SER A 417 3.68 30.34 21.39
C SER A 417 3.29 31.60 20.61
N GLY A 418 4.05 31.89 19.57
CA GLY A 418 3.74 33.02 18.71
C GLY A 418 4.41 34.33 19.06
N PHE A 419 5.03 34.42 20.23
CA PHE A 419 5.80 35.60 20.63
C PHE A 419 7.27 35.33 20.35
N SER A 420 7.91 36.22 19.61
CA SER A 420 9.26 35.97 19.12
C SER A 420 10.20 37.12 19.50
N ASP A 421 9.80 37.96 20.45
CA ASP A 421 10.49 39.18 20.82
C ASP A 421 11.14 38.98 22.20
N VAL A 422 12.32 38.35 22.21
CA VAL A 422 13.01 38.02 23.46
C VAL A 422 13.33 39.27 24.29
N SER A 423 13.66 40.38 23.63
CA SER A 423 14.00 41.60 24.34
C SER A 423 12.90 42.09 25.27
N VAL A 424 11.66 41.60 25.10
CA VAL A 424 10.58 42.03 26.00
C VAL A 424 10.70 41.33 27.34
N ILE A 425 11.11 40.07 27.32
CA ILE A 425 11.34 39.35 28.56
C ILE A 425 12.56 39.91 29.27
N THR A 426 13.59 40.33 28.52
CA THR A 426 14.77 40.87 29.17
C THR A 426 14.49 42.26 29.74
N ASP A 427 13.78 43.11 29.00
CA ASP A 427 13.36 44.39 29.57
C ASP A 427 12.53 44.20 30.83
N LEU A 428 11.71 43.16 30.89
CA LEU A 428 10.86 42.97 32.07
C LEU A 428 11.67 42.48 33.26
N TYR A 429 12.76 41.78 33.00
CA TYR A 429 13.59 41.33 34.10
C TYR A 429 14.33 42.52 34.72
N GLU A 430 14.94 43.37 33.89
CA GLU A 430 15.63 44.56 34.36
C GLU A 430 14.70 45.58 35.01
N ALA A 431 13.41 45.52 34.71
CA ALA A 431 12.45 46.38 35.38
C ALA A 431 11.81 45.67 36.56
N ASP A 432 12.33 44.50 36.90
CA ASP A 432 11.90 43.72 38.05
C ASP A 432 10.43 43.35 37.97
N LEU A 433 9.89 43.29 36.74
CA LEU A 433 8.52 42.80 36.55
C LEU A 433 8.47 41.28 36.37
N ILE A 434 9.61 40.64 36.10
CA ILE A 434 9.82 39.19 36.23
C ILE A 434 11.19 38.98 36.89
N SER A 435 11.26 38.08 37.88
CA SER A 435 12.47 37.71 38.62
C SER A 435 13.35 36.67 37.91
N GLU A 436 14.64 36.66 38.31
CA GLU A 436 15.55 35.57 37.93
C GLU A 436 15.12 34.23 38.51
N GLU A 437 14.44 34.24 39.65
CA GLU A 437 13.91 33.01 40.21
C GLU A 437 12.89 32.39 39.26
N ARG A 438 12.03 33.22 38.66
CA ARG A 438 11.01 32.72 37.74
C ARG A 438 11.63 32.25 36.42
N ILE A 439 12.55 33.04 35.86
CA ILE A 439 13.14 32.66 34.58
C ILE A 439 14.00 31.42 34.73
N ASP A 440 14.69 31.28 35.86
CA ASP A 440 15.46 30.07 36.09
C ASP A 440 14.54 28.87 36.14
N LEU A 441 13.40 29.00 36.84
CA LEU A 441 12.47 27.88 36.97
C LEU A 441 11.92 27.47 35.62
N ALA A 442 11.70 28.45 34.74
CA ALA A 442 11.29 28.16 33.37
C ALA A 442 12.40 27.41 32.62
N ALA A 443 13.61 27.97 32.61
CA ALA A 443 14.73 27.32 31.94
C ALA A 443 14.86 25.87 32.36
N GLU A 444 14.65 25.58 33.65
CA GLU A 444 14.85 24.22 34.10
C GLU A 444 13.76 23.30 33.57
N ARG A 445 12.51 23.79 33.52
CA ARG A 445 11.40 22.95 33.09
C ARG A 445 11.42 22.73 31.58
N LEU A 446 11.89 23.71 30.82
CA LEU A 446 11.94 23.56 29.37
C LEU A 446 13.12 22.69 28.98
N LEU A 447 14.26 22.83 29.69
CA LEU A 447 15.46 22.08 29.36
C LEU A 447 15.34 20.62 29.77
N GLU A 448 14.63 20.34 30.88
CA GLU A 448 14.50 18.99 31.42
C GLU A 448 14.18 17.94 30.36
N PRO A 449 13.10 18.08 29.58
CA PRO A 449 12.78 17.02 28.62
C PRO A 449 13.81 16.84 27.52
N LEU A 450 14.35 17.92 26.97
CA LEU A 450 15.43 17.76 26.01
C LEU A 450 16.54 16.88 26.57
N PHE A 451 16.77 16.95 27.89
CA PHE A 451 17.79 16.10 28.48
C PHE A 451 17.28 14.66 28.57
N ASP A 452 16.08 14.48 29.11
CA ASP A 452 15.61 13.11 29.32
C ASP A 452 15.39 12.39 27.99
N MET A 453 15.06 13.13 26.94
CA MET A 453 14.82 12.58 25.62
C MET A 453 16.10 12.23 24.85
N GLY A 454 17.27 12.54 25.40
CA GLY A 454 18.51 12.14 24.77
C GLY A 454 18.94 13.04 23.65
N LEU A 455 18.39 14.25 23.58
CA LEU A 455 18.71 15.14 22.49
C LEU A 455 20.04 15.84 22.68
N PHE A 456 20.57 15.87 23.90
CA PHE A 456 21.90 16.44 24.09
C PHE A 456 22.99 15.51 23.57
N GLU A 457 22.72 14.20 23.52
CA GLU A 457 23.67 13.23 22.96
C GLU A 457 23.52 13.12 21.44
N ASN A 458 22.30 12.80 20.96
CA ASN A 458 22.08 12.76 19.53
C ASN A 458 20.75 13.42 19.18
N PRO A 459 20.79 14.59 18.55
CA PRO A 459 19.55 15.25 18.11
C PRO A 459 19.26 15.09 16.61
N TYR A 460 19.98 14.23 15.93
CA TYR A 460 19.84 14.15 14.48
C TYR A 460 19.03 12.91 14.11
N VAL A 461 18.57 12.90 12.86
CA VAL A 461 17.85 11.76 12.29
C VAL A 461 18.37 11.52 10.88
N ASP A 462 18.14 10.32 10.38
CA ASP A 462 18.55 9.96 9.03
C ASP A 462 17.44 10.30 8.05
N PRO A 463 17.67 11.22 7.09
CA PRO A 463 16.62 11.48 6.08
C PRO A 463 16.14 10.22 5.39
N ASP A 464 17.06 9.30 5.08
CA ASP A 464 16.71 8.12 4.30
C ASP A 464 15.86 7.15 5.11
N VAL A 465 16.04 7.11 6.44
CA VAL A 465 15.19 6.25 7.25
C VAL A 465 13.80 6.85 7.37
N ALA A 466 13.68 8.16 7.19
CA ALA A 466 12.35 8.74 7.14
C ALA A 466 11.58 8.22 5.94
N THR A 467 12.23 8.18 4.77
CA THR A 467 11.56 7.72 3.56
C THR A 467 11.04 6.29 3.68
N ALA A 468 11.66 5.44 4.49
CA ALA A 468 11.23 4.07 4.68
C ALA A 468 10.30 3.88 5.87
N THR A 469 9.97 4.95 6.60
CA THR A 469 9.06 4.83 7.73
C THR A 469 7.74 5.54 7.47
N VAL A 470 7.79 6.77 6.98
CA VAL A 470 6.60 7.59 6.77
C VAL A 470 5.75 6.98 5.65
N GLY A 471 4.64 6.35 6.02
CA GLY A 471 3.76 5.78 5.03
C GLY A 471 4.09 4.37 4.61
N ALA A 472 4.75 3.60 5.47
CA ALA A 472 5.07 2.21 5.16
C ALA A 472 3.80 1.38 5.01
N ASP A 473 3.90 0.28 4.26
CA ASP A 473 2.74 -0.53 3.92
C ASP A 473 2.01 -1.00 5.16
N ASP A 474 2.73 -1.57 6.12
CA ASP A 474 2.07 -2.05 7.33
C ASP A 474 1.43 -0.90 8.12
N HIS A 475 2.02 0.30 8.08
CA HIS A 475 1.41 1.45 8.75
C HIS A 475 0.09 1.84 8.09
N ARG A 476 0.05 1.86 6.75
CA ARG A 476 -1.20 2.20 6.06
C ARG A 476 -2.26 1.14 6.32
N ALA A 477 -1.83 -0.10 6.51
CA ALA A 477 -2.80 -1.14 6.79
C ALA A 477 -3.45 -0.95 8.16
N VAL A 478 -2.67 -0.55 9.17
CA VAL A 478 -3.27 -0.27 10.48
C VAL A 478 -4.29 0.86 10.38
N GLY A 479 -3.99 1.88 9.55
CA GLY A 479 -4.94 2.96 9.36
C GLY A 479 -6.20 2.46 8.68
N LEU A 480 -6.06 1.81 7.52
CA LEU A 480 -7.20 1.26 6.83
C LEU A 480 -8.03 0.37 7.75
N ASP A 481 -7.37 -0.43 8.58
CA ASP A 481 -8.10 -1.20 9.57
C ASP A 481 -8.89 -0.29 10.51
N LEU A 482 -8.25 0.77 11.02
CA LEU A 482 -8.96 1.67 11.91
C LEU A 482 -10.06 2.42 11.18
N GLN A 483 -9.84 2.71 9.89
CA GLN A 483 -10.90 3.34 9.10
C GLN A 483 -12.12 2.45 9.06
N ARG A 484 -11.94 1.18 8.71
CA ARG A 484 -13.08 0.28 8.57
C ARG A 484 -13.86 0.09 9.88
N LYS A 485 -13.18 0.10 11.03
CA LYS A 485 -13.86 -0.08 12.31
C LYS A 485 -14.42 1.20 12.90
N SER A 486 -14.12 2.36 12.30
CA SER A 486 -14.64 3.63 12.79
C SER A 486 -16.06 3.89 12.31
N LEU A 487 -16.43 3.28 11.19
CA LEU A 487 -17.71 3.55 10.55
C LEU A 487 -18.81 3.13 11.50
N VAL A 488 -19.84 3.96 11.62
CA VAL A 488 -20.94 3.68 12.53
C VAL A 488 -22.21 3.53 11.71
N LEU A 489 -22.83 2.35 11.81
CA LEU A 489 -24.12 2.10 11.17
C LEU A 489 -25.22 2.64 12.09
N LEU A 490 -25.90 3.71 11.64
CA LEU A 490 -26.96 4.31 12.44
C LEU A 490 -28.31 3.71 12.13
N GLN A 491 -28.51 3.26 10.90
CA GLN A 491 -29.82 2.91 10.41
C GLN A 491 -29.64 1.98 9.21
N ASN A 492 -30.39 0.86 9.20
CA ASN A 492 -30.37 -0.16 8.16
C ASN A 492 -31.75 -0.80 8.10
N GLU A 493 -32.66 -0.22 7.30
CA GLU A 493 -34.02 -0.74 7.25
C GLU A 493 -34.08 -2.19 6.78
N GLU A 494 -35.08 -2.92 7.27
CA GLU A 494 -35.39 -4.25 6.78
C GLU A 494 -36.48 -4.09 5.73
N THR A 495 -36.12 -4.25 4.47
CA THR A 495 -37.09 -4.25 3.37
C THR A 495 -37.72 -5.64 3.21
N ASP A 496 -38.55 -5.81 2.18
CA ASP A 496 -39.17 -7.12 1.98
C ASP A 496 -38.10 -8.15 1.63
N GLU A 497 -36.98 -7.71 1.06
CA GLU A 497 -35.91 -8.58 0.59
C GLU A 497 -34.79 -8.73 1.61
N GLY A 498 -34.95 -8.16 2.80
CA GLY A 498 -33.91 -8.17 3.80
C GLY A 498 -33.38 -6.78 4.07
N PRO A 499 -32.32 -6.69 4.89
CA PRO A 499 -31.73 -5.38 5.20
C PRO A 499 -31.11 -4.70 3.99
N VAL A 500 -31.15 -3.37 4.00
CA VAL A 500 -30.61 -2.60 2.89
C VAL A 500 -29.13 -2.93 2.67
N LEU A 501 -28.33 -2.97 3.78
CA LEU A 501 -26.90 -3.28 3.86
C LEU A 501 -26.67 -4.63 4.51
N PRO A 502 -25.72 -5.43 3.99
CA PRO A 502 -24.83 -5.05 2.88
C PRO A 502 -25.54 -5.04 1.52
N LEU A 503 -24.97 -4.27 0.61
CA LEU A 503 -25.37 -4.29 -0.79
C LEU A 503 -25.41 -5.72 -1.34
N LYS A 504 -26.34 -5.95 -2.26
CA LYS A 504 -26.27 -7.20 -3.00
C LYS A 504 -25.28 -7.04 -4.15
N GLU A 505 -24.69 -8.16 -4.59
CA GLU A 505 -23.68 -8.10 -5.65
C GLU A 505 -24.29 -7.54 -6.94
N GLY A 506 -23.64 -6.54 -7.53
CA GLY A 506 -24.07 -6.03 -8.83
C GLY A 506 -25.30 -5.15 -8.81
N GLY A 507 -25.48 -4.32 -9.83
CA GLY A 507 -26.67 -3.50 -9.93
C GLY A 507 -26.36 -2.15 -10.56
N ASP A 508 -27.43 -1.45 -10.92
CA ASP A 508 -27.33 -0.04 -11.29
C ASP A 508 -27.18 0.82 -10.03
N VAL A 509 -26.13 1.64 -9.96
CA VAL A 509 -25.83 2.42 -8.76
C VAL A 509 -25.73 3.90 -9.13
N TYR A 510 -26.47 4.73 -8.41
CA TYR A 510 -26.35 6.17 -8.51
C TYR A 510 -25.41 6.66 -7.41
N ILE A 511 -24.50 7.56 -7.76
CA ILE A 511 -23.57 8.11 -6.78
C ILE A 511 -23.68 9.62 -6.76
N LEU A 512 -23.54 10.19 -5.56
CA LEU A 512 -23.59 11.62 -5.35
C LEU A 512 -22.73 11.94 -4.13
N GLY A 513 -21.90 12.98 -4.22
CA GLY A 513 -20.96 13.24 -3.13
C GLY A 513 -19.57 12.76 -3.47
N ASP A 514 -18.69 12.78 -2.48
CA ASP A 514 -17.29 12.40 -2.75
C ASP A 514 -17.13 10.89 -2.88
N PHE A 515 -17.68 10.32 -3.96
CA PHE A 515 -17.43 8.94 -4.38
C PHE A 515 -16.62 8.97 -5.67
N THR A 516 -15.56 8.15 -5.76
CA THR A 516 -14.87 8.00 -7.04
C THR A 516 -15.58 6.95 -7.90
N GLU A 517 -16.11 7.39 -9.05
CA GLU A 517 -16.92 6.51 -9.89
C GLU A 517 -16.22 5.17 -10.18
N GLU A 518 -15.01 5.22 -10.75
CA GLU A 518 -14.32 3.98 -11.11
C GLU A 518 -14.11 3.09 -9.89
N THR A 519 -13.82 3.69 -8.72
CA THR A 519 -13.65 2.87 -7.52
C THR A 519 -14.94 2.10 -7.20
N VAL A 520 -16.09 2.78 -7.32
CA VAL A 520 -17.37 2.10 -7.10
C VAL A 520 -17.67 1.10 -8.21
N GLU A 521 -17.41 1.50 -9.46
CA GLU A 521 -17.47 0.56 -10.58
C GLU A 521 -16.64 -0.68 -10.30
N SER A 522 -15.44 -0.51 -9.74
CA SER A 522 -14.53 -1.65 -9.60
C SER A 522 -15.12 -2.78 -8.74
N TYR A 523 -16.07 -2.48 -7.87
CA TYR A 523 -16.75 -3.54 -7.14
C TYR A 523 -17.86 -4.18 -7.97
N GLY A 524 -17.97 -3.86 -9.26
CA GLY A 524 -18.90 -4.57 -10.10
C GLY A 524 -20.31 -4.02 -10.13
N TYR A 525 -20.43 -2.69 -10.09
CA TYR A 525 -21.70 -2.01 -10.22
C TYR A 525 -21.57 -1.11 -11.44
N GLU A 526 -22.65 -0.94 -12.17
CA GLU A 526 -22.72 0.04 -13.23
C GLU A 526 -23.22 1.33 -12.60
N VAL A 527 -22.44 2.39 -12.71
CA VAL A 527 -22.58 3.55 -11.87
C VAL A 527 -23.02 4.74 -12.71
N THR A 528 -24.11 5.39 -12.29
CA THR A 528 -24.56 6.68 -12.83
C THR A 528 -24.10 7.79 -11.89
N ASN A 529 -23.37 8.76 -12.42
CA ASN A 529 -22.74 9.80 -11.61
C ASN A 529 -23.61 11.05 -11.57
N GLY A 530 -24.20 11.31 -10.40
CA GLY A 530 -24.98 12.51 -10.17
C GLY A 530 -24.16 13.77 -9.91
N ASN A 531 -22.83 13.67 -9.81
CA ASN A 531 -21.98 14.84 -9.61
C ASN A 531 -21.66 15.41 -10.98
N VAL A 532 -22.30 16.52 -11.33
CA VAL A 532 -22.11 17.18 -12.61
C VAL A 532 -21.67 18.62 -12.35
N ALA A 533 -21.23 19.29 -13.39
CA ALA A 533 -20.79 20.67 -13.23
C ALA A 533 -21.99 21.60 -13.09
N GLU A 534 -21.76 22.81 -12.64
CA GLU A 534 -22.83 23.83 -12.53
C GLU A 534 -23.59 23.90 -13.84
N GLY A 535 -22.92 24.19 -14.95
CA GLY A 535 -23.64 24.35 -16.23
C GLY A 535 -23.93 23.04 -16.94
N GLU A 536 -24.58 22.08 -16.28
CA GLU A 536 -24.76 20.74 -16.90
C GLU A 536 -25.95 20.02 -16.29
N GLU A 537 -26.56 19.14 -17.07
CA GLU A 537 -27.78 18.40 -16.61
C GLU A 537 -27.40 17.19 -15.76
N ARG A 538 -27.92 17.13 -14.55
CA ARG A 538 -27.68 15.97 -13.71
C ARG A 538 -28.55 14.81 -14.19
N PRO A 539 -27.99 13.61 -14.42
CA PRO A 539 -28.84 12.48 -14.79
C PRO A 539 -29.76 12.14 -13.66
N SER A 540 -30.95 11.67 -14.00
CA SER A 540 -31.93 11.39 -12.96
C SER A 540 -31.62 10.05 -12.34
N ALA A 541 -31.91 9.92 -11.06
CA ALA A 541 -31.65 8.66 -10.37
C ALA A 541 -32.76 7.64 -10.56
N ALA A 542 -33.72 7.93 -11.43
CA ALA A 542 -34.85 7.03 -11.60
C ALA A 542 -34.36 5.70 -12.15
N GLY A 543 -34.86 4.61 -11.58
CA GLY A 543 -34.50 3.30 -12.02
C GLY A 543 -33.25 2.73 -11.44
N SER A 544 -32.78 3.29 -10.33
CA SER A 544 -31.55 2.82 -9.70
C SER A 544 -31.86 1.78 -8.66
N ASP A 545 -30.99 0.75 -8.56
CA ASP A 545 -31.13 -0.23 -7.50
C ASP A 545 -30.67 0.34 -6.15
N TYR A 546 -29.61 1.16 -6.18
CA TYR A 546 -28.97 1.72 -5.01
C TYR A 546 -28.59 3.16 -5.29
N VAL A 547 -28.88 4.05 -4.35
CA VAL A 547 -28.38 5.42 -4.38
C VAL A 547 -27.39 5.56 -3.24
N LEU A 548 -26.17 5.88 -3.56
CA LEU A 548 -25.13 6.12 -2.57
C LEU A 548 -24.85 7.62 -2.55
N ILE A 549 -25.18 8.25 -1.43
CA ILE A 549 -24.87 9.65 -1.18
C ILE A 549 -23.86 9.71 -0.05
N SER A 550 -22.80 10.48 -0.26
CA SER A 550 -21.81 10.77 0.78
C SER A 550 -21.82 12.25 0.99
N MET A 551 -22.18 12.69 2.20
CA MET A 551 -22.53 14.08 2.43
C MET A 551 -21.97 14.58 3.75
N THR A 552 -21.85 15.90 3.84
CA THR A 552 -21.43 16.58 5.05
C THR A 552 -21.95 18.02 5.02
N ALA A 553 -21.50 18.82 5.99
CA ALA A 553 -21.75 20.26 5.97
C ALA A 553 -20.45 20.96 6.35
N LYS A 554 -20.15 22.06 5.66
CA LYS A 554 -19.00 22.90 5.95
C LYS A 554 -19.49 24.29 6.33
N THR A 555 -18.69 25.01 7.14
CA THR A 555 -18.88 26.45 7.27
C THR A 555 -18.34 27.14 6.03
N ASN A 556 -18.91 28.30 5.70
CA ASN A 556 -18.38 29.11 4.61
C ASN A 556 -18.47 30.57 5.08
N ALA A 557 -17.64 30.91 6.06
CA ALA A 557 -17.78 32.16 6.78
C ALA A 557 -16.61 33.10 6.49
N GLY A 558 -15.92 32.89 5.37
CA GLY A 558 -14.76 33.68 5.01
C GLY A 558 -15.00 35.16 4.79
N ASP A 559 -16.25 35.60 4.64
CA ASP A 559 -16.56 37.00 4.43
C ASP A 559 -16.74 37.81 5.70
N TYR A 560 -16.74 37.16 6.86
CA TYR A 560 -17.07 37.82 8.11
C TYR A 560 -16.15 39.01 8.35
N VAL A 561 -16.75 40.12 8.80
CA VAL A 561 -16.01 41.31 9.20
C VAL A 561 -16.65 41.88 10.45
N SER A 562 -15.84 42.09 11.50
CA SER A 562 -16.41 42.52 12.77
C SER A 562 -17.02 43.91 12.69
N ASP A 563 -16.34 44.85 12.05
CA ASP A 563 -16.75 46.25 12.06
C ASP A 563 -17.49 46.66 10.80
N ASP A 564 -17.98 45.69 10.03
CA ASP A 564 -18.79 45.99 8.87
C ASP A 564 -20.24 46.10 9.31
N PRO A 565 -20.90 47.23 9.07
CA PRO A 565 -22.30 47.39 9.52
C PRO A 565 -23.24 46.35 8.93
N SER A 566 -22.85 45.68 7.84
CA SER A 566 -23.69 44.68 7.22
C SER A 566 -23.48 43.29 7.82
N LEU A 567 -22.53 43.15 8.75
CA LEU A 567 -22.19 41.85 9.29
C LEU A 567 -22.07 41.89 10.81
N GLY A 568 -20.86 42.13 11.33
CA GLY A 568 -20.66 42.06 12.78
C GLY A 568 -21.29 43.21 13.53
N LEU A 569 -21.46 44.35 12.88
CA LEU A 569 -22.12 45.50 13.48
C LEU A 569 -23.49 45.74 12.85
N ASN A 570 -24.20 44.64 12.55
CA ASN A 570 -25.51 44.69 11.93
C ASN A 570 -26.59 44.38 12.95
N PRO A 571 -27.39 45.37 13.36
CA PRO A 571 -28.42 45.10 14.37
C PRO A 571 -29.38 44.00 13.97
N ASP A 572 -29.54 43.74 12.66
CA ASP A 572 -30.43 42.68 12.21
C ASP A 572 -29.86 41.28 12.45
N HIS A 573 -28.56 41.17 12.74
CA HIS A 573 -27.93 39.93 13.15
C HIS A 573 -28.03 39.68 14.66
N GLY A 574 -28.69 40.59 15.40
CA GLY A 574 -28.98 40.38 16.82
C GLY A 574 -27.88 40.90 17.74
N THR A 575 -27.84 40.33 18.94
CA THR A 575 -26.83 40.68 19.92
C THR A 575 -26.14 39.43 20.45
N ASN A 576 -24.98 39.63 21.00
CA ASN A 576 -24.18 38.59 21.64
C ASN A 576 -24.63 38.43 23.08
N PRO A 577 -25.37 37.36 23.40
CA PRO A 577 -25.83 37.20 24.79
C PRO A 577 -24.71 36.89 25.80
N SER A 578 -23.50 36.55 25.38
CA SER A 578 -22.45 36.26 26.33
C SER A 578 -22.13 37.48 27.20
N VAL A 579 -22.19 37.28 28.52
CA VAL A 579 -21.79 38.30 29.50
C VAL A 579 -20.55 37.84 30.24
N ILE A 580 -19.51 38.64 30.22
CA ILE A 580 -18.34 38.40 31.06
C ILE A 580 -18.06 39.67 31.85
N ILE A 581 -18.31 39.64 33.15
CA ILE A 581 -17.95 40.76 34.01
C ILE A 581 -16.48 40.61 34.40
N GLY A 582 -15.66 41.58 34.00
CA GLY A 582 -14.28 41.66 34.44
C GLY A 582 -14.13 41.66 35.94
N ASP A 583 -13.01 41.14 36.45
CA ASP A 583 -12.77 41.21 37.90
C ASP A 583 -12.84 42.63 38.43
N ASP A 584 -12.66 43.63 37.58
CA ASP A 584 -12.79 45.03 37.96
C ASP A 584 -14.24 45.50 38.11
N GLY A 585 -15.24 44.65 37.84
CA GLY A 585 -16.62 45.01 38.03
C GLY A 585 -17.36 45.49 36.79
N GLU A 586 -16.64 45.81 35.68
CA GLU A 586 -17.32 46.25 34.47
C GLU A 586 -17.22 45.21 33.34
N PRO A 587 -18.20 45.13 32.44
CA PRO A 587 -18.16 44.05 31.45
C PRO A 587 -17.02 44.23 30.46
N LEU A 588 -16.50 43.10 29.99
CA LEU A 588 -15.53 43.16 28.90
C LEU A 588 -16.19 43.74 27.67
N PRO A 589 -15.46 44.52 26.87
CA PRO A 589 -16.10 45.24 25.76
C PRO A 589 -16.86 44.31 24.82
N GLY A 590 -18.11 44.67 24.55
CA GLY A 590 -18.92 43.87 23.66
C GLY A 590 -19.52 42.63 24.30
N LEU A 591 -19.21 42.38 25.57
CA LEU A 591 -19.67 41.19 26.28
C LEU A 591 -20.48 41.56 27.51
N ASP A 592 -21.37 42.53 27.36
CA ASP A 592 -22.32 42.91 28.40
C ASP A 592 -23.66 42.24 28.17
N GLY A 593 -23.79 41.44 27.12
CA GLY A 593 -25.00 40.72 26.84
C GLY A 593 -25.95 41.47 25.96
N GLN A 594 -25.65 42.72 25.59
N GLN A 594 -25.61 42.72 25.59
CA GLN A 594 -26.55 43.47 24.73
CA GLN A 594 -26.47 43.65 24.87
C GLN A 594 -25.79 44.25 23.67
C GLN A 594 -25.85 44.15 23.57
N SER A 595 -24.63 43.75 23.25
CA SER A 595 -23.85 44.38 22.19
C SER A 595 -23.94 43.59 20.89
N LEU A 596 -23.68 44.31 19.80
CA LEU A 596 -23.47 43.75 18.47
C LEU A 596 -22.37 42.70 18.50
N TRP A 597 -22.52 41.68 17.66
CA TRP A 597 -21.56 40.57 17.64
C TRP A 597 -20.14 41.06 17.44
N GLY A 598 -19.96 42.00 16.52
CA GLY A 598 -18.65 42.54 16.22
C GLY A 598 -18.03 43.41 17.30
N ALA A 599 -18.81 43.85 18.30
CA ALA A 599 -18.31 44.88 19.20
C ALA A 599 -17.21 44.38 20.13
N ALA A 600 -17.11 43.07 20.33
CA ALA A 600 -16.04 42.54 21.16
C ALA A 600 -14.68 42.60 20.48
N ASP A 601 -14.63 42.68 19.15
CA ASP A 601 -13.34 42.72 18.46
C ASP A 601 -12.61 44.03 18.76
N VAL A 602 -11.28 43.93 18.95
CA VAL A 602 -10.49 45.10 19.34
C VAL A 602 -10.60 46.22 18.30
N CYS A 603 -10.82 45.89 17.02
CA CYS A 603 -10.95 46.93 16.02
C CYS A 603 -12.18 47.80 16.26
N VAL A 604 -13.12 47.32 17.08
CA VAL A 604 -14.30 48.10 17.42
C VAL A 604 -14.08 48.90 18.69
N HIS A 605 -13.64 48.23 19.76
CA HIS A 605 -13.54 48.88 21.06
C HIS A 605 -12.21 49.57 21.30
N LYS A 606 -11.14 49.13 20.63
CA LYS A 606 -9.86 49.86 20.62
C LYS A 606 -9.34 50.18 22.02
N GLU A 607 -9.63 49.32 23.00
CA GLU A 607 -9.14 49.56 24.35
C GLU A 607 -7.64 49.34 24.49
N GLY A 608 -6.99 48.73 23.50
CA GLY A 608 -5.57 48.51 23.59
C GLY A 608 -4.75 49.80 23.54
N HIS A 609 -3.48 49.63 23.22
CA HIS A 609 -2.56 50.77 23.16
C HIS A 609 -2.16 50.98 21.70
N GLU A 610 -3.09 50.80 20.77
CA GLU A 610 -2.69 50.87 19.34
C GLU A 610 -3.66 51.77 18.57
N GLU A 611 -3.14 52.56 17.64
CA GLU A 611 -3.95 53.50 16.83
C GLU A 611 -5.21 52.82 16.28
N ASN A 612 -5.10 52.25 15.10
CA ASN A 612 -6.28 51.62 14.48
C ASN A 612 -6.01 50.11 14.45
N PRO A 613 -6.26 49.41 15.55
CA PRO A 613 -5.95 48.01 15.62
C PRO A 613 -6.67 47.24 14.52
N SER A 614 -6.05 46.19 14.01
CA SER A 614 -6.75 45.31 13.04
C SER A 614 -7.72 44.39 13.78
N CYS A 615 -8.68 43.83 13.05
CA CYS A 615 -9.67 42.92 13.61
C CYS A 615 -9.06 41.54 13.80
N THR A 616 -9.30 40.94 14.96
CA THR A 616 -8.83 39.57 15.17
C THR A 616 -9.73 38.54 14.47
N ASP A 617 -11.01 38.84 14.29
CA ASP A 617 -11.98 37.84 13.89
C ASP A 617 -12.25 37.82 12.39
N ASN A 618 -11.69 38.75 11.62
CA ASN A 618 -12.03 38.82 10.21
C ASN A 618 -11.67 37.51 9.51
N ARG A 619 -12.57 37.07 8.64
CA ARG A 619 -12.40 35.93 7.74
C ARG A 619 -12.63 34.64 8.51
N LEU A 620 -12.83 34.72 9.83
CA LEU A 620 -12.96 33.56 10.72
C LEU A 620 -12.01 32.43 10.30
N ARG A 621 -10.73 32.79 10.24
CA ARG A 621 -9.63 32.00 9.67
C ARG A 621 -9.57 30.59 10.23
N PHE A 622 -9.87 30.41 11.50
CA PHE A 622 -9.63 29.13 12.15
C PHE A 622 -10.76 28.13 12.03
N GLY A 623 -11.94 28.54 11.54
CA GLY A 623 -13.10 27.68 11.55
C GLY A 623 -14.27 28.37 12.23
N GLY A 624 -15.42 27.68 12.16
CA GLY A 624 -16.60 28.16 12.83
C GLY A 624 -17.49 28.99 11.92
N ALA A 625 -18.75 29.12 12.31
CA ALA A 625 -19.72 29.81 11.48
C ALA A 625 -19.80 31.30 11.86
N TYR A 626 -20.58 32.08 11.11
CA TYR A 626 -20.96 33.39 11.63
C TYR A 626 -21.51 33.20 13.04
N PRO A 627 -21.14 34.05 14.00
CA PRO A 627 -21.57 33.78 15.39
C PRO A 627 -23.07 33.69 15.52
N TRP A 628 -23.83 34.39 14.66
CA TRP A 628 -25.28 34.41 14.75
C TRP A 628 -25.93 33.21 14.06
N GLU A 629 -25.13 32.26 13.59
CA GLU A 629 -25.66 31.04 13.00
C GLU A 629 -25.03 29.81 13.64
N SER A 630 -24.26 30.01 14.72
CA SER A 630 -23.56 28.93 15.42
C SER A 630 -24.48 27.83 15.87
N SER A 631 -25.78 28.08 16.01
CA SER A 631 -26.69 27.08 16.49
C SER A 631 -27.41 26.34 15.37
N ILE A 632 -27.14 26.71 14.11
CA ILE A 632 -27.74 26.02 12.98
C ILE A 632 -26.97 24.74 12.67
N LEU A 633 -27.31 23.64 13.33
CA LEU A 633 -26.67 22.36 13.05
C LEU A 633 -27.60 21.35 12.36
N ASP A 634 -28.82 21.75 12.01
CA ASP A 634 -29.74 20.87 11.30
C ASP A 634 -29.59 21.08 9.80
N PHE A 635 -29.75 20.00 9.04
CA PHE A 635 -29.45 20.10 7.61
C PHE A 635 -30.39 21.06 6.89
N THR A 636 -31.68 21.10 7.27
CA THR A 636 -32.56 22.06 6.63
C THR A 636 -32.11 23.48 6.94
N GLY A 637 -31.87 23.77 8.22
CA GLY A 637 -31.32 25.05 8.59
C GLY A 637 -30.05 25.38 7.84
N MET A 638 -29.12 24.42 7.77
CA MET A 638 -27.82 24.73 7.20
C MET A 638 -27.95 25.05 5.72
N GLU A 639 -28.81 24.31 4.99
CA GLU A 639 -29.06 24.63 3.59
C GLU A 639 -29.43 26.09 3.43
N ALA A 640 -30.28 26.61 4.35
CA ALA A 640 -30.76 27.97 4.23
C ALA A 640 -29.80 29.02 4.80
N ALA A 641 -28.86 28.62 5.66
CA ALA A 641 -27.96 29.54 6.37
C ALA A 641 -27.07 30.33 5.41
N GLU A 642 -26.57 31.47 5.92
CA GLU A 642 -25.66 32.33 5.15
C GLU A 642 -24.25 31.75 5.07
N SER A 643 -23.74 31.19 6.17
CA SER A 643 -22.32 30.83 6.26
C SER A 643 -22.13 29.33 6.47
N TRP A 644 -23.18 28.53 6.28
CA TRP A 644 -23.14 27.07 6.23
C TRP A 644 -23.43 26.56 4.83
N GLU A 645 -22.82 25.44 4.48
CA GLU A 645 -23.04 24.81 3.17
C GLU A 645 -23.18 23.30 3.32
N VAL A 646 -24.26 22.73 2.78
CA VAL A 646 -24.40 21.28 2.70
C VAL A 646 -23.82 20.79 1.37
N VAL A 647 -22.97 19.76 1.44
CA VAL A 647 -22.31 19.24 0.23
C VAL A 647 -22.56 17.75 0.18
N PRO A 648 -23.28 17.25 -0.83
CA PRO A 648 -23.91 18.07 -1.88
C PRO A 648 -25.14 18.80 -1.34
N SER A 649 -25.60 19.86 -2.01
CA SER A 649 -26.69 20.67 -1.48
C SER A 649 -27.90 19.81 -1.12
N LEU A 650 -28.56 20.18 -0.02
CA LEU A 650 -29.75 19.46 0.43
C LEU A 650 -30.83 19.45 -0.65
N GLU A 651 -30.93 20.52 -1.45
CA GLU A 651 -31.85 20.54 -2.58
C GLU A 651 -31.60 19.36 -3.51
N THR A 652 -30.34 19.16 -3.93
CA THR A 652 -30.03 18.06 -4.85
C THR A 652 -30.32 16.71 -4.23
N ILE A 653 -29.85 16.50 -3.00
CA ILE A 653 -30.13 15.27 -2.29
C ILE A 653 -31.63 14.96 -2.28
N GLN A 654 -32.46 15.99 -2.08
CA GLN A 654 -33.89 15.75 -1.94
C GLN A 654 -34.54 15.49 -3.31
N GLU A 655 -34.10 16.20 -4.34
CA GLU A 655 -34.46 15.83 -5.69
C GLU A 655 -34.16 14.35 -5.95
N VAL A 656 -32.91 13.96 -5.69
CA VAL A 656 -32.45 12.61 -5.95
C VAL A 656 -33.26 11.57 -5.17
N MET A 657 -33.49 11.83 -3.88
CA MET A 657 -34.22 10.86 -3.07
C MET A 657 -35.67 10.71 -3.50
N ALA A 658 -36.18 11.66 -4.26
CA ALA A 658 -37.56 11.49 -4.74
C ALA A 658 -37.56 10.83 -6.13
N GLU A 659 -36.49 11.03 -6.91
CA GLU A 659 -36.43 10.51 -8.28
C GLU A 659 -36.34 8.99 -8.22
N VAL A 660 -35.69 8.49 -7.19
CA VAL A 660 -35.65 7.02 -7.02
C VAL A 660 -37.05 6.61 -6.56
N GLU A 661 -37.29 5.32 -6.61
CA GLU A 661 -38.61 4.84 -6.17
C GLU A 661 -38.63 4.92 -4.64
N ASP A 662 -38.28 3.82 -3.99
CA ASP A 662 -38.32 3.77 -2.51
C ASP A 662 -37.11 4.53 -1.99
N PRO A 663 -37.27 5.46 -1.03
CA PRO A 663 -36.12 6.07 -0.39
C PRO A 663 -35.31 4.97 0.30
N SER A 664 -35.91 3.82 0.49
CA SER A 664 -35.19 2.71 1.11
C SER A 664 -34.00 2.25 0.27
N LYS A 665 -33.83 2.77 -0.95
CA LYS A 665 -32.66 2.43 -1.73
C LYS A 665 -31.60 3.52 -1.66
N VAL A 666 -31.74 4.48 -0.78
CA VAL A 666 -30.70 5.46 -0.58
C VAL A 666 -29.91 5.11 0.66
N ILE A 667 -28.60 5.11 0.52
CA ILE A 667 -27.68 4.84 1.61
C ILE A 667 -26.92 6.14 1.81
N LEU A 668 -27.07 6.73 3.00
CA LEU A 668 -26.41 7.99 3.34
C LEU A 668 -25.16 7.70 4.16
N HIS A 669 -24.03 8.16 3.66
CA HIS A 669 -22.82 8.20 4.45
C HIS A 669 -22.64 9.67 4.85
N VAL A 670 -22.70 9.94 6.15
CA VAL A 670 -22.64 11.31 6.68
C VAL A 670 -21.33 11.49 7.44
N TYR A 671 -20.58 12.53 7.09
CA TYR A 671 -19.40 12.95 7.84
C TYR A 671 -19.87 13.97 8.87
N PHE A 672 -20.05 13.50 10.11
CA PHE A 672 -20.48 14.34 11.21
C PHE A 672 -19.29 15.11 11.78
N ARG A 673 -18.85 16.10 10.99
CA ARG A 673 -17.77 16.98 11.42
C ARG A 673 -18.10 17.66 12.74
N GLN A 674 -19.36 18.05 12.93
CA GLN A 674 -20.01 18.46 14.16
C GLN A 674 -21.24 17.59 14.32
N PRO A 675 -21.77 17.43 15.54
CA PRO A 675 -22.95 16.57 15.73
C PRO A 675 -24.17 17.13 15.01
N TYR A 676 -24.16 17.02 13.69
CA TYR A 676 -25.20 17.61 12.88
C TYR A 676 -26.52 16.89 13.12
N VAL A 677 -27.59 17.61 12.82
CA VAL A 677 -28.93 17.23 13.20
C VAL A 677 -29.66 16.77 11.96
N LEU A 678 -30.01 15.49 11.94
CA LEU A 678 -30.88 14.89 10.92
C LEU A 678 -32.31 15.29 11.27
N ASP A 679 -32.69 16.50 10.87
CA ASP A 679 -34.01 17.02 11.19
C ASP A 679 -35.09 16.35 10.34
N GLU A 680 -36.28 16.19 10.93
CA GLU A 680 -37.36 15.46 10.25
C GLU A 680 -37.76 16.12 8.93
N GLU A 681 -37.70 17.45 8.85
CA GLU A 681 -38.15 18.12 7.63
C GLU A 681 -37.23 17.86 6.44
N SER A 682 -35.96 17.48 6.65
CA SER A 682 -35.06 17.28 5.51
C SER A 682 -35.35 15.98 4.76
N GLY A 683 -35.91 14.98 5.43
CA GLY A 683 -36.19 13.72 4.80
C GLY A 683 -35.03 12.77 4.77
N LEU A 684 -33.86 13.17 5.27
CA LEU A 684 -32.72 12.27 5.28
C LEU A 684 -33.02 11.01 6.08
N ARG A 685 -33.85 11.12 7.12
CA ARG A 685 -34.25 9.94 7.86
C ARG A 685 -34.96 8.92 6.98
N ASP A 686 -35.46 9.32 5.81
CA ASP A 686 -36.16 8.35 4.98
C ASP A 686 -35.20 7.45 4.21
N ALA A 687 -33.90 7.53 4.46
CA ALA A 687 -32.96 6.65 3.80
C ALA A 687 -33.05 5.25 4.37
N GLY A 688 -32.81 4.27 3.49
CA GLY A 688 -32.82 2.88 3.91
C GLY A 688 -31.66 2.53 4.81
N ALA A 689 -30.56 3.27 4.71
CA ALA A 689 -29.42 3.09 5.60
C ALA A 689 -28.70 4.41 5.75
N ILE A 690 -28.21 4.69 6.97
CA ILE A 690 -27.40 5.86 7.28
C ILE A 690 -26.16 5.41 8.03
N LEU A 691 -25.00 5.92 7.63
CA LEU A 691 -23.74 5.66 8.30
C LEU A 691 -23.09 6.96 8.78
N ALA A 692 -22.45 6.90 9.93
CA ALA A 692 -21.56 7.95 10.39
C ALA A 692 -20.14 7.56 10.02
N GLY A 693 -19.53 8.36 9.16
CA GLY A 693 -18.14 8.20 8.81
C GLY A 693 -17.36 9.36 9.43
N PHE A 694 -16.19 9.04 9.98
CA PHE A 694 -15.33 10.02 10.59
C PHE A 694 -14.02 10.16 9.82
N GLY A 695 -14.08 9.96 8.50
CA GLY A 695 -12.98 10.11 7.59
C GLY A 695 -12.47 8.78 7.10
N MET A 696 -12.71 8.47 5.82
CA MET A 696 -12.19 7.23 5.26
C MET A 696 -12.14 7.31 3.74
N THR A 697 -11.37 6.41 3.14
CA THR A 697 -11.29 6.32 1.70
C THR A 697 -12.53 5.64 1.09
N ASP A 698 -12.70 5.88 -0.21
CA ASP A 698 -13.67 5.15 -1.02
C ASP A 698 -13.59 3.64 -0.80
N THR A 699 -12.38 3.09 -0.91
CA THR A 699 -12.23 1.64 -0.88
C THR A 699 -12.56 1.04 0.48
N ALA A 700 -12.40 1.82 1.55
CA ALA A 700 -12.72 1.32 2.88
C ALA A 700 -14.21 1.41 3.16
N LEU A 701 -14.86 2.45 2.63
CA LEU A 701 -16.31 2.52 2.73
C LEU A 701 -16.95 1.42 1.90
N MET A 702 -16.49 1.24 0.65
CA MET A 702 -17.03 0.19 -0.21
C MET A 702 -16.84 -1.22 0.39
N ASP A 703 -15.73 -1.46 1.08
CA ASP A 703 -15.54 -2.79 1.65
C ASP A 703 -16.55 -3.08 2.74
N VAL A 704 -16.93 -2.05 3.50
CA VAL A 704 -17.96 -2.22 4.51
C VAL A 704 -19.35 -2.17 3.87
N LEU A 705 -19.53 -1.34 2.84
CA LEU A 705 -20.86 -1.24 2.22
C LEU A 705 -21.28 -2.57 1.58
N THR A 706 -20.33 -3.26 0.95
CA THR A 706 -20.59 -4.48 0.23
C THR A 706 -20.51 -5.74 1.09
N GLY A 707 -20.20 -5.61 2.38
CA GLY A 707 -20.16 -6.72 3.33
C GLY A 707 -18.86 -7.50 3.44
N ALA A 708 -17.77 -7.06 2.82
CA ALA A 708 -16.45 -7.65 3.09
C ALA A 708 -16.06 -7.52 4.57
N TYR A 709 -16.55 -6.47 5.25
CA TYR A 709 -16.42 -6.29 6.69
C TYR A 709 -17.72 -5.71 7.18
N ALA A 710 -18.13 -6.11 8.39
CA ALA A 710 -19.33 -5.57 9.02
C ALA A 710 -18.99 -4.32 9.82
N PRO A 711 -19.85 -3.30 9.83
CA PRO A 711 -19.61 -2.15 10.71
C PRO A 711 -19.77 -2.55 12.16
N GLN A 712 -18.86 -2.04 12.99
CA GLN A 712 -18.90 -2.33 14.41
C GLN A 712 -18.63 -1.12 15.29
N GLY A 713 -18.38 0.06 14.72
CA GLY A 713 -18.18 1.26 15.51
C GLY A 713 -19.43 1.68 16.29
N LYS A 714 -19.19 2.49 17.32
CA LYS A 714 -20.22 3.05 18.17
C LYS A 714 -19.98 4.55 18.32
N LEU A 715 -21.08 5.31 18.43
CA LEU A 715 -20.97 6.76 18.49
C LEU A 715 -20.15 7.18 19.71
N PRO A 716 -19.16 8.05 19.54
CA PRO A 716 -18.45 8.62 20.69
C PRO A 716 -19.08 9.92 21.20
N PHE A 717 -20.17 10.37 20.59
CA PHE A 717 -20.93 11.52 21.04
C PHE A 717 -22.37 11.30 20.61
N ALA A 718 -23.31 11.90 21.34
CA ALA A 718 -24.72 11.72 21.01
C ALA A 718 -25.12 12.64 19.85
N LEU A 719 -26.14 12.21 19.12
CA LEU A 719 -26.68 12.96 17.99
C LEU A 719 -28.11 13.36 18.33
N ALA A 720 -28.45 14.62 18.04
CA ALA A 720 -29.78 15.15 18.31
C ALA A 720 -30.63 15.16 17.06
N GLY A 721 -31.94 15.31 17.24
CA GLY A 721 -32.86 15.29 16.10
C GLY A 721 -33.59 16.60 15.81
N THR A 722 -33.44 17.59 16.68
CA THR A 722 -34.14 18.87 16.53
C THR A 722 -33.16 19.99 16.85
N ARG A 723 -33.39 21.15 16.22
CA ARG A 723 -32.58 22.31 16.56
C ARG A 723 -32.84 22.75 17.99
N GLU A 724 -34.06 22.55 18.48
CA GLU A 724 -34.36 22.92 19.86
C GLU A 724 -33.44 22.20 20.85
N ALA A 725 -33.09 20.94 20.57
CA ALA A 725 -32.19 20.24 21.49
C ALA A 725 -30.80 20.87 21.52
N ILE A 726 -30.32 21.29 20.36
CA ILE A 726 -29.00 21.92 20.24
C ILE A 726 -28.95 23.20 21.08
N ILE A 727 -30.06 23.93 21.16
CA ILE A 727 -30.09 25.22 21.83
C ILE A 727 -30.35 25.10 23.34
N GLU A 728 -30.99 24.01 23.77
CA GLU A 728 -31.32 23.77 25.16
C GLU A 728 -30.19 23.11 25.93
N GLN A 729 -29.38 22.29 25.26
CA GLN A 729 -28.43 21.43 25.96
C GLN A 729 -27.38 22.28 26.66
N ASP A 730 -26.93 21.79 27.82
CA ASP A 730 -25.89 22.46 28.60
C ASP A 730 -24.53 22.28 27.95
N SER A 731 -23.84 23.39 27.67
CA SER A 731 -22.56 23.34 26.97
C SER A 731 -21.52 22.44 27.64
N ASP A 732 -21.64 22.23 28.95
CA ASP A 732 -20.63 21.42 29.69
C ASP A 732 -21.15 20.02 29.97
N ARG A 733 -22.39 19.72 29.58
CA ARG A 733 -22.99 18.39 29.89
C ARG A 733 -22.99 17.51 28.63
N PRO A 734 -22.59 16.24 28.74
CA PRO A 734 -22.64 15.34 27.60
C PRO A 734 -24.08 14.89 27.33
N GLY A 735 -24.47 14.80 26.06
CA GLY A 735 -25.79 14.25 25.72
C GLY A 735 -26.89 15.28 25.59
N TYR A 736 -28.12 14.81 25.44
CA TYR A 736 -29.30 15.70 25.28
C TYR A 736 -30.41 15.19 26.19
N ASP A 737 -30.03 14.48 27.26
CA ASP A 737 -31.04 13.88 28.17
C ASP A 737 -31.66 14.95 29.08
N GLU A 738 -31.11 16.16 29.09
CA GLU A 738 -31.68 17.27 29.89
C GLU A 738 -32.58 18.12 29.00
N THR A 739 -32.80 17.70 27.76
CA THR A 739 -33.61 18.48 26.79
C THR A 739 -35.01 17.89 26.69
N GLU A 740 -35.96 18.65 26.12
CA GLU A 740 -37.33 18.14 25.92
C GLU A 740 -37.32 17.12 24.79
N ASP A 741 -36.63 17.43 23.69
CA ASP A 741 -36.63 16.51 22.57
C ASP A 741 -35.66 15.34 22.74
N GLY A 742 -34.52 15.55 23.38
CA GLY A 742 -33.61 14.44 23.61
C GLY A 742 -32.86 14.02 22.36
N ALA A 743 -32.10 12.93 22.52
CA ALA A 743 -31.21 12.41 21.48
C ALA A 743 -31.94 11.59 20.43
N LEU A 744 -31.50 11.76 19.18
CA LEU A 744 -31.84 10.84 18.10
C LEU A 744 -31.04 9.54 18.20
N TYR A 745 -29.76 9.62 18.59
CA TYR A 745 -28.89 8.47 18.77
C TYR A 745 -28.03 8.69 20.00
N PRO A 746 -28.07 7.78 20.97
CA PRO A 746 -27.26 7.95 22.18
C PRO A 746 -25.79 7.68 21.91
N PHE A 747 -24.95 8.25 22.77
CA PHE A 747 -23.56 7.79 22.86
C PHE A 747 -23.55 6.29 23.02
N GLY A 748 -22.65 5.62 22.30
CA GLY A 748 -22.49 4.19 22.40
C GLY A 748 -23.35 3.40 21.42
N TYR A 749 -24.08 4.07 20.53
CA TYR A 749 -25.00 3.41 19.61
C TYR A 749 -24.30 3.07 18.30
N GLY A 750 -24.66 1.90 17.75
CA GLY A 750 -24.12 1.44 16.48
C GLY A 750 -24.61 0.06 16.11
N LEU A 751 -25.18 -0.10 14.93
CA LEU A 751 -25.63 -1.40 14.46
C LEU A 751 -24.49 -2.16 13.79
N THR A 752 -24.71 -3.46 13.59
CA THR A 752 -23.83 -4.30 12.80
C THR A 752 -24.70 -5.13 11.86
N TYR A 753 -24.08 -5.91 10.98
CA TYR A 753 -24.85 -6.82 10.14
C TYR A 753 -25.24 -8.07 10.93
N GLU A 754 -26.45 -8.57 10.71
CA GLU A 754 -26.83 -9.64 11.62
C GLU A 754 -26.95 -11.03 11.01
N ASP A 755 -25.93 -11.48 10.29
CA ASP A 755 -25.91 -12.87 9.81
C ASP A 755 -24.47 -13.39 9.70
N GLU B 10 -31.30 -11.40 -18.26
CA GLU B 10 -31.23 -12.22 -19.47
C GLU B 10 -30.40 -11.50 -20.52
N GLN B 11 -30.64 -10.21 -20.67
CA GLN B 11 -29.92 -9.35 -21.61
C GLN B 11 -28.51 -9.05 -21.15
N PRO B 12 -27.47 -9.55 -21.81
CA PRO B 12 -26.10 -9.19 -21.41
C PRO B 12 -25.70 -7.82 -21.94
N GLU B 13 -24.79 -7.18 -21.20
CA GLU B 13 -24.31 -5.85 -21.57
C GLU B 13 -23.61 -5.90 -22.94
N LEU B 14 -23.99 -4.97 -23.82
CA LEU B 14 -23.39 -4.83 -25.14
C LEU B 14 -22.64 -3.51 -25.26
N GLU B 15 -21.45 -3.57 -25.85
CA GLU B 15 -20.76 -2.40 -26.36
C GLU B 15 -20.39 -2.61 -27.82
N ALA B 16 -20.49 -1.55 -28.61
CA ALA B 16 -20.19 -1.61 -30.03
C ALA B 16 -19.66 -0.23 -30.45
N ARG B 17 -18.38 -0.17 -30.79
CA ARG B 17 -17.74 1.08 -31.17
C ARG B 17 -17.68 1.28 -32.66
N VAL B 18 -18.11 0.30 -33.46
CA VAL B 18 -18.08 0.41 -34.91
C VAL B 18 -19.41 -0.06 -35.49
N LYS B 19 -19.83 -1.28 -35.12
CA LYS B 19 -21.07 -1.89 -35.57
C LYS B 19 -22.26 -1.32 -34.80
N GLU B 20 -23.47 -1.64 -35.28
CA GLU B 20 -24.69 -1.13 -34.65
C GLU B 20 -25.39 -2.20 -33.81
N ILE B 21 -26.25 -1.73 -32.91
CA ILE B 21 -27.09 -2.59 -32.07
C ILE B 21 -28.43 -2.70 -32.77
N ILE B 22 -28.95 -3.91 -32.88
CA ILE B 22 -30.23 -4.12 -33.55
C ILE B 22 -31.16 -4.80 -32.55
N GLU B 23 -32.39 -4.30 -32.49
CA GLU B 23 -33.43 -4.94 -31.70
C GLU B 23 -34.09 -6.04 -32.53
N VAL B 24 -34.35 -7.17 -31.89
CA VAL B 24 -35.10 -8.28 -32.46
C VAL B 24 -35.77 -8.99 -31.29
N ASP B 25 -37.01 -9.47 -31.52
CA ASP B 25 -37.80 -10.21 -30.53
C ASP B 25 -37.72 -9.55 -29.15
N GLY B 26 -37.64 -8.22 -29.11
CA GLY B 26 -37.63 -7.50 -27.84
C GLY B 26 -36.29 -7.42 -27.13
N TYR B 27 -35.20 -7.80 -27.78
CA TYR B 27 -33.88 -7.85 -27.14
C TYR B 27 -32.88 -7.14 -28.03
N GLN B 28 -31.68 -6.91 -27.49
CA GLN B 28 -30.63 -6.17 -28.15
C GLN B 28 -29.45 -7.06 -28.51
N PHE B 29 -28.88 -6.84 -29.69
CA PHE B 29 -27.79 -7.65 -30.22
C PHE B 29 -26.81 -6.78 -30.99
N ARG B 30 -25.61 -7.30 -31.20
CA ARG B 30 -24.58 -6.63 -31.99
C ARG B 30 -24.64 -7.17 -33.40
N ASP B 31 -24.93 -6.31 -34.37
CA ASP B 31 -25.00 -6.76 -35.75
C ASP B 31 -23.59 -6.67 -36.30
N LEU B 32 -22.87 -7.79 -36.23
CA LEU B 32 -21.44 -7.78 -36.51
C LEU B 32 -21.09 -7.97 -37.96
N ASN B 33 -21.89 -8.69 -38.77
CA ASN B 33 -21.60 -8.71 -40.19
C ASN B 33 -22.11 -7.46 -40.91
N ASP B 34 -22.91 -6.62 -40.22
CA ASP B 34 -23.46 -5.38 -40.77
C ASP B 34 -24.29 -5.64 -42.04
N ASN B 35 -25.04 -6.74 -42.05
CA ASN B 35 -25.99 -6.98 -43.13
C ASN B 35 -27.37 -6.43 -42.80
N GLY B 36 -27.63 -6.13 -41.53
CA GLY B 36 -28.84 -5.50 -41.08
C GLY B 36 -29.75 -6.43 -40.34
N GLU B 37 -29.54 -7.74 -40.50
CA GLU B 37 -30.38 -8.76 -39.92
C GLU B 37 -29.61 -9.47 -38.81
N LEU B 38 -30.36 -10.01 -37.85
CA LEU B 38 -29.78 -10.84 -36.80
C LEU B 38 -29.40 -12.21 -37.35
N ASP B 39 -28.06 -12.49 -37.45
CA ASP B 39 -27.62 -13.84 -37.78
C ASP B 39 -27.52 -14.67 -36.50
N PRO B 40 -27.71 -15.99 -36.62
CA PRO B 40 -27.63 -16.86 -35.42
C PRO B 40 -26.36 -16.68 -34.59
N TYR B 41 -25.22 -16.34 -35.20
CA TYR B 41 -23.99 -16.21 -34.40
C TYR B 41 -23.97 -14.94 -33.56
N GLU B 42 -24.71 -13.90 -33.97
CA GLU B 42 -24.89 -12.72 -33.14
C GLU B 42 -25.99 -12.94 -32.11
N ASP B 43 -26.80 -13.98 -32.28
CA ASP B 43 -27.93 -14.27 -31.41
C ASP B 43 -27.40 -14.96 -30.15
N TRP B 44 -27.28 -14.21 -29.07
CA TRP B 44 -26.72 -14.76 -27.84
C TRP B 44 -27.69 -15.68 -27.09
N ARG B 45 -28.93 -15.86 -27.55
CA ARG B 45 -29.85 -16.74 -26.84
C ARG B 45 -29.65 -18.21 -27.20
N LEU B 46 -28.98 -18.47 -28.34
CA LEU B 46 -28.67 -19.79 -28.85
C LEU B 46 -27.46 -20.38 -28.13
N PRO B 47 -27.34 -21.70 -28.12
CA PRO B 47 -26.09 -22.33 -27.65
C PRO B 47 -24.90 -21.97 -28.52
N THR B 48 -23.72 -22.05 -27.90
CA THR B 48 -22.47 -21.70 -28.57
C THR B 48 -22.18 -22.53 -29.83
N PRO B 49 -22.31 -23.86 -29.85
CA PRO B 49 -22.00 -24.61 -31.09
C PRO B 49 -22.80 -24.13 -32.29
N GLU B 50 -24.04 -23.75 -32.01
CA GLU B 50 -24.97 -23.32 -33.04
C GLU B 50 -24.63 -21.91 -33.54
N ARG B 51 -24.12 -21.05 -32.63
CA ARG B 51 -23.59 -19.77 -33.08
C ARG B 51 -22.29 -19.97 -33.87
N VAL B 52 -21.41 -20.84 -33.36
CA VAL B 52 -20.19 -21.20 -34.08
C VAL B 52 -20.54 -21.67 -35.48
N ALA B 53 -21.47 -22.64 -35.57
CA ALA B 53 -21.84 -23.21 -36.86
C ALA B 53 -22.26 -22.13 -37.85
N ASP B 54 -23.03 -21.14 -37.40
CA ASP B 54 -23.44 -20.08 -38.30
C ASP B 54 -22.26 -19.20 -38.71
N LEU B 55 -21.34 -18.91 -37.77
CA LEU B 55 -20.20 -18.06 -38.10
C LEU B 55 -19.22 -18.76 -39.05
N VAL B 56 -18.83 -19.98 -38.71
CA VAL B 56 -17.94 -20.72 -39.63
C VAL B 56 -18.59 -20.84 -41.00
N GLY B 57 -19.93 -21.02 -41.03
CA GLY B 57 -20.63 -21.09 -42.30
C GLY B 57 -20.42 -19.87 -43.16
N GLN B 58 -20.40 -18.69 -42.54
CA GLN B 58 -20.25 -17.42 -43.23
C GLN B 58 -18.79 -17.04 -43.50
N MET B 59 -17.83 -17.85 -43.09
CA MET B 59 -16.45 -17.39 -43.12
C MET B 59 -15.76 -17.84 -44.39
N SER B 60 -14.88 -16.97 -44.91
CA SER B 60 -14.06 -17.33 -46.04
C SER B 60 -12.89 -18.20 -45.57
N LEU B 61 -12.16 -18.77 -46.53
CA LEU B 61 -11.09 -19.68 -46.16
C LEU B 61 -9.98 -18.95 -45.43
N VAL B 62 -9.46 -17.86 -46.02
CA VAL B 62 -8.41 -17.09 -45.38
C VAL B 62 -8.88 -16.60 -44.01
N GLU B 63 -10.14 -16.20 -43.90
CA GLU B 63 -10.66 -15.74 -42.62
C GLU B 63 -10.55 -16.83 -41.57
N LYS B 64 -10.87 -18.09 -41.92
CA LYS B 64 -10.77 -19.17 -40.94
C LYS B 64 -9.32 -19.55 -40.64
N SER B 65 -8.45 -19.51 -41.65
CA SER B 65 -7.05 -19.82 -41.40
C SER B 65 -6.38 -18.76 -40.56
N GLY B 66 -6.83 -17.51 -40.64
CA GLY B 66 -6.30 -16.44 -39.82
C GLY B 66 -6.46 -16.71 -38.35
N LEU B 67 -7.43 -17.56 -37.98
CA LEU B 67 -7.60 -17.95 -36.58
C LEU B 67 -6.46 -18.82 -36.07
N MET B 68 -5.70 -19.45 -36.97
CA MET B 68 -4.68 -20.41 -36.60
C MET B 68 -3.33 -19.76 -36.38
N LEU B 69 -3.31 -18.43 -36.24
CA LEU B 69 -2.10 -17.65 -36.00
C LEU B 69 -2.24 -16.90 -34.70
N ILE B 70 -1.16 -16.85 -33.93
CA ILE B 70 -1.09 -15.97 -32.76
C ILE B 70 0.32 -15.40 -32.69
N ASN B 71 0.43 -14.08 -32.55
CA ASN B 71 1.69 -13.38 -32.60
C ASN B 71 1.72 -12.22 -31.61
N THR B 72 2.92 -11.82 -31.22
CA THR B 72 3.14 -10.63 -30.39
C THR B 72 2.48 -9.41 -31.00
N LEU B 73 1.67 -8.72 -30.20
CA LEU B 73 1.11 -7.43 -30.61
C LEU B 73 1.18 -6.48 -29.40
N ASN B 74 2.28 -5.74 -29.28
CA ASN B 74 2.54 -4.88 -28.13
C ASN B 74 1.99 -3.47 -28.33
N ALA B 75 1.64 -2.84 -27.21
CA ALA B 75 1.33 -1.41 -27.22
C ALA B 75 2.55 -0.60 -27.67
N ALA B 76 2.30 0.46 -28.43
CA ALA B 76 3.32 1.36 -28.91
C ALA B 76 3.06 2.78 -28.37
N CYS B 77 3.95 3.72 -28.70
CA CYS B 77 3.82 5.11 -28.26
C CYS B 77 3.92 6.05 -29.47
N ASP B 78 3.08 7.10 -29.46
CA ASP B 78 3.15 8.19 -30.43
C ASP B 78 4.00 9.34 -29.92
N PRO B 79 5.12 9.67 -30.57
CA PRO B 79 5.95 10.77 -30.06
C PRO B 79 5.38 12.15 -30.32
N GLN B 80 4.31 12.27 -31.08
CA GLN B 80 3.81 13.59 -31.38
C GLN B 80 2.70 13.99 -30.44
N THR B 81 2.04 13.01 -29.85
CA THR B 81 1.05 13.29 -28.83
C THR B 81 1.56 12.96 -27.43
N GLY B 82 2.57 12.12 -27.32
CA GLY B 82 2.97 11.55 -26.06
C GLY B 82 2.12 10.39 -25.59
N GLU B 83 1.23 9.86 -26.44
CA GLU B 83 0.35 8.80 -25.98
C GLU B 83 1.10 7.47 -25.98
N PHE B 84 1.09 6.82 -24.83
CA PHE B 84 1.54 5.44 -24.69
C PHE B 84 0.31 4.55 -24.73
N GLY B 85 0.36 3.51 -25.53
CA GLY B 85 -0.79 2.66 -25.76
C GLY B 85 -1.48 2.87 -27.10
N VAL B 86 -0.80 3.42 -28.09
CA VAL B 86 -1.31 3.42 -29.45
C VAL B 86 -0.98 2.10 -30.14
N LEU B 87 -1.67 1.85 -31.25
CA LEU B 87 -1.46 0.61 -31.99
C LEU B 87 -0.12 0.61 -32.72
N PRO B 88 0.52 -0.56 -32.81
CA PRO B 88 1.81 -0.66 -33.50
C PRO B 88 1.67 -0.77 -35.02
N ALA B 89 2.82 -0.62 -35.67
CA ALA B 89 2.94 -0.71 -37.13
C ALA B 89 2.27 -1.96 -37.70
N GLN B 90 2.40 -3.11 -37.03
CA GLN B 90 1.94 -4.37 -37.59
C GLN B 90 0.45 -4.65 -37.33
N ALA B 91 -0.28 -3.73 -36.68
CA ALA B 91 -1.66 -4.03 -36.29
C ALA B 91 -2.57 -4.18 -37.50
N ASP B 92 -2.51 -3.21 -38.41
CA ASP B 92 -3.33 -3.25 -39.62
C ASP B 92 -3.10 -4.52 -40.42
N ASN B 93 -1.82 -4.89 -40.61
CA ASN B 93 -1.50 -6.07 -41.38
C ASN B 93 -1.99 -7.33 -40.70
N TYR B 94 -1.74 -7.46 -39.40
CA TYR B 94 -2.13 -8.68 -38.70
C TYR B 94 -3.63 -8.86 -38.75
N ILE B 95 -4.38 -7.77 -38.62
CA ILE B 95 -5.81 -7.88 -38.47
C ILE B 95 -6.52 -7.88 -39.83
N ASN B 96 -6.10 -7.03 -40.75
CA ASN B 96 -6.77 -6.90 -42.03
C ASN B 96 -6.10 -7.61 -43.18
N THR B 97 -4.85 -8.05 -43.04
CA THR B 97 -4.23 -8.86 -44.07
C THR B 97 -4.11 -10.33 -43.67
N GLN B 98 -3.76 -10.63 -42.43
CA GLN B 98 -3.61 -12.00 -41.97
C GLN B 98 -4.86 -12.51 -41.28
N HIS B 99 -5.81 -11.61 -40.98
CA HIS B 99 -7.08 -11.94 -40.34
C HIS B 99 -6.88 -12.58 -38.96
N MET B 100 -5.89 -12.08 -38.22
CA MET B 100 -5.59 -12.62 -36.89
C MET B 100 -6.53 -12.05 -35.83
N HIS B 101 -6.81 -12.87 -34.81
CA HIS B 101 -7.66 -12.46 -33.70
C HIS B 101 -7.05 -12.88 -32.36
N ARG B 102 -5.82 -13.39 -32.34
CA ARG B 102 -5.18 -13.83 -31.12
C ARG B 102 -3.81 -13.17 -31.03
N PHE B 103 -3.50 -12.58 -29.88
CA PHE B 103 -2.29 -11.78 -29.79
C PHE B 103 -1.58 -12.05 -28.48
N VAL B 104 -0.28 -11.81 -28.46
CA VAL B 104 0.51 -11.91 -27.25
C VAL B 104 0.88 -10.50 -26.83
N PHE B 105 0.47 -10.15 -25.62
CA PHE B 105 0.68 -8.82 -25.06
C PHE B 105 1.90 -8.89 -24.14
N ARG B 106 2.95 -8.16 -24.49
CA ARG B 106 4.21 -8.31 -23.77
C ARG B 106 4.70 -7.04 -23.04
N ASN B 107 4.04 -5.89 -23.15
CA ASN B 107 4.53 -4.70 -22.44
C ASN B 107 4.50 -4.92 -20.93
N VAL B 108 5.47 -4.33 -20.25
CA VAL B 108 5.41 -4.15 -18.80
C VAL B 108 4.30 -3.16 -18.47
N VAL B 109 3.45 -3.52 -17.52
CA VAL B 109 2.42 -2.61 -17.00
C VAL B 109 2.97 -2.04 -15.70
N ASP B 110 3.29 -0.75 -15.71
CA ASP B 110 3.87 -0.08 -14.56
C ASP B 110 3.71 1.42 -14.76
N VAL B 111 4.01 2.18 -13.72
CA VAL B 111 4.04 3.64 -13.83
C VAL B 111 5.46 4.05 -14.24
N ARG B 112 5.59 4.70 -15.39
CA ARG B 112 6.89 5.16 -15.87
C ARG B 112 7.42 6.26 -14.96
N ALA B 113 8.71 6.18 -14.64
CA ALA B 113 9.33 7.24 -13.82
C ALA B 113 9.29 8.56 -14.60
N GLU B 114 9.33 9.68 -13.88
CA GLU B 114 9.26 11.01 -14.54
C GLU B 114 10.47 11.17 -15.46
N GLY B 115 10.27 11.84 -16.60
CA GLY B 115 11.37 12.06 -17.55
C GLY B 115 11.39 11.02 -18.65
N VAL B 116 10.60 9.95 -18.51
CA VAL B 116 10.60 8.89 -19.52
C VAL B 116 9.71 9.29 -20.69
N GLU B 117 10.31 9.44 -21.86
CA GLU B 117 9.60 9.75 -23.08
C GLU B 117 9.59 8.52 -24.01
N CYS B 118 8.75 8.60 -25.04
CA CYS B 118 8.83 7.70 -26.17
C CYS B 118 10.21 7.76 -26.83
N THR B 119 10.82 6.59 -27.06
CA THR B 119 12.07 6.52 -27.82
C THR B 119 11.98 6.01 -29.25
N GLY B 120 10.85 5.42 -29.66
CA GLY B 120 10.67 4.94 -31.02
C GLY B 120 11.03 3.49 -31.27
N THR B 121 11.88 2.89 -30.43
CA THR B 121 12.23 1.47 -30.49
C THR B 121 11.87 0.83 -29.16
N GLY B 122 12.22 -0.44 -29.01
CA GLY B 122 11.92 -1.18 -27.78
C GLY B 122 10.42 -1.35 -27.55
N THR B 123 10.10 -1.80 -26.34
CA THR B 123 8.72 -2.08 -25.94
C THR B 123 8.34 -1.20 -24.77
N PRO B 124 7.60 -0.11 -25.00
CA PRO B 124 7.34 0.87 -23.94
C PRO B 124 6.63 0.26 -22.75
N VAL B 125 6.89 0.85 -21.58
CA VAL B 125 6.11 0.58 -20.39
C VAL B 125 4.82 1.36 -20.47
N VAL B 126 3.70 0.75 -20.08
CA VAL B 126 2.40 1.38 -20.20
C VAL B 126 1.67 1.24 -18.87
N SER B 127 0.96 2.27 -18.50
CA SER B 127 0.12 2.24 -17.32
C SER B 127 -1.03 1.27 -17.52
N PRO B 128 -1.67 0.83 -16.43
CA PRO B 128 -2.85 -0.04 -16.57
C PRO B 128 -3.96 0.56 -17.41
N ALA B 129 -4.19 1.87 -17.29
CA ALA B 129 -5.22 2.49 -18.13
C ALA B 129 -4.78 2.52 -19.59
N GLU B 130 -3.49 2.82 -19.82
CA GLU B 130 -2.95 2.81 -21.19
C GLU B 130 -3.01 1.42 -21.80
N ALA B 131 -2.77 0.39 -20.99
CA ALA B 131 -2.86 -0.99 -21.49
C ALA B 131 -4.28 -1.30 -21.93
N ALA B 132 -5.25 -0.88 -21.11
CA ALA B 132 -6.66 -1.10 -21.40
C ALA B 132 -7.08 -0.36 -22.65
N THR B 133 -6.60 0.88 -22.80
CA THR B 133 -6.88 1.66 -23.99
C THR B 133 -6.36 0.96 -25.22
N PHE B 134 -5.18 0.34 -25.09
CA PHE B 134 -4.57 -0.35 -26.22
C PHE B 134 -5.35 -1.61 -26.58
N THR B 135 -5.71 -2.44 -25.59
CA THR B 135 -6.48 -3.64 -25.93
C THR B 135 -7.85 -3.27 -26.48
N ASN B 136 -8.45 -2.17 -26.02
CA ASN B 136 -9.69 -1.65 -26.59
C ASN B 136 -9.49 -1.21 -28.03
N ALA B 137 -8.38 -0.53 -28.32
CA ALA B 137 -8.11 -0.08 -29.68
C ALA B 137 -7.97 -1.26 -30.64
N VAL B 138 -7.39 -2.38 -30.17
CA VAL B 138 -7.33 -3.56 -31.02
C VAL B 138 -8.72 -4.17 -31.17
N GLN B 139 -9.45 -4.27 -30.07
CA GLN B 139 -10.83 -4.75 -30.19
C GLN B 139 -11.66 -3.86 -31.10
N GLU B 140 -11.30 -2.58 -31.18
CA GLU B 140 -12.07 -1.71 -32.05
C GLU B 140 -11.69 -1.96 -33.51
N MET B 141 -10.43 -2.28 -33.78
CA MET B 141 -10.06 -2.66 -35.14
C MET B 141 -10.62 -4.02 -35.52
N SER B 142 -10.73 -4.93 -34.56
CA SER B 142 -11.27 -6.26 -34.80
C SER B 142 -12.78 -6.22 -35.10
N GLU B 143 -13.55 -5.50 -34.27
CA GLU B 143 -14.97 -5.29 -34.56
C GLU B 143 -15.17 -4.73 -35.97
N ALA B 144 -14.29 -3.84 -36.41
CA ALA B 144 -14.42 -3.24 -37.74
C ALA B 144 -14.20 -4.24 -38.87
N THR B 145 -13.80 -5.48 -38.57
CA THR B 145 -13.63 -6.42 -39.68
C THR B 145 -15.00 -6.93 -40.12
N ARG B 146 -15.02 -7.45 -41.35
CA ARG B 146 -16.24 -7.85 -42.03
C ARG B 146 -17.22 -8.54 -41.08
N LEU B 147 -16.76 -9.50 -40.29
CA LEU B 147 -17.66 -10.26 -39.42
C LEU B 147 -17.61 -9.80 -37.96
N GLY B 148 -16.79 -8.81 -37.64
CA GLY B 148 -16.74 -8.32 -36.27
C GLY B 148 -16.38 -9.38 -35.25
N ILE B 149 -15.54 -10.33 -35.62
CA ILE B 149 -15.05 -11.31 -34.65
C ILE B 149 -14.14 -10.60 -33.64
N PRO B 150 -14.34 -10.77 -32.34
CA PRO B 150 -13.45 -10.11 -31.35
C PRO B 150 -12.07 -10.75 -31.31
N SER B 151 -11.19 -10.26 -30.43
CA SER B 151 -9.82 -10.72 -30.27
C SER B 151 -9.55 -11.21 -28.85
N LEU B 152 -8.53 -12.05 -28.71
CA LEU B 152 -8.06 -12.48 -27.40
C LEU B 152 -6.57 -12.15 -27.26
N PHE B 153 -6.20 -11.59 -26.12
CA PHE B 153 -4.82 -11.33 -25.79
C PHE B 153 -4.34 -12.32 -24.75
N LYS B 154 -3.12 -12.85 -24.95
CA LYS B 154 -2.46 -13.68 -23.95
C LYS B 154 -1.13 -13.06 -23.52
N SER B 155 -0.63 -13.52 -22.38
CA SER B 155 0.60 -12.98 -21.84
C SER B 155 1.24 -14.00 -20.90
N ASN B 156 2.56 -13.93 -20.75
CA ASN B 156 3.20 -14.69 -19.68
C ASN B 156 2.82 -14.11 -18.33
N ALA B 157 3.27 -14.77 -17.27
CA ALA B 157 2.89 -14.37 -15.93
C ALA B 157 3.38 -12.95 -15.66
N ARG B 158 2.62 -12.20 -14.85
CA ARG B 158 3.03 -10.83 -14.53
C ARG B 158 3.05 -10.49 -13.05
N ASN B 159 2.66 -11.39 -12.16
CA ASN B 159 2.42 -11.04 -10.77
C ASN B 159 3.54 -11.48 -9.82
N HIS B 160 4.70 -11.85 -10.34
CA HIS B 160 5.76 -12.37 -9.50
C HIS B 160 6.96 -11.43 -9.46
N ILE B 161 7.54 -11.31 -8.27
CA ILE B 161 8.78 -10.56 -8.07
C ILE B 161 9.93 -11.19 -8.83
N ASP B 162 10.66 -10.36 -9.59
CA ASP B 162 11.96 -10.66 -10.18
C ASP B 162 13.07 -10.36 -9.17
N PRO B 163 13.57 -11.37 -8.42
CA PRO B 163 14.67 -11.10 -7.47
C PRO B 163 16.00 -10.84 -8.16
N ALA B 172 3.89 0.10 -5.31
CA ALA B 172 2.50 0.26 -4.88
C ALA B 172 1.51 0.01 -6.03
N ALA B 173 0.63 0.99 -6.27
CA ALA B 173 -0.35 0.89 -7.35
C ALA B 173 0.30 1.25 -8.69
N GLY B 174 -0.36 0.82 -9.78
CA GLY B 174 0.17 1.02 -11.12
C GLY B 174 0.77 -0.23 -11.76
N ALA B 175 1.54 -1.01 -11.01
CA ALA B 175 2.06 -2.28 -11.46
C ALA B 175 1.12 -3.39 -10.99
N PHE B 176 1.28 -4.57 -11.55
CA PHE B 176 0.54 -5.74 -11.09
C PHE B 176 0.99 -6.13 -9.69
N SER B 177 0.06 -6.60 -8.87
CA SER B 177 0.38 -6.95 -7.48
C SER B 177 1.41 -8.07 -7.37
N ALA B 178 2.47 -7.82 -6.57
CA ALA B 178 3.63 -8.70 -6.44
C ALA B 178 3.40 -9.85 -5.46
N PHE B 179 3.76 -11.06 -5.88
CA PHE B 179 3.77 -12.29 -5.11
C PHE B 179 5.13 -12.95 -5.28
N PRO B 180 5.48 -13.91 -4.41
CA PRO B 180 6.69 -14.70 -4.67
C PRO B 180 6.56 -15.49 -5.97
N LYS B 181 7.70 -15.98 -6.46
CA LYS B 181 7.69 -16.77 -7.67
C LYS B 181 6.93 -18.08 -7.42
N GLU B 182 6.68 -18.81 -8.51
CA GLU B 182 5.77 -19.95 -8.45
C GLU B 182 6.11 -20.89 -7.30
N ALA B 183 7.39 -21.22 -7.14
CA ALA B 183 7.78 -22.13 -6.08
C ALA B 183 7.46 -21.58 -4.70
N GLY B 184 7.57 -20.26 -4.53
CA GLY B 184 7.20 -19.64 -3.26
C GLY B 184 5.73 -19.79 -2.96
N ILE B 185 4.90 -19.81 -4.00
CA ILE B 185 3.48 -20.00 -3.77
C ILE B 185 3.23 -21.42 -3.28
N ALA B 186 3.92 -22.39 -3.87
CA ALA B 186 3.80 -23.77 -3.40
C ALA B 186 4.33 -23.88 -1.97
N ALA B 187 5.45 -23.21 -1.68
CA ALA B 187 6.01 -23.24 -0.33
C ALA B 187 5.02 -22.70 0.69
N ALA B 188 4.48 -21.51 0.44
CA ALA B 188 3.41 -20.97 1.26
C ALA B 188 2.27 -21.97 1.43
N ALA B 189 1.89 -22.63 0.33
CA ALA B 189 0.77 -23.58 0.40
C ALA B 189 1.09 -24.75 1.31
N LEU B 190 2.22 -25.41 1.07
CA LEU B 190 2.64 -26.53 1.92
C LEU B 190 2.72 -26.10 3.38
N GLY B 191 3.22 -24.90 3.63
CA GLY B 191 3.42 -24.47 5.00
C GLY B 191 2.13 -24.20 5.75
N GLU B 192 1.07 -23.82 5.03
CA GLU B 192 -0.23 -23.60 5.66
C GLU B 192 -0.95 -24.93 5.92
N GLN B 193 -0.79 -25.92 5.04
CA GLN B 193 -1.32 -27.23 5.35
C GLN B 193 -0.62 -27.82 6.58
N ALA B 194 0.70 -27.59 6.69
CA ALA B 194 1.45 -28.09 7.83
C ALA B 194 1.10 -27.33 9.11
N ARG B 195 0.70 -26.06 8.99
CA ARG B 195 0.27 -25.31 10.15
C ARG B 195 -1.17 -25.69 10.56
N ARG B 196 -1.65 -26.83 10.04
CA ARG B 196 -2.91 -27.41 10.49
C ARG B 196 -2.73 -28.92 10.66
N THR B 197 -2.62 -29.65 9.56
CA THR B 197 -2.48 -31.10 9.60
C THR B 197 -1.11 -31.55 10.07
N GLY B 198 -0.15 -30.62 10.21
CA GLY B 198 1.23 -31.02 10.43
C GLY B 198 1.77 -31.88 9.31
N GLU B 199 1.36 -31.59 8.07
CA GLU B 199 1.69 -32.40 6.92
C GLU B 199 2.05 -31.51 5.74
N ALA B 200 3.00 -31.98 4.93
CA ALA B 200 3.38 -31.34 3.68
C ALA B 200 3.20 -32.39 2.60
N THR B 201 1.98 -32.48 2.08
CA THR B 201 1.58 -33.47 1.08
C THR B 201 1.08 -32.80 -0.19
N THR B 202 -0.05 -32.10 -0.10
CA THR B 202 -0.69 -31.47 -1.25
C THR B 202 -0.92 -29.98 -1.05
N GLY B 203 -0.62 -29.43 0.13
CA GLY B 203 -0.75 -28.01 0.37
C GLY B 203 -2.17 -27.56 0.65
N ASP B 204 -2.28 -26.31 1.09
CA ASP B 204 -3.55 -25.64 1.34
C ASP B 204 -3.85 -24.77 0.12
N MET B 205 -4.77 -25.21 -0.74
CA MET B 205 -5.01 -24.49 -1.98
C MET B 205 -5.68 -23.14 -1.77
N SER B 206 -6.24 -22.88 -0.57
CA SER B 206 -6.73 -21.54 -0.28
C SER B 206 -5.64 -20.49 -0.49
N VAL B 207 -4.39 -20.84 -0.21
CA VAL B 207 -3.28 -19.95 -0.55
C VAL B 207 -3.25 -19.74 -2.06
N VAL B 208 -3.32 -20.83 -2.84
CA VAL B 208 -3.29 -20.72 -4.30
C VAL B 208 -4.52 -19.97 -4.79
N ALA B 209 -5.70 -20.37 -4.31
CA ALA B 209 -6.94 -19.67 -4.65
C ALA B 209 -6.84 -18.17 -4.39
N ASP B 210 -6.26 -17.76 -3.26
CA ASP B 210 -6.15 -16.34 -2.95
C ASP B 210 -5.24 -15.61 -3.93
N PHE B 211 -4.15 -16.24 -4.36
CA PHE B 211 -3.29 -15.64 -5.38
C PHE B 211 -4.02 -15.43 -6.69
N ALA B 212 -4.65 -16.48 -7.22
CA ALA B 212 -5.21 -16.37 -8.56
C ALA B 212 -6.43 -15.46 -8.59
N ASP B 213 -7.08 -15.26 -7.45
CA ASP B 213 -8.20 -14.33 -7.41
C ASP B 213 -7.73 -12.90 -7.67
N VAL B 214 -6.60 -12.50 -7.10
CA VAL B 214 -6.09 -11.17 -7.38
C VAL B 214 -5.65 -11.07 -8.85
N MET B 215 -4.99 -12.11 -9.35
CA MET B 215 -4.51 -12.07 -10.73
C MET B 215 -5.68 -11.92 -11.71
N GLY B 216 -6.72 -12.71 -11.53
CA GLY B 216 -7.89 -12.62 -12.38
C GLY B 216 -8.39 -11.20 -12.56
N GLU B 217 -8.79 -10.53 -11.46
CA GLU B 217 -9.40 -9.21 -11.62
C GLU B 217 -8.42 -8.21 -12.22
N GLU B 218 -7.16 -8.25 -11.80
CA GLU B 218 -6.19 -7.31 -12.35
C GLU B 218 -5.95 -7.58 -13.83
N TRP B 219 -5.89 -8.85 -14.23
CA TRP B 219 -5.70 -9.16 -15.64
C TRP B 219 -6.95 -8.80 -16.43
N ALA B 220 -8.13 -9.24 -15.97
CA ALA B 220 -9.37 -8.93 -16.69
C ALA B 220 -9.58 -7.42 -16.82
N SER B 221 -9.15 -6.65 -15.82
CA SER B 221 -9.40 -5.21 -15.88
C SER B 221 -8.67 -4.51 -17.03
N ILE B 222 -7.61 -5.09 -17.58
CA ILE B 222 -6.93 -4.45 -18.71
C ILE B 222 -7.25 -5.12 -20.04
N GLY B 223 -8.28 -5.96 -20.09
CA GLY B 223 -8.65 -6.67 -21.31
C GLY B 223 -7.62 -7.69 -21.71
N LEU B 224 -7.02 -8.36 -20.74
CA LEU B 224 -6.05 -9.44 -20.97
C LEU B 224 -6.71 -10.71 -20.44
N ARG B 225 -7.37 -11.45 -21.32
CA ARG B 225 -8.20 -12.57 -20.88
C ARG B 225 -7.55 -13.94 -21.09
N GLY B 226 -6.28 -13.99 -21.52
CA GLY B 226 -5.63 -15.26 -21.79
C GLY B 226 -4.22 -15.25 -21.22
N MET B 227 -3.71 -16.45 -20.95
CA MET B 227 -2.37 -16.59 -20.42
C MET B 227 -1.57 -17.67 -21.14
N TYR B 228 -0.35 -17.35 -21.52
CA TYR B 228 0.64 -18.38 -21.83
C TYR B 228 1.12 -18.89 -20.47
N GLY B 229 0.40 -19.85 -19.93
CA GLY B 229 0.68 -20.44 -18.64
C GLY B 229 -0.63 -20.87 -18.02
N TYR B 230 -0.57 -21.29 -16.77
CA TYR B 230 0.65 -21.46 -16.01
C TYR B 230 1.42 -22.75 -16.39
N MET B 231 2.57 -22.94 -15.75
CA MET B 231 3.43 -24.09 -16.04
C MET B 231 3.10 -25.26 -15.14
N ALA B 232 2.81 -26.40 -15.76
CA ALA B 232 2.59 -27.65 -15.05
C ALA B 232 3.87 -28.49 -14.97
N ASP B 233 4.94 -28.05 -15.62
CA ASP B 233 6.20 -28.79 -15.61
C ASP B 233 6.68 -29.01 -14.18
N LEU B 234 7.31 -30.14 -13.95
CA LEU B 234 7.80 -30.50 -12.63
C LEU B 234 9.30 -30.24 -12.55
N SER B 235 9.76 -29.74 -11.40
CA SER B 235 11.15 -29.34 -11.26
C SER B 235 12.01 -30.54 -10.84
N THR B 236 11.93 -31.58 -11.65
CA THR B 236 12.59 -32.86 -11.37
C THR B 236 13.97 -32.94 -12.00
N GLU B 237 14.31 -32.00 -12.88
CA GLU B 237 15.66 -31.91 -13.45
C GLU B 237 16.27 -30.58 -12.98
N PRO B 238 17.02 -30.57 -11.89
CA PRO B 238 17.48 -29.30 -11.30
C PRO B 238 18.36 -28.46 -12.21
N ARG B 239 18.96 -29.03 -13.25
CA ARG B 239 19.80 -28.25 -14.17
C ARG B 239 18.97 -27.50 -15.22
N TRP B 240 17.66 -27.71 -15.26
CA TRP B 240 16.81 -27.01 -16.21
C TRP B 240 16.66 -25.57 -15.74
N TYR B 241 17.01 -24.61 -16.60
CA TYR B 241 16.95 -23.23 -16.14
C TYR B 241 15.52 -22.79 -15.80
N ARG B 242 14.48 -23.42 -16.35
CA ARG B 242 13.11 -22.97 -16.14
C ARG B 242 12.51 -23.45 -14.84
N THR B 243 13.29 -24.05 -13.94
CA THR B 243 12.78 -24.29 -12.60
C THR B 243 12.52 -23.00 -11.82
N HIS B 244 12.91 -21.85 -12.37
CA HIS B 244 12.60 -20.61 -11.69
C HIS B 244 11.12 -20.29 -11.73
N GLU B 245 10.38 -20.86 -12.68
CA GLU B 245 8.96 -20.60 -12.86
C GLU B 245 8.11 -21.88 -12.76
N THR B 246 8.65 -22.93 -12.15
CA THR B 246 7.88 -24.12 -11.82
C THR B 246 7.42 -24.03 -10.37
N PHE B 247 6.27 -24.65 -10.07
CA PHE B 247 5.80 -24.67 -8.69
C PHE B 247 6.55 -25.68 -7.84
N THR B 248 6.64 -26.92 -8.28
CA THR B 248 7.16 -27.98 -7.42
C THR B 248 7.69 -29.12 -8.27
N GLU B 249 8.34 -30.08 -7.62
CA GLU B 249 8.75 -31.30 -8.29
C GLU B 249 7.72 -32.41 -8.14
N ASP B 250 6.73 -32.24 -7.28
CA ASP B 250 5.77 -33.29 -6.95
C ASP B 250 4.56 -33.19 -7.88
N ALA B 251 4.28 -34.28 -8.61
CA ALA B 251 3.17 -34.27 -9.57
C ALA B 251 1.83 -34.05 -8.89
N TYR B 252 1.65 -34.61 -7.68
CA TYR B 252 0.36 -34.53 -7.01
C TYR B 252 0.09 -33.12 -6.50
N LEU B 253 1.12 -32.46 -5.96
CA LEU B 253 0.96 -31.07 -5.56
C LEU B 253 0.71 -30.18 -6.79
N ALA B 254 1.46 -30.43 -7.86
CA ALA B 254 1.24 -29.74 -9.12
C ALA B 254 -0.21 -29.87 -9.59
N ALA B 255 -0.69 -31.11 -9.69
CA ALA B 255 -2.07 -31.36 -10.11
C ALA B 255 -3.07 -30.54 -9.30
N GLU B 256 -2.90 -30.51 -7.98
CA GLU B 256 -3.90 -29.78 -7.20
C GLU B 256 -3.70 -28.28 -7.32
N ILE B 257 -2.46 -27.82 -7.53
CA ILE B 257 -2.25 -26.40 -7.81
C ILE B 257 -2.89 -26.00 -9.13
N MET B 258 -2.63 -26.80 -10.19
CA MET B 258 -3.26 -26.55 -11.49
C MET B 258 -4.79 -26.50 -11.35
N GLU B 259 -5.37 -27.47 -10.66
CA GLU B 259 -6.82 -27.53 -10.53
C GLU B 259 -7.37 -26.22 -9.96
N THR B 260 -6.77 -25.77 -8.85
CA THR B 260 -7.24 -24.54 -8.22
C THR B 260 -7.05 -23.33 -9.13
N LEU B 261 -5.97 -23.31 -9.91
CA LEU B 261 -5.76 -22.20 -10.84
C LEU B 261 -6.89 -22.13 -11.87
N VAL B 262 -7.23 -23.27 -12.45
CA VAL B 262 -8.30 -23.29 -13.44
C VAL B 262 -9.63 -22.98 -12.76
N GLN B 263 -9.86 -23.55 -11.59
CA GLN B 263 -11.10 -23.28 -10.88
C GLN B 263 -11.22 -21.80 -10.56
N THR B 264 -10.15 -21.20 -10.05
CA THR B 264 -10.20 -19.80 -9.67
C THR B 264 -10.12 -18.85 -10.87
N LEU B 265 -9.27 -19.15 -11.85
CA LEU B 265 -9.04 -18.17 -12.91
C LEU B 265 -10.05 -18.28 -14.05
N GLN B 266 -10.44 -19.51 -14.38
CA GLN B 266 -11.40 -19.75 -15.45
C GLN B 266 -12.83 -19.86 -14.94
N GLY B 267 -13.01 -20.11 -13.65
CA GLY B 267 -14.33 -20.27 -13.08
C GLY B 267 -14.60 -21.74 -12.86
N GLU B 268 -15.75 -22.04 -12.26
CA GLU B 268 -16.07 -23.42 -11.94
C GLU B 268 -17.23 -24.01 -12.73
N GLU B 269 -17.96 -23.23 -13.49
CA GLU B 269 -19.03 -23.84 -14.27
C GLU B 269 -18.56 -24.25 -15.67
N LEU B 270 -18.84 -25.49 -16.00
CA LEU B 270 -18.44 -26.11 -17.25
C LEU B 270 -19.56 -26.06 -18.27
N THR B 271 -19.17 -25.91 -19.53
CA THR B 271 -20.10 -26.06 -20.62
C THR B 271 -20.43 -27.53 -20.83
N ASP B 272 -21.39 -27.79 -21.74
CA ASP B 272 -21.69 -29.17 -22.13
C ASP B 272 -20.44 -29.85 -22.70
N ASN B 273 -19.53 -29.08 -23.27
CA ASN B 273 -18.28 -29.61 -23.73
C ASN B 273 -17.23 -29.73 -22.62
N GLY B 274 -17.60 -29.44 -21.37
CA GLY B 274 -16.67 -29.71 -20.29
C GLY B 274 -15.54 -28.70 -20.23
N LEU B 275 -15.82 -27.45 -20.56
CA LEU B 275 -14.83 -26.37 -20.56
C LEU B 275 -15.29 -25.32 -19.56
N ALA B 276 -14.38 -24.86 -18.72
CA ALA B 276 -14.70 -23.84 -17.70
C ALA B 276 -14.73 -22.47 -18.36
N LEU B 277 -15.85 -22.17 -19.02
CA LEU B 277 -15.97 -20.90 -19.75
C LEU B 277 -17.33 -20.28 -19.47
N SER B 278 -17.30 -19.15 -18.79
CA SER B 278 -18.44 -18.30 -18.50
C SER B 278 -18.07 -16.92 -18.98
N PRO B 279 -19.02 -15.99 -18.99
CA PRO B 279 -18.62 -14.57 -18.96
C PRO B 279 -17.89 -14.20 -17.68
N GLN B 280 -18.00 -15.01 -16.62
CA GLN B 280 -17.26 -14.80 -15.38
C GLN B 280 -15.83 -15.32 -15.47
N THR B 281 -15.41 -15.83 -16.62
CA THR B 281 -14.03 -16.25 -16.79
C THR B 281 -13.13 -15.02 -16.90
N ARG B 282 -12.25 -14.87 -15.91
CA ARG B 282 -11.37 -13.73 -15.89
C ARG B 282 -10.12 -13.94 -16.74
N VAL B 283 -9.49 -15.13 -16.68
CA VAL B 283 -8.38 -15.45 -17.59
C VAL B 283 -8.51 -16.89 -18.08
N ALA B 284 -8.57 -17.07 -19.41
CA ALA B 284 -8.49 -18.38 -20.03
C ALA B 284 -7.04 -18.84 -20.09
N LEU B 285 -6.76 -19.99 -19.46
CA LEU B 285 -5.41 -20.53 -19.37
C LEU B 285 -5.03 -21.38 -20.58
N THR B 286 -3.78 -21.23 -21.03
CA THR B 286 -3.14 -22.14 -21.97
C THR B 286 -2.00 -22.84 -21.24
N LEU B 287 -2.31 -24.00 -20.66
CA LEU B 287 -1.37 -24.68 -19.80
C LEU B 287 -0.20 -25.21 -20.62
N LYS B 288 0.98 -25.17 -20.01
CA LYS B 288 2.23 -25.50 -20.66
C LYS B 288 3.11 -26.23 -19.65
N HIS B 289 4.11 -26.95 -20.16
CA HIS B 289 4.19 -27.27 -21.58
C HIS B 289 3.89 -28.76 -21.79
N PHE B 290 2.70 -29.06 -22.31
CA PHE B 290 2.26 -30.45 -22.44
C PHE B 290 3.28 -31.25 -23.26
N PRO B 291 3.54 -32.53 -22.92
CA PRO B 291 2.99 -33.31 -21.80
C PRO B 291 3.70 -33.16 -20.46
N GLY B 292 4.56 -32.15 -20.35
CA GLY B 292 5.35 -31.92 -19.16
C GLY B 292 6.80 -31.66 -19.54
N GLY B 293 7.27 -30.44 -19.31
CA GLY B 293 8.56 -30.01 -19.77
C GLY B 293 9.67 -30.17 -18.77
N GLY B 294 9.42 -30.83 -17.63
CA GLY B 294 10.40 -31.02 -16.59
C GLY B 294 11.66 -31.82 -16.93
N PRO B 295 11.51 -33.04 -17.50
CA PRO B 295 12.65 -33.98 -17.59
C PRO B 295 13.56 -33.76 -18.81
N GLN B 296 14.34 -32.68 -18.76
CA GLN B 296 15.24 -32.35 -19.90
C GLN B 296 16.59 -33.06 -19.72
N GLU B 297 17.21 -33.46 -20.82
CA GLU B 297 18.50 -34.20 -20.74
C GLU B 297 19.61 -33.25 -20.32
N LEU B 298 20.37 -33.63 -19.30
CA LEU B 298 21.46 -32.76 -18.79
C LEU B 298 20.85 -31.40 -18.45
N GLY B 299 19.53 -31.35 -18.25
CA GLY B 299 18.87 -30.10 -17.97
C GLY B 299 18.86 -29.09 -19.09
N LEU B 300 19.25 -29.48 -20.29
CA LEU B 300 19.33 -28.54 -21.40
C LEU B 300 17.94 -28.31 -21.98
N ASP B 301 17.64 -27.06 -22.31
CA ASP B 301 16.29 -26.67 -22.68
C ASP B 301 16.10 -26.71 -24.20
N PRO B 302 14.96 -27.26 -24.67
CA PRO B 302 14.75 -27.37 -26.12
C PRO B 302 14.35 -26.06 -26.78
N HIS B 303 14.49 -24.92 -26.10
CA HIS B 303 14.56 -23.65 -26.84
C HIS B 303 15.73 -23.65 -27.79
N TYR B 304 16.73 -24.48 -27.49
CA TYR B 304 18.00 -24.52 -28.21
C TYR B 304 18.21 -25.88 -28.87
N ALA B 305 19.03 -25.88 -29.93
CA ALA B 305 19.23 -27.09 -30.72
C ALA B 305 20.01 -28.16 -29.95
N PHE B 306 20.98 -27.77 -29.12
CA PHE B 306 21.68 -28.80 -28.36
C PHE B 306 20.80 -29.46 -27.29
N GLY B 307 19.62 -28.92 -27.02
CA GLY B 307 18.77 -29.42 -25.96
C GLY B 307 17.43 -29.99 -26.39
N LYS B 308 17.33 -30.49 -27.62
CA LYS B 308 16.03 -30.94 -28.17
C LYS B 308 15.51 -32.19 -27.47
N ALA B 309 16.30 -32.82 -26.59
CA ALA B 309 15.90 -34.14 -26.03
C ALA B 309 15.25 -34.10 -24.65
N GLN B 310 14.28 -34.99 -24.42
CA GLN B 310 13.66 -35.15 -23.07
C GLN B 310 13.83 -36.63 -22.73
N VAL B 311 14.21 -36.95 -21.51
CA VAL B 311 14.53 -38.33 -21.15
C VAL B 311 13.78 -38.71 -19.88
N TYR B 312 13.53 -40.02 -19.76
CA TYR B 312 12.71 -40.58 -18.67
C TYR B 312 13.37 -41.82 -18.10
N PRO B 313 14.57 -41.69 -17.51
CA PRO B 313 15.28 -42.88 -16.98
C PRO B 313 14.47 -43.65 -15.95
N ALA B 314 13.56 -42.99 -15.24
CA ALA B 314 12.72 -43.66 -14.27
C ALA B 314 11.34 -44.01 -14.83
N GLY B 315 11.13 -43.80 -16.13
CA GLY B 315 9.86 -44.14 -16.76
C GLY B 315 8.65 -43.46 -16.16
N ARG B 316 8.71 -42.13 -16.01
CA ARG B 316 7.66 -41.37 -15.34
C ARG B 316 6.94 -40.40 -16.27
N PHE B 317 7.00 -40.64 -17.59
CA PHE B 317 6.27 -39.80 -18.54
C PHE B 317 4.82 -39.61 -18.11
N GLU B 318 4.16 -40.69 -17.71
CA GLU B 318 2.78 -40.60 -17.26
C GLU B 318 2.65 -39.71 -16.03
N GLU B 319 3.58 -39.85 -15.07
CA GLU B 319 3.50 -39.03 -13.88
C GLU B 319 3.64 -37.55 -14.22
N HIS B 320 4.35 -37.23 -15.29
CA HIS B 320 4.60 -35.83 -15.60
C HIS B 320 3.38 -35.13 -16.20
N PHE B 321 2.51 -35.85 -16.90
CA PHE B 321 1.30 -35.20 -17.39
C PHE B 321 0.14 -35.29 -16.39
N LEU B 322 0.43 -35.66 -15.14
CA LEU B 322 -0.65 -35.70 -14.15
C LEU B 322 -1.19 -34.31 -13.84
N PRO B 323 -0.36 -33.29 -13.54
CA PRO B 323 -0.92 -31.92 -13.40
C PRO B 323 -1.75 -31.49 -14.60
N PHE B 324 -1.38 -31.93 -15.80
CA PHE B 324 -2.16 -31.57 -16.97
C PHE B 324 -3.54 -32.24 -16.97
N GLN B 325 -3.62 -33.51 -16.56
N GLN B 325 -3.60 -33.52 -16.57
CA GLN B 325 -4.92 -34.19 -16.53
CA GLN B 325 -4.87 -34.24 -16.49
C GLN B 325 -5.88 -33.52 -15.54
C GLN B 325 -5.85 -33.53 -15.55
N ALA B 326 -5.39 -33.23 -14.33
CA ALA B 326 -6.21 -32.49 -13.37
C ALA B 326 -6.66 -31.16 -13.95
N ALA B 327 -5.85 -30.56 -14.82
CA ALA B 327 -6.23 -29.29 -15.43
C ALA B 327 -7.30 -29.47 -16.51
N ILE B 328 -7.14 -30.50 -17.34
CA ILE B 328 -8.14 -30.75 -18.37
C ILE B 328 -9.47 -31.14 -17.74
N ASP B 329 -9.41 -31.89 -16.63
CA ASP B 329 -10.64 -32.26 -15.93
C ASP B 329 -11.37 -31.04 -15.37
N ALA B 330 -10.63 -30.00 -15.00
CA ALA B 330 -11.24 -28.79 -14.49
C ALA B 330 -11.66 -27.82 -15.58
N GLY B 331 -11.42 -28.17 -16.85
CA GLY B 331 -11.94 -27.41 -17.97
C GLY B 331 -11.01 -26.35 -18.52
N VAL B 332 -9.70 -26.64 -18.58
CA VAL B 332 -8.74 -25.68 -19.10
C VAL B 332 -9.02 -25.44 -20.58
N SER B 333 -8.85 -24.19 -21.01
CA SER B 333 -9.30 -23.83 -22.35
C SER B 333 -8.34 -24.32 -23.43
N SER B 334 -7.04 -24.27 -23.14
CA SER B 334 -6.04 -24.45 -24.17
C SER B 334 -4.84 -25.17 -23.58
N ILE B 335 -4.05 -25.78 -24.46
CA ILE B 335 -2.87 -26.56 -24.12
C ILE B 335 -1.74 -26.17 -25.06
N MET B 336 -0.54 -25.93 -24.50
CA MET B 336 0.65 -25.64 -25.28
C MET B 336 1.60 -26.81 -25.19
N PRO B 337 1.87 -27.52 -26.28
CA PRO B 337 2.91 -28.55 -26.26
C PRO B 337 4.31 -27.93 -26.26
N TYR B 338 5.28 -28.66 -25.72
CA TYR B 338 6.63 -28.13 -25.63
C TYR B 338 7.43 -28.39 -26.91
N TYR B 339 8.60 -27.76 -26.97
CA TYR B 339 9.52 -27.96 -28.11
C TYR B 339 10.12 -29.35 -28.11
N GLY B 340 10.23 -29.96 -26.92
CA GLY B 340 10.99 -31.18 -26.71
C GLY B 340 10.66 -32.39 -27.57
N VAL B 341 11.67 -33.24 -27.76
CA VAL B 341 11.56 -34.50 -28.49
C VAL B 341 11.58 -35.63 -27.47
N PRO B 342 10.50 -36.39 -27.32
CA PRO B 342 10.49 -37.49 -26.33
C PRO B 342 11.30 -38.68 -26.82
N VAL B 343 12.28 -39.09 -26.03
CA VAL B 343 13.24 -40.11 -26.43
C VAL B 343 12.81 -41.46 -25.87
N ASP B 344 12.45 -42.37 -26.79
CA ASP B 344 12.14 -43.75 -26.46
C ASP B 344 11.07 -43.80 -25.36
N VAL B 345 9.93 -43.20 -25.67
CA VAL B 345 8.82 -43.07 -24.74
C VAL B 345 7.70 -44.00 -25.21
N PRO B 346 7.34 -45.02 -24.44
CA PRO B 346 6.21 -45.88 -24.83
C PRO B 346 4.90 -45.11 -24.97
N VAL B 347 4.21 -45.34 -26.12
CA VAL B 347 2.89 -44.77 -26.35
C VAL B 347 1.93 -45.29 -25.31
N VAL B 348 1.25 -44.39 -24.60
CA VAL B 348 0.35 -44.82 -23.53
C VAL B 348 -0.92 -45.43 -24.12
N GLY B 349 -1.16 -46.70 -23.80
CA GLY B 349 -2.29 -47.44 -24.34
C GLY B 349 -2.14 -47.80 -25.81
N GLY B 350 -0.99 -48.36 -26.18
CA GLY B 350 -0.70 -48.74 -27.54
C GLY B 350 -0.10 -50.13 -27.58
N GLU B 351 0.22 -50.57 -28.78
CA GLU B 351 0.71 -51.95 -28.83
C GLU B 351 2.14 -52.00 -28.33
N PRO B 352 2.53 -53.11 -27.68
CA PRO B 352 3.75 -53.10 -26.87
C PRO B 352 4.99 -52.79 -27.69
N GLY B 353 5.93 -52.11 -27.04
CA GLY B 353 7.17 -51.72 -27.67
C GLY B 353 7.10 -50.47 -28.50
N GLU B 354 5.90 -49.92 -28.73
CA GLU B 354 5.74 -48.73 -29.56
C GLU B 354 6.08 -47.46 -28.78
N THR B 355 6.79 -46.54 -29.44
CA THR B 355 7.17 -45.27 -28.85
C THR B 355 6.76 -44.11 -29.74
N TYR B 356 6.58 -42.94 -29.11
CA TYR B 356 6.18 -41.73 -29.83
C TYR B 356 7.30 -41.29 -30.76
N PRO B 357 6.96 -40.65 -31.88
CA PRO B 357 7.99 -40.24 -32.85
C PRO B 357 9.05 -39.34 -32.21
N HIS B 358 10.29 -39.55 -32.62
CA HIS B 358 11.38 -38.68 -32.19
C HIS B 358 11.28 -37.37 -32.97
N THR B 359 10.28 -36.58 -32.58
CA THR B 359 10.04 -35.27 -33.17
C THR B 359 9.32 -34.42 -32.13
N GLY B 360 9.36 -33.11 -32.32
CA GLY B 360 8.70 -32.20 -31.40
C GLY B 360 7.26 -32.56 -31.09
N PHE B 361 6.83 -32.37 -29.83
CA PHE B 361 5.49 -32.76 -29.42
C PHE B 361 4.41 -32.18 -30.34
N ALA B 362 4.59 -30.95 -30.80
CA ALA B 362 3.51 -30.29 -31.55
C ALA B 362 3.28 -30.91 -32.91
N PHE B 363 4.26 -31.62 -33.45
CA PHE B 363 4.12 -32.25 -34.76
C PHE B 363 3.63 -33.69 -34.66
N SER B 364 3.45 -34.21 -33.45
CA SER B 364 3.11 -35.62 -33.22
C SER B 364 1.60 -35.79 -33.05
N ASP B 365 0.94 -36.32 -34.09
CA ASP B 365 -0.46 -36.71 -33.96
C ASP B 365 -0.64 -37.64 -32.78
N SER B 366 0.36 -38.48 -32.54
CA SER B 366 0.36 -39.37 -31.39
C SER B 366 0.11 -38.61 -30.10
N ILE B 367 0.65 -37.39 -29.98
CA ILE B 367 0.64 -36.66 -28.72
C ILE B 367 -0.57 -35.74 -28.63
N VAL B 368 -0.72 -34.86 -29.61
CA VAL B 368 -1.76 -33.85 -29.53
C VAL B 368 -3.11 -34.49 -29.76
N ASN B 369 -3.20 -35.34 -30.78
CA ASN B 369 -4.48 -35.94 -31.13
C ASN B 369 -4.71 -37.24 -30.38
N GLY B 370 -3.66 -38.03 -30.17
CA GLY B 370 -3.84 -39.30 -29.50
C GLY B 370 -3.85 -39.19 -27.98
N LEU B 371 -2.68 -38.87 -27.42
CA LEU B 371 -2.55 -38.77 -25.97
C LEU B 371 -3.49 -37.72 -25.39
N LEU B 372 -3.29 -36.45 -25.75
CA LEU B 372 -3.98 -35.36 -25.08
C LEU B 372 -5.50 -35.45 -25.28
N ARG B 373 -5.93 -35.64 -26.52
CA ARG B 373 -7.37 -35.62 -26.82
C ARG B 373 -8.03 -36.99 -26.63
N ASP B 374 -7.49 -38.06 -27.22
CA ASP B 374 -8.18 -39.35 -27.13
C ASP B 374 -7.98 -39.99 -25.76
N GLN B 375 -6.76 -39.99 -25.23
CA GLN B 375 -6.52 -40.66 -23.94
C GLN B 375 -6.96 -39.82 -22.75
N LEU B 376 -6.53 -38.56 -22.69
CA LEU B 376 -6.79 -37.74 -21.51
C LEU B 376 -8.05 -36.89 -21.63
N GLY B 377 -8.73 -36.92 -22.77
CA GLY B 377 -10.04 -36.33 -22.86
C GLY B 377 -10.08 -34.84 -23.12
N PHE B 378 -9.00 -34.25 -23.60
CA PHE B 378 -9.00 -32.81 -23.82
C PHE B 378 -9.94 -32.44 -24.97
N THR B 379 -10.78 -31.44 -24.70
CA THR B 379 -11.80 -30.98 -25.64
C THR B 379 -11.54 -29.57 -26.15
N GLY B 380 -10.47 -28.91 -25.69
CA GLY B 380 -10.17 -27.56 -26.06
C GLY B 380 -9.31 -27.46 -27.30
N TYR B 381 -8.64 -26.32 -27.43
CA TYR B 381 -7.75 -26.10 -28.56
C TYR B 381 -6.30 -26.10 -28.13
N VAL B 382 -5.41 -26.26 -29.11
CA VAL B 382 -3.99 -26.46 -28.87
C VAL B 382 -3.22 -25.31 -29.52
N ASN B 383 -2.37 -24.69 -28.72
CA ASN B 383 -1.65 -23.46 -29.04
C ASN B 383 -0.18 -23.85 -29.04
N SER B 384 0.46 -23.80 -30.20
CA SER B 384 1.87 -24.13 -30.26
C SER B 384 2.72 -23.18 -29.40
N ALA B 385 3.91 -23.66 -29.04
CA ALA B 385 4.93 -22.80 -28.49
C ALA B 385 5.48 -21.90 -29.60
N THR B 386 6.15 -20.83 -29.20
CA THR B 386 6.51 -19.81 -30.16
C THR B 386 7.73 -20.24 -30.99
N GLY B 387 7.60 -20.10 -32.31
CA GLY B 387 8.69 -20.32 -33.22
C GLY B 387 8.94 -21.75 -33.64
N ILE B 388 7.94 -22.64 -33.57
CA ILE B 388 8.19 -24.03 -33.98
C ILE B 388 8.32 -24.19 -35.50
N ILE B 389 7.79 -23.25 -36.27
CA ILE B 389 7.84 -23.42 -37.72
C ILE B 389 9.21 -23.05 -38.25
N ASN B 390 9.64 -21.82 -37.99
CA ASN B 390 10.90 -21.35 -38.54
C ASN B 390 12.14 -21.84 -37.80
N ASP B 391 12.09 -22.02 -36.48
CA ASP B 391 13.31 -22.16 -35.69
C ASP B 391 13.45 -23.45 -34.92
N ARG B 392 12.34 -23.97 -34.38
CA ARG B 392 12.39 -25.09 -33.46
C ARG B 392 11.46 -26.22 -33.91
N ALA B 393 11.61 -26.61 -35.20
CA ALA B 393 10.90 -27.75 -35.77
C ALA B 393 11.72 -29.03 -35.57
N TRP B 394 11.82 -29.45 -34.31
CA TRP B 394 12.74 -30.53 -33.94
C TRP B 394 12.28 -31.86 -34.53
N GLY B 395 13.15 -32.49 -35.31
CA GLY B 395 12.78 -33.66 -36.07
C GLY B 395 12.41 -33.36 -37.51
N LEU B 396 12.21 -32.10 -37.85
CA LEU B 396 11.78 -31.69 -39.17
C LEU B 396 12.81 -30.77 -39.79
N GLU B 397 14.06 -30.98 -39.40
CA GLU B 397 15.13 -30.09 -39.81
C GLU B 397 15.23 -29.96 -41.31
N GLY B 398 14.98 -31.05 -42.04
CA GLY B 398 15.10 -30.96 -43.48
C GLY B 398 13.89 -30.40 -44.21
N ASN B 399 12.75 -30.30 -43.52
CA ASN B 399 11.51 -29.93 -44.15
C ASN B 399 11.45 -28.43 -44.44
N THR B 400 10.60 -28.08 -45.40
CA THR B 400 10.32 -26.69 -45.71
C THR B 400 9.39 -26.11 -44.64
N VAL B 401 9.23 -24.79 -44.70
CA VAL B 401 8.26 -24.15 -43.82
C VAL B 401 6.84 -24.65 -44.08
N PRO B 402 6.33 -24.66 -45.32
CA PRO B 402 4.98 -25.24 -45.53
C PRO B 402 4.82 -26.66 -45.03
N GLU B 403 5.84 -27.49 -45.18
CA GLU B 403 5.79 -28.86 -44.68
C GLU B 403 5.63 -28.92 -43.17
N ARG B 404 6.29 -28.03 -42.41
CA ARG B 404 6.14 -28.04 -40.95
C ARG B 404 4.79 -27.49 -40.51
N VAL B 405 4.30 -26.44 -41.17
CA VAL B 405 2.96 -25.95 -40.84
C VAL B 405 1.95 -27.07 -41.09
N ALA B 406 2.15 -27.83 -42.17
CA ALA B 406 1.26 -28.97 -42.44
C ALA B 406 1.39 -30.03 -41.36
N ALA B 407 2.63 -30.36 -40.99
CA ALA B 407 2.83 -31.42 -40.01
C ALA B 407 2.19 -31.07 -38.67
N ALA B 408 2.36 -29.83 -38.22
CA ALA B 408 1.83 -29.43 -36.91
C ALA B 408 0.31 -29.28 -36.95
N ILE B 409 -0.22 -28.67 -38.00
CA ILE B 409 -1.66 -28.44 -38.01
C ILE B 409 -2.40 -29.79 -38.07
N ASN B 410 -1.90 -30.71 -38.90
CA ASN B 410 -2.47 -32.04 -39.02
C ASN B 410 -2.12 -32.91 -37.81
N GLY B 411 -0.98 -32.66 -37.17
CA GLY B 411 -0.66 -33.33 -35.92
C GLY B 411 -1.65 -33.08 -34.80
N GLY B 412 -2.42 -31.99 -34.89
CA GLY B 412 -3.48 -31.71 -33.94
C GLY B 412 -3.47 -30.28 -33.45
N THR B 413 -2.50 -29.50 -33.89
CA THR B 413 -2.29 -28.15 -33.38
C THR B 413 -3.14 -27.17 -34.17
N ASP B 414 -3.87 -26.32 -33.45
CA ASP B 414 -4.88 -25.44 -34.02
C ASP B 414 -4.39 -24.01 -34.29
N THR B 415 -3.40 -23.48 -33.56
CA THR B 415 -2.92 -22.12 -33.78
C THR B 415 -1.40 -22.09 -33.55
N LEU B 416 -0.69 -21.37 -34.43
CA LEU B 416 0.76 -21.41 -34.44
C LEU B 416 1.35 -20.08 -33.91
N SER B 417 1.85 -20.13 -32.68
CA SER B 417 2.51 -19.00 -32.03
C SER B 417 3.78 -18.59 -32.75
N GLY B 418 3.87 -17.33 -33.14
CA GLY B 418 5.08 -16.87 -33.79
C GLY B 418 5.05 -16.94 -35.31
N PHE B 419 4.05 -17.61 -35.89
CA PHE B 419 3.85 -17.67 -37.33
C PHE B 419 2.77 -16.66 -37.70
N SER B 420 3.03 -15.83 -38.72
CA SER B 420 2.14 -14.72 -39.04
C SER B 420 1.72 -14.63 -40.51
N ASP B 421 2.01 -15.63 -41.33
CA ASP B 421 1.79 -15.59 -42.78
C ASP B 421 0.64 -16.52 -43.17
N VAL B 422 -0.60 -16.02 -43.11
CA VAL B 422 -1.79 -16.79 -43.43
C VAL B 422 -1.69 -17.38 -44.84
N SER B 423 -1.03 -16.68 -45.76
CA SER B 423 -0.90 -17.16 -47.14
C SER B 423 -0.26 -18.53 -47.23
N VAL B 424 0.43 -18.98 -46.19
CA VAL B 424 1.00 -20.31 -46.21
C VAL B 424 -0.08 -21.35 -45.92
N ILE B 425 -1.00 -21.03 -45.00
CA ILE B 425 -2.07 -21.98 -44.73
C ILE B 425 -3.01 -22.05 -45.92
N THR B 426 -3.28 -20.93 -46.58
CA THR B 426 -4.18 -20.99 -47.73
C THR B 426 -3.48 -21.65 -48.92
N ASP B 427 -2.18 -21.44 -49.09
CA ASP B 427 -1.45 -22.18 -50.11
C ASP B 427 -1.53 -23.68 -49.86
N LEU B 428 -1.57 -24.09 -48.60
CA LEU B 428 -1.59 -25.51 -48.28
C LEU B 428 -2.94 -26.15 -48.53
N TYR B 429 -4.03 -25.36 -48.47
CA TYR B 429 -5.35 -25.89 -48.82
C TYR B 429 -5.45 -26.10 -50.33
N GLU B 430 -4.98 -25.12 -51.10
CA GLU B 430 -4.94 -25.17 -52.55
C GLU B 430 -4.08 -26.31 -53.09
N ALA B 431 -3.19 -26.87 -52.27
CA ALA B 431 -2.42 -28.05 -52.63
C ALA B 431 -2.95 -29.32 -51.97
N ASP B 432 -4.10 -29.25 -51.31
CA ASP B 432 -4.71 -30.38 -50.63
C ASP B 432 -3.81 -30.95 -49.53
N LEU B 433 -2.80 -30.24 -49.02
CA LEU B 433 -2.09 -30.84 -47.90
C LEU B 433 -2.70 -30.48 -46.56
N ILE B 434 -3.65 -29.57 -46.52
CA ILE B 434 -4.54 -29.41 -45.38
C ILE B 434 -5.96 -29.41 -45.92
N SER B 435 -6.84 -30.16 -45.26
CA SER B 435 -8.24 -30.19 -45.65
C SER B 435 -8.97 -28.97 -45.12
N GLU B 436 -10.01 -28.54 -45.87
CA GLU B 436 -10.90 -27.53 -45.33
C GLU B 436 -11.63 -28.07 -44.10
N GLU B 437 -11.77 -29.40 -44.03
CA GLU B 437 -12.31 -29.99 -42.82
C GLU B 437 -11.40 -29.70 -41.63
N ARG B 438 -10.08 -29.74 -41.84
CA ARG B 438 -9.16 -29.50 -40.74
C ARG B 438 -9.26 -28.05 -40.26
N ILE B 439 -9.31 -27.12 -41.20
CA ILE B 439 -9.42 -25.71 -40.88
C ILE B 439 -10.74 -25.40 -40.19
N ASP B 440 -11.84 -26.00 -40.69
CA ASP B 440 -13.13 -25.75 -40.04
C ASP B 440 -13.10 -26.24 -38.59
N LEU B 441 -12.50 -27.40 -38.36
CA LEU B 441 -12.37 -27.89 -36.99
C LEU B 441 -11.45 -26.98 -36.16
N ALA B 442 -10.43 -26.39 -36.79
CA ALA B 442 -9.61 -25.42 -36.08
C ALA B 442 -10.45 -24.21 -35.68
N ALA B 443 -11.12 -23.60 -36.67
CA ALA B 443 -11.97 -22.45 -36.40
C ALA B 443 -12.98 -22.74 -35.28
N GLU B 444 -13.55 -23.95 -35.26
CA GLU B 444 -14.59 -24.25 -34.27
C GLU B 444 -14.05 -24.25 -32.86
N ARG B 445 -12.87 -24.84 -32.66
CA ARG B 445 -12.28 -24.94 -31.31
C ARG B 445 -11.78 -23.58 -30.83
N LEU B 446 -11.36 -22.74 -31.76
CA LEU B 446 -10.86 -21.41 -31.42
C LEU B 446 -11.99 -20.42 -31.17
N LEU B 447 -13.07 -20.51 -31.96
CA LEU B 447 -14.17 -19.56 -31.81
C LEU B 447 -14.95 -19.83 -30.53
N GLU B 448 -15.07 -21.10 -30.16
CA GLU B 448 -15.85 -21.46 -28.97
C GLU B 448 -15.51 -20.61 -27.75
N PRO B 449 -14.25 -20.50 -27.31
CA PRO B 449 -13.99 -19.74 -26.08
C PRO B 449 -14.37 -18.28 -26.21
N LEU B 450 -14.08 -17.67 -27.36
CA LEU B 450 -14.50 -16.29 -27.58
C LEU B 450 -15.99 -16.10 -27.33
N PHE B 451 -16.81 -17.12 -27.61
CA PHE B 451 -18.25 -17.04 -27.38
C PHE B 451 -18.62 -17.22 -25.91
N ASP B 452 -18.17 -18.32 -25.30
CA ASP B 452 -18.66 -18.63 -23.96
C ASP B 452 -18.13 -17.64 -22.96
N MET B 453 -16.97 -17.04 -23.24
CA MET B 453 -16.47 -15.95 -22.44
C MET B 453 -17.19 -14.65 -22.74
N GLY B 454 -18.01 -14.63 -23.78
CA GLY B 454 -18.86 -13.50 -24.05
C GLY B 454 -18.24 -12.36 -24.80
N LEU B 455 -17.18 -12.62 -25.56
CA LEU B 455 -16.52 -11.50 -26.21
C LEU B 455 -17.27 -11.00 -27.43
N PHE B 456 -18.20 -11.81 -27.98
CA PHE B 456 -19.05 -11.36 -29.08
C PHE B 456 -20.11 -10.37 -28.62
N GLU B 457 -20.46 -10.41 -27.33
CA GLU B 457 -21.41 -9.44 -26.78
C GLU B 457 -20.72 -8.15 -26.36
N ASN B 458 -19.70 -8.26 -25.52
CA ASN B 458 -18.90 -7.13 -25.07
C ASN B 458 -17.43 -7.50 -24.95
N PRO B 459 -16.57 -6.97 -25.83
CA PRO B 459 -15.12 -7.21 -25.69
C PRO B 459 -14.31 -6.05 -25.11
N TYR B 460 -14.93 -5.02 -24.54
CA TYR B 460 -14.20 -3.86 -24.04
C TYR B 460 -14.10 -3.91 -22.52
N VAL B 461 -13.22 -3.04 -22.00
CA VAL B 461 -12.99 -2.88 -20.56
C VAL B 461 -12.88 -1.39 -20.32
N ASP B 462 -13.08 -0.99 -19.05
CA ASP B 462 -13.02 0.41 -18.68
C ASP B 462 -11.60 0.76 -18.23
N PRO B 463 -10.88 1.63 -18.97
CA PRO B 463 -9.54 2.04 -18.52
C PRO B 463 -9.47 2.53 -17.09
N ASP B 464 -10.47 3.29 -16.63
CA ASP B 464 -10.43 3.82 -15.28
C ASP B 464 -10.60 2.72 -14.23
N VAL B 465 -11.36 1.68 -14.54
CA VAL B 465 -11.54 0.58 -13.59
C VAL B 465 -10.26 -0.23 -13.46
N ALA B 466 -9.45 -0.26 -14.53
CA ALA B 466 -8.13 -0.89 -14.43
C ALA B 466 -7.24 -0.12 -13.48
N THR B 467 -7.21 1.21 -13.60
CA THR B 467 -6.43 2.03 -12.68
C THR B 467 -6.83 1.76 -11.24
N ALA B 468 -8.10 1.40 -11.02
CA ALA B 468 -8.65 1.14 -9.72
C ALA B 468 -8.50 -0.31 -9.27
N THR B 469 -8.03 -1.19 -10.15
CA THR B 469 -7.86 -2.61 -9.82
C THR B 469 -6.41 -3.05 -9.77
N VAL B 470 -5.62 -2.72 -10.80
CA VAL B 470 -4.25 -3.23 -10.94
C VAL B 470 -3.36 -2.65 -9.84
N GLY B 471 -2.98 -3.51 -8.88
CA GLY B 471 -2.09 -3.08 -7.81
C GLY B 471 -2.78 -2.41 -6.65
N ALA B 472 -4.06 -2.72 -6.43
CA ALA B 472 -4.83 -2.14 -5.35
C ALA B 472 -4.27 -2.55 -3.98
N ASP B 473 -4.59 -1.73 -2.96
CA ASP B 473 -4.05 -1.95 -1.61
C ASP B 473 -4.36 -3.34 -1.07
N ASP B 474 -5.63 -3.76 -1.07
CA ASP B 474 -5.92 -5.09 -0.55
C ASP B 474 -5.24 -6.18 -1.38
N HIS B 475 -5.11 -5.96 -2.70
CA HIS B 475 -4.41 -6.90 -3.55
C HIS B 475 -2.93 -7.00 -3.17
N ARG B 476 -2.29 -5.86 -2.90
CA ARG B 476 -0.87 -5.88 -2.58
C ARG B 476 -0.59 -6.59 -1.27
N ALA B 477 -1.51 -6.48 -0.31
CA ALA B 477 -1.30 -7.11 0.98
C ALA B 477 -1.41 -8.63 0.89
N VAL B 478 -2.32 -9.15 0.06
CA VAL B 478 -2.37 -10.59 -0.15
C VAL B 478 -1.04 -11.07 -0.72
N GLY B 479 -0.39 -10.22 -1.53
CA GLY B 479 0.94 -10.54 -1.99
C GLY B 479 1.95 -10.54 -0.86
N LEU B 480 1.99 -9.47 -0.07
CA LEU B 480 2.87 -9.43 1.09
C LEU B 480 2.63 -10.63 2.00
N ASP B 481 1.37 -11.03 2.16
CA ASP B 481 1.07 -12.20 2.98
C ASP B 481 1.74 -13.45 2.42
N LEU B 482 1.55 -13.72 1.13
CA LEU B 482 2.13 -14.93 0.55
C LEU B 482 3.65 -14.87 0.54
N GLN B 483 4.23 -13.68 0.39
CA GLN B 483 5.69 -13.55 0.46
C GLN B 483 6.23 -14.03 1.80
N ARG B 484 5.70 -13.50 2.90
CA ARG B 484 6.17 -13.92 4.22
C ARG B 484 5.99 -15.42 4.43
N LYS B 485 4.92 -15.99 3.87
CA LYS B 485 4.64 -17.41 4.05
C LYS B 485 5.37 -18.28 3.05
N SER B 486 5.99 -17.69 2.03
CA SER B 486 6.79 -18.43 1.07
C SER B 486 8.16 -18.77 1.64
N LEU B 487 8.63 -17.99 2.59
CA LEU B 487 9.96 -18.15 3.17
C LEU B 487 10.08 -19.48 3.90
N VAL B 488 11.17 -20.21 3.66
CA VAL B 488 11.44 -21.48 4.32
C VAL B 488 12.73 -21.37 5.11
N LEU B 489 12.65 -21.62 6.41
CA LEU B 489 13.81 -21.67 7.29
C LEU B 489 14.48 -23.03 7.12
N LEU B 490 15.70 -23.02 6.57
CA LEU B 490 16.46 -24.24 6.29
C LEU B 490 17.33 -24.66 7.46
N GLN B 491 17.76 -23.72 8.29
CA GLN B 491 18.76 -23.96 9.32
C GLN B 491 18.69 -22.84 10.33
N ASN B 492 18.70 -23.18 11.62
CA ASN B 492 18.65 -22.16 12.69
C ASN B 492 19.47 -22.70 13.86
N GLU B 493 20.76 -22.37 13.87
CA GLU B 493 21.69 -22.75 14.93
C GLU B 493 21.20 -22.24 16.28
N GLU B 494 21.48 -23.01 17.34
CA GLU B 494 21.35 -22.54 18.72
C GLU B 494 22.73 -22.26 19.30
N THR B 495 23.02 -20.97 19.53
CA THR B 495 24.17 -20.59 20.34
C THR B 495 23.76 -20.62 21.82
N ASP B 496 24.69 -20.22 22.68
CA ASP B 496 24.44 -20.25 24.11
C ASP B 496 23.40 -19.22 24.58
N GLU B 497 23.11 -18.20 23.76
CA GLU B 497 22.15 -17.16 24.12
C GLU B 497 20.74 -17.44 23.59
N GLY B 498 20.53 -18.61 22.99
CA GLY B 498 19.28 -18.95 22.35
C GLY B 498 19.49 -19.10 20.85
N PRO B 499 18.42 -19.35 20.10
CA PRO B 499 18.56 -19.50 18.65
C PRO B 499 18.90 -18.19 17.95
N VAL B 500 19.64 -18.32 16.85
CA VAL B 500 20.11 -17.14 16.09
C VAL B 500 18.93 -16.31 15.63
N LEU B 501 17.92 -16.96 15.05
CA LEU B 501 16.71 -16.32 14.62
C LEU B 501 15.57 -16.65 15.58
N PRO B 502 14.68 -15.69 15.87
CA PRO B 502 14.66 -14.35 15.27
C PRO B 502 15.75 -13.43 15.76
N LEU B 503 16.16 -12.45 14.93
CA LEU B 503 17.03 -11.40 15.41
C LEU B 503 16.42 -10.78 16.66
N LYS B 504 17.26 -10.51 17.64
CA LYS B 504 16.78 -9.70 18.74
C LYS B 504 17.04 -8.23 18.43
N GLU B 505 16.28 -7.38 19.10
CA GLU B 505 16.24 -5.96 18.81
C GLU B 505 17.61 -5.30 18.90
N GLY B 506 17.93 -4.47 17.90
CA GLY B 506 19.09 -3.61 17.94
C GLY B 506 20.42 -4.31 17.78
N GLY B 507 21.43 -3.59 17.33
CA GLY B 507 22.77 -4.12 17.20
C GLY B 507 23.47 -3.56 15.98
N ASP B 508 24.79 -3.71 15.94
CA ASP B 508 25.56 -3.45 14.74
C ASP B 508 25.36 -4.61 13.77
N VAL B 509 24.87 -4.33 12.56
CA VAL B 509 24.57 -5.37 11.58
C VAL B 509 25.27 -5.08 10.27
N TYR B 510 25.95 -6.09 9.73
CA TYR B 510 26.58 -6.03 8.41
C TYR B 510 25.63 -6.60 7.37
N ILE B 511 25.47 -5.92 6.24
CA ILE B 511 24.61 -6.37 5.16
C ILE B 511 25.41 -6.54 3.88
N LEU B 512 25.07 -7.56 3.10
CA LEU B 512 25.70 -7.85 1.80
C LEU B 512 24.68 -8.56 0.92
N GLY B 513 24.56 -8.14 -0.33
CA GLY B 513 23.50 -8.64 -1.18
C GLY B 513 22.41 -7.61 -1.36
N ASP B 514 21.30 -8.05 -1.95
CA ASP B 514 20.20 -7.13 -2.27
C ASP B 514 19.40 -6.78 -1.01
N PHE B 515 20.04 -6.07 -0.07
CA PHE B 515 19.39 -5.46 1.08
C PHE B 515 19.43 -3.96 0.90
N THR B 516 18.31 -3.29 1.14
CA THR B 516 18.32 -1.83 1.20
C THR B 516 18.68 -1.37 2.62
N GLU B 517 19.80 -0.64 2.73
CA GLU B 517 20.30 -0.20 4.03
C GLU B 517 19.22 0.53 4.84
N GLU B 518 18.61 1.56 4.26
CA GLU B 518 17.68 2.37 5.05
C GLU B 518 16.53 1.53 5.59
N THR B 519 15.93 0.64 4.79
CA THR B 519 14.83 -0.15 5.35
C THR B 519 15.32 -1.05 6.47
N VAL B 520 16.54 -1.58 6.35
CA VAL B 520 17.10 -2.36 7.46
C VAL B 520 17.44 -1.44 8.63
N GLU B 521 18.05 -0.28 8.36
CA GLU B 521 18.23 0.74 9.37
C GLU B 521 16.90 1.03 10.08
N SER B 522 15.81 1.10 9.31
CA SER B 522 14.51 1.48 9.85
C SER B 522 14.00 0.49 10.89
N TYR B 523 14.52 -0.75 10.92
CA TYR B 523 14.13 -1.70 11.96
C TYR B 523 14.92 -1.54 13.25
N GLY B 524 15.65 -0.44 13.41
CA GLY B 524 16.32 -0.15 14.66
C GLY B 524 17.67 -0.81 14.77
N TYR B 525 18.40 -0.81 13.66
CA TYR B 525 19.72 -1.36 13.59
C TYR B 525 20.71 -0.32 13.11
N GLU B 526 21.93 -0.40 13.60
CA GLU B 526 23.04 0.34 13.04
C GLU B 526 23.68 -0.59 12.02
N VAL B 527 23.71 -0.16 10.76
CA VAL B 527 23.93 -1.07 9.64
C VAL B 527 25.27 -0.77 8.98
N THR B 528 26.07 -1.82 8.77
CA THR B 528 27.31 -1.74 8.03
C THR B 528 27.08 -2.19 6.59
N ASN B 529 27.36 -1.31 5.63
CA ASN B 529 27.03 -1.62 4.24
C ASN B 529 28.24 -2.12 3.45
N GLY B 530 28.26 -3.44 3.22
CA GLY B 530 29.27 -4.13 2.46
C GLY B 530 29.14 -4.04 0.95
N ASN B 531 28.07 -3.46 0.43
CA ASN B 531 27.93 -3.35 -1.01
C ASN B 531 28.64 -2.07 -1.45
N VAL B 532 29.86 -2.22 -1.95
CA VAL B 532 30.63 -1.07 -2.39
C VAL B 532 31.02 -1.29 -3.84
N ALA B 533 31.44 -0.22 -4.50
CA ALA B 533 31.78 -0.32 -5.95
C ALA B 533 33.05 -1.15 -6.18
N GLU B 534 33.68 -0.99 -7.35
CA GLU B 534 34.85 -1.83 -7.70
C GLU B 534 36.15 -1.13 -7.27
N GLY B 535 36.27 0.18 -7.54
CA GLY B 535 37.47 0.91 -7.11
C GLY B 535 37.42 1.13 -5.62
N GLU B 536 36.21 1.26 -5.08
CA GLU B 536 36.05 1.54 -3.65
C GLU B 536 36.53 0.34 -2.84
N GLU B 537 36.54 0.47 -1.53
CA GLU B 537 37.07 -0.61 -0.68
C GLU B 537 35.98 -1.06 0.28
N ARG B 538 35.98 -2.34 0.60
CA ARG B 538 34.92 -2.90 1.43
C ARG B 538 35.23 -2.77 2.92
N PRO B 539 34.30 -2.24 3.73
CA PRO B 539 34.49 -2.25 5.18
C PRO B 539 34.40 -3.65 5.73
N SER B 540 35.15 -3.91 6.79
CA SER B 540 35.21 -5.24 7.37
C SER B 540 33.99 -5.49 8.25
N ALA B 541 33.53 -6.73 8.26
CA ALA B 541 32.39 -7.13 9.07
C ALA B 541 32.75 -7.51 10.50
N ALA B 542 33.99 -7.29 10.92
CA ALA B 542 34.41 -7.68 12.26
C ALA B 542 33.66 -6.88 13.34
N GLY B 543 33.22 -7.58 14.38
CA GLY B 543 32.59 -6.89 15.48
C GLY B 543 31.14 -6.53 15.26
N SER B 544 30.48 -7.17 14.30
CA SER B 544 29.06 -6.97 14.07
C SER B 544 28.30 -8.12 14.70
N ASP B 545 27.14 -7.79 15.31
CA ASP B 545 26.31 -8.81 15.95
C ASP B 545 25.67 -9.73 14.93
N TYR B 546 25.37 -9.21 13.76
CA TYR B 546 24.67 -9.95 12.72
C TYR B 546 25.28 -9.63 11.36
N VAL B 547 25.46 -10.66 10.54
CA VAL B 547 25.74 -10.50 9.12
C VAL B 547 24.57 -11.09 8.34
N LEU B 548 23.91 -10.25 7.56
CA LEU B 548 22.79 -10.66 6.72
C LEU B 548 23.26 -10.63 5.28
N ILE B 549 23.30 -11.79 4.64
CA ILE B 549 23.66 -11.89 3.22
C ILE B 549 22.43 -12.38 2.48
N SER B 550 22.10 -11.71 1.39
CA SER B 550 21.03 -12.12 0.49
C SER B 550 21.69 -12.44 -0.85
N MET B 551 21.63 -13.71 -1.25
CA MET B 551 22.48 -14.19 -2.33
C MET B 551 21.69 -15.11 -3.24
N THR B 552 22.22 -15.26 -4.45
CA THR B 552 21.67 -16.16 -5.44
C THR B 552 22.77 -16.44 -6.45
N ALA B 553 22.44 -17.14 -7.52
CA ALA B 553 23.35 -17.28 -8.64
C ALA B 553 22.58 -17.07 -9.92
N LYS B 554 23.17 -16.31 -10.85
CA LYS B 554 22.59 -16.12 -12.16
C LYS B 554 23.51 -16.70 -13.22
N THR B 555 22.94 -17.02 -14.38
CA THR B 555 23.73 -17.31 -15.55
C THR B 555 24.24 -16.02 -16.18
N ASN B 556 25.35 -16.14 -16.90
CA ASN B 556 25.92 -15.05 -17.69
C ASN B 556 26.44 -15.67 -18.98
N ALA B 557 25.52 -16.09 -19.87
CA ALA B 557 25.89 -16.88 -21.03
C ALA B 557 25.67 -16.14 -22.34
N GLY B 558 25.52 -14.82 -22.27
CA GLY B 558 25.24 -14.00 -23.44
C GLY B 558 26.32 -14.01 -24.49
N ASP B 559 27.54 -14.50 -24.16
CA ASP B 559 28.60 -14.58 -25.15
C ASP B 559 28.52 -15.81 -26.04
N TYR B 560 27.69 -16.80 -25.68
CA TYR B 560 27.67 -18.05 -26.41
C TYR B 560 27.38 -17.87 -27.89
N VAL B 561 28.15 -18.57 -28.73
CA VAL B 561 27.95 -18.60 -30.17
C VAL B 561 28.14 -20.03 -30.66
N SER B 562 27.15 -20.56 -31.38
CA SER B 562 27.14 -21.98 -31.72
C SER B 562 28.28 -22.34 -32.67
N ASP B 563 28.51 -21.54 -33.69
CA ASP B 563 29.49 -21.84 -34.71
C ASP B 563 30.84 -21.14 -34.46
N ASP B 564 31.09 -20.71 -33.23
CA ASP B 564 32.37 -20.12 -32.90
C ASP B 564 33.36 -21.20 -32.49
N PRO B 565 34.50 -21.32 -33.15
CA PRO B 565 35.47 -22.36 -32.77
C PRO B 565 35.94 -22.26 -31.34
N SER B 566 35.82 -21.09 -30.69
CA SER B 566 36.24 -20.91 -29.31
C SER B 566 35.15 -21.23 -28.31
N LEU B 567 33.94 -21.51 -28.80
CA LEU B 567 32.79 -21.68 -27.92
C LEU B 567 32.02 -22.94 -28.27
N GLY B 568 31.04 -22.83 -29.18
CA GLY B 568 30.16 -23.97 -29.49
C GLY B 568 30.84 -25.07 -30.29
N LEU B 569 31.85 -24.73 -31.07
CA LEU B 569 32.65 -25.68 -31.85
C LEU B 569 34.06 -25.81 -31.27
N ASN B 570 34.18 -25.79 -29.96
CA ASN B 570 35.47 -25.87 -29.30
C ASN B 570 35.64 -27.27 -28.72
N PRO B 571 36.54 -28.09 -29.27
CA PRO B 571 36.69 -29.47 -28.75
C PRO B 571 37.00 -29.53 -27.27
N ASP B 572 37.58 -28.47 -26.69
CA ASP B 572 37.91 -28.51 -25.27
C ASP B 572 36.67 -28.42 -24.38
N HIS B 573 35.53 -27.99 -24.92
CA HIS B 573 34.30 -28.03 -24.14
C HIS B 573 33.64 -29.40 -24.18
N GLY B 574 34.20 -30.37 -24.90
CA GLY B 574 33.67 -31.72 -24.87
C GLY B 574 32.61 -31.93 -25.94
N THR B 575 31.78 -32.95 -25.71
CA THR B 575 30.76 -33.32 -26.74
C THR B 575 29.37 -33.37 -26.11
N ASN B 576 28.33 -33.25 -26.94
CA ASN B 576 26.94 -33.34 -26.43
C ASN B 576 26.59 -34.82 -26.29
N PRO B 577 26.48 -35.34 -25.05
CA PRO B 577 26.18 -36.75 -24.83
C PRO B 577 24.77 -37.13 -25.32
N SER B 578 23.95 -36.12 -25.61
CA SER B 578 22.55 -36.38 -26.06
C SER B 578 22.57 -37.12 -27.40
N VAL B 579 21.80 -38.21 -27.48
CA VAL B 579 21.69 -38.96 -28.77
C VAL B 579 20.21 -39.06 -29.13
N ILE B 580 19.82 -38.52 -30.28
CA ILE B 580 18.42 -38.70 -30.76
C ILE B 580 18.51 -39.29 -32.16
N ILE B 581 18.15 -40.56 -32.30
CA ILE B 581 18.19 -41.22 -33.64
C ILE B 581 16.87 -40.90 -34.34
N GLY B 582 16.96 -40.12 -35.41
CA GLY B 582 15.78 -39.80 -36.18
C GLY B 582 14.97 -41.05 -36.46
N ASP B 583 13.65 -40.89 -36.56
CA ASP B 583 12.80 -42.03 -36.89
C ASP B 583 13.23 -42.71 -38.18
N ASP B 584 13.90 -41.99 -39.07
CA ASP B 584 14.47 -42.56 -40.28
C ASP B 584 15.69 -43.42 -40.01
N GLY B 585 16.12 -43.57 -38.75
CA GLY B 585 17.24 -44.41 -38.40
C GLY B 585 18.56 -43.68 -38.29
N GLU B 586 18.64 -42.45 -38.78
CA GLU B 586 19.91 -41.77 -38.61
C GLU B 586 19.75 -40.60 -37.63
N PRO B 587 20.79 -40.27 -36.89
CA PRO B 587 20.65 -39.30 -35.80
C PRO B 587 20.37 -37.89 -36.29
N LEU B 588 19.71 -37.12 -35.43
CA LEU B 588 19.56 -35.70 -35.66
C LEU B 588 20.93 -35.03 -35.60
N PRO B 589 21.18 -34.01 -36.46
CA PRO B 589 22.48 -33.37 -36.51
C PRO B 589 22.92 -32.87 -35.13
N GLY B 590 24.09 -33.33 -34.66
CA GLY B 590 24.63 -32.84 -33.37
C GLY B 590 24.12 -33.61 -32.18
N LEU B 591 23.26 -34.61 -32.41
CA LEU B 591 22.78 -35.45 -31.30
C LEU B 591 23.19 -36.90 -31.56
N ASP B 592 24.46 -37.12 -31.89
CA ASP B 592 24.99 -38.49 -32.13
C ASP B 592 25.77 -38.92 -30.90
N GLY B 593 25.89 -38.06 -29.89
CA GLY B 593 26.66 -38.37 -28.66
C GLY B 593 28.15 -38.18 -28.89
N GLN B 594 28.54 -37.66 -30.04
CA GLN B 594 29.97 -37.53 -30.39
C GLN B 594 30.18 -36.21 -31.11
N SER B 595 29.29 -35.25 -30.87
CA SER B 595 29.34 -33.99 -31.60
C SER B 595 29.67 -32.82 -30.69
N LEU B 596 30.34 -31.82 -31.28
CA LEU B 596 30.53 -30.55 -30.60
C LEU B 596 29.18 -29.97 -30.19
N TRP B 597 29.17 -29.25 -29.07
CA TRP B 597 27.93 -28.68 -28.55
C TRP B 597 27.22 -27.82 -29.60
N GLY B 598 27.98 -27.01 -30.34
CA GLY B 598 27.38 -26.14 -31.35
C GLY B 598 26.82 -26.87 -32.56
N ALA B 599 27.18 -28.13 -32.77
CA ALA B 599 26.90 -28.80 -34.04
C ALA B 599 25.42 -29.06 -34.27
N ALA B 600 24.59 -29.07 -33.24
CA ALA B 600 23.16 -29.24 -33.47
C ALA B 600 22.53 -28.01 -34.11
N ASP B 601 23.14 -26.84 -33.94
CA ASP B 601 22.53 -25.62 -34.45
C ASP B 601 22.51 -25.65 -35.97
N VAL B 602 21.40 -25.18 -36.53
CA VAL B 602 21.20 -25.16 -37.97
C VAL B 602 22.26 -24.34 -38.69
N CYS B 603 22.83 -23.32 -38.04
CA CYS B 603 23.86 -22.56 -38.74
C CYS B 603 25.09 -23.41 -39.02
N VAL B 604 25.29 -24.48 -38.26
CA VAL B 604 26.43 -25.36 -38.47
C VAL B 604 26.09 -26.49 -39.42
N HIS B 605 24.98 -27.20 -39.16
CA HIS B 605 24.67 -28.36 -40.00
C HIS B 605 23.96 -27.97 -41.29
N LYS B 606 23.33 -26.79 -41.34
CA LYS B 606 22.79 -26.18 -42.56
C LYS B 606 21.78 -27.07 -43.28
N GLU B 607 21.14 -27.98 -42.55
CA GLU B 607 20.07 -28.79 -43.13
C GLU B 607 18.79 -27.97 -43.20
N GLY B 608 18.10 -28.05 -44.32
CA GLY B 608 16.92 -27.26 -44.56
C GLY B 608 17.06 -26.54 -45.88
N HIS B 609 16.11 -25.64 -46.16
CA HIS B 609 16.07 -25.01 -47.46
C HIS B 609 16.48 -23.54 -47.47
N GLU B 610 17.25 -23.06 -46.50
CA GLU B 610 17.72 -21.68 -46.52
C GLU B 610 19.25 -21.73 -46.64
N GLU B 611 19.86 -20.78 -47.36
CA GLU B 611 21.13 -21.12 -48.01
C GLU B 611 22.21 -21.19 -46.93
N ASN B 612 22.30 -20.08 -46.15
CA ASN B 612 23.24 -19.85 -45.04
C ASN B 612 22.44 -19.46 -43.80
N PRO B 613 21.93 -20.44 -43.06
CA PRO B 613 21.10 -20.11 -41.88
C PRO B 613 21.86 -19.41 -40.76
N SER B 614 21.15 -18.51 -40.07
CA SER B 614 21.58 -17.92 -38.80
C SER B 614 21.49 -18.95 -37.67
N CYS B 615 22.26 -18.73 -36.61
CA CYS B 615 22.24 -19.61 -35.45
C CYS B 615 20.99 -19.39 -34.62
N THR B 616 20.36 -20.48 -34.17
CA THR B 616 19.24 -20.38 -33.25
C THR B 616 19.66 -20.19 -31.80
N ASP B 617 20.86 -20.65 -31.43
CA ASP B 617 21.23 -20.73 -30.02
C ASP B 617 22.08 -19.56 -29.54
N ASN B 618 22.49 -18.66 -30.42
CA ASN B 618 23.40 -17.58 -30.02
C ASN B 618 22.78 -16.71 -28.93
N ARG B 619 23.60 -16.40 -27.92
CA ARG B 619 23.34 -15.50 -26.81
C ARG B 619 22.50 -16.19 -25.72
N LEU B 620 22.02 -17.41 -25.94
CA LEU B 620 21.14 -18.12 -25.02
C LEU B 620 20.15 -17.15 -24.37
N ARG B 621 19.45 -16.44 -25.25
CA ARG B 621 18.62 -15.31 -24.86
C ARG B 621 17.53 -15.69 -23.88
N PHE B 622 17.01 -16.92 -23.94
CA PHE B 622 15.87 -17.26 -23.11
C PHE B 622 16.28 -17.67 -21.71
N GLY B 623 17.56 -17.91 -21.47
CA GLY B 623 18.04 -18.43 -20.19
C GLY B 623 18.91 -19.65 -20.38
N GLY B 624 19.48 -20.08 -19.26
CA GLY B 624 20.33 -21.26 -19.23
C GLY B 624 21.79 -20.93 -19.38
N ALA B 625 22.62 -21.88 -18.93
CA ALA B 625 24.07 -21.73 -18.89
C ALA B 625 24.68 -22.25 -20.18
N TYR B 626 25.98 -22.07 -20.33
CA TYR B 626 26.70 -22.77 -21.38
C TYR B 626 26.34 -24.26 -21.28
N PRO B 627 26.06 -24.93 -22.39
CA PRO B 627 25.61 -26.34 -22.29
C PRO B 627 26.60 -27.22 -21.54
N TRP B 628 27.89 -26.87 -21.57
CA TRP B 628 28.94 -27.65 -20.95
C TRP B 628 29.14 -27.28 -19.49
N GLU B 629 28.31 -26.40 -18.93
CA GLU B 629 28.40 -26.07 -17.51
C GLU B 629 27.06 -26.22 -16.83
N SER B 630 26.07 -26.75 -17.55
CA SER B 630 24.70 -26.86 -17.06
C SER B 630 24.58 -27.66 -15.76
N SER B 631 25.57 -28.49 -15.41
CA SER B 631 25.47 -29.29 -14.20
C SER B 631 26.19 -28.67 -13.02
N ILE B 632 26.82 -27.51 -13.21
CA ILE B 632 27.46 -26.82 -12.10
C ILE B 632 26.42 -26.03 -11.30
N LEU B 633 25.79 -26.67 -10.33
CA LEU B 633 24.83 -26.01 -9.48
C LEU B 633 25.37 -25.82 -8.07
N ASP B 634 26.65 -26.11 -7.84
CA ASP B 634 27.25 -25.89 -6.55
C ASP B 634 27.87 -24.50 -6.51
N PHE B 635 27.76 -23.84 -5.36
CA PHE B 635 28.21 -22.42 -5.27
C PHE B 635 29.73 -22.29 -5.52
N THR B 636 30.52 -23.27 -5.07
CA THR B 636 31.98 -23.24 -5.32
C THR B 636 32.22 -23.44 -6.83
N GLY B 637 31.57 -24.43 -7.44
CA GLY B 637 31.71 -24.62 -8.87
C GLY B 637 31.30 -23.38 -9.64
N MET B 638 30.16 -22.81 -9.29
CA MET B 638 29.60 -21.72 -10.08
C MET B 638 30.50 -20.50 -10.00
N GLU B 639 31.16 -20.30 -8.86
CA GLU B 639 32.11 -19.20 -8.71
C GLU B 639 33.14 -19.22 -9.81
N ALA B 640 33.68 -20.40 -10.11
CA ALA B 640 34.74 -20.55 -11.11
C ALA B 640 34.21 -20.74 -12.52
N ALA B 641 32.95 -21.08 -12.68
CA ALA B 641 32.39 -21.32 -14.00
C ALA B 641 32.51 -20.07 -14.89
N GLU B 642 32.51 -20.31 -16.21
CA GLU B 642 32.59 -19.23 -17.18
C GLU B 642 31.28 -18.47 -17.31
N SER B 643 30.17 -19.18 -17.25
CA SER B 643 28.86 -18.60 -17.55
C SER B 643 27.93 -18.62 -16.34
N TRP B 644 28.44 -18.92 -15.15
CA TRP B 644 27.69 -18.75 -13.91
C TRP B 644 28.34 -17.60 -13.15
N GLU B 645 27.53 -16.90 -12.37
CA GLU B 645 27.95 -15.79 -11.53
C GLU B 645 27.26 -15.88 -10.17
N VAL B 646 28.04 -15.86 -9.09
CA VAL B 646 27.47 -15.77 -7.74
C VAL B 646 27.38 -14.30 -7.34
N VAL B 647 26.23 -13.93 -6.78
CA VAL B 647 25.94 -12.56 -6.38
C VAL B 647 25.43 -12.60 -4.94
N PRO B 648 26.16 -12.03 -3.96
CA PRO B 648 27.46 -11.42 -4.18
C PRO B 648 28.47 -12.54 -4.37
N SER B 649 29.64 -12.27 -4.97
CA SER B 649 30.61 -13.31 -5.27
C SER B 649 30.91 -14.17 -4.04
N LEU B 650 31.10 -15.47 -4.27
CA LEU B 650 31.38 -16.39 -3.14
C LEU B 650 32.71 -15.97 -2.48
N GLU B 651 33.66 -15.44 -3.25
CA GLU B 651 34.89 -14.96 -2.65
C GLU B 651 34.62 -13.95 -1.55
N THR B 652 33.81 -12.92 -1.87
CA THR B 652 33.48 -11.88 -0.91
C THR B 652 32.75 -12.46 0.31
N ILE B 653 31.76 -13.31 0.05
CA ILE B 653 31.01 -13.98 1.12
C ILE B 653 31.97 -14.68 2.09
N GLN B 654 32.98 -15.35 1.55
CA GLN B 654 33.91 -16.12 2.42
C GLN B 654 34.75 -15.13 3.23
N GLU B 655 35.34 -14.13 2.58
CA GLU B 655 36.00 -13.07 3.31
C GLU B 655 35.12 -12.58 4.46
N VAL B 656 33.90 -12.16 4.12
CA VAL B 656 32.99 -11.59 5.12
C VAL B 656 32.71 -12.61 6.22
N MET B 657 32.41 -13.85 5.85
CA MET B 657 32.13 -14.86 6.85
C MET B 657 33.33 -15.19 7.72
N ALA B 658 34.54 -14.78 7.32
CA ALA B 658 35.68 -14.94 8.19
C ALA B 658 35.94 -13.71 9.05
N GLU B 659 35.69 -12.51 8.51
CA GLU B 659 35.94 -11.27 9.23
C GLU B 659 35.10 -11.20 10.50
N VAL B 660 33.81 -11.50 10.38
CA VAL B 660 33.06 -11.86 11.57
C VAL B 660 33.67 -13.16 12.04
N GLU B 661 34.26 -13.15 13.23
CA GLU B 661 34.97 -14.37 13.67
C GLU B 661 33.94 -15.49 13.77
N ASP B 662 32.85 -15.28 14.49
CA ASP B 662 31.89 -16.39 14.68
C ASP B 662 30.96 -16.46 13.47
N PRO B 663 30.98 -17.57 12.72
CA PRO B 663 30.12 -17.71 11.55
C PRO B 663 28.68 -18.00 12.00
N SER B 664 28.45 -18.14 13.30
CA SER B 664 27.09 -18.45 13.82
C SER B 664 26.23 -17.19 13.88
N LYS B 665 26.78 -16.04 13.53
CA LYS B 665 26.01 -14.77 13.54
C LYS B 665 25.73 -14.37 12.09
N VAL B 666 25.94 -15.28 11.15
CA VAL B 666 25.64 -15.03 9.75
C VAL B 666 24.31 -15.69 9.40
N ILE B 667 23.44 -14.92 8.76
CA ILE B 667 22.15 -15.39 8.30
C ILE B 667 22.16 -15.31 6.78
N LEU B 668 21.97 -16.45 6.11
CA LEU B 668 21.92 -16.47 4.65
C LEU B 668 20.46 -16.52 4.18
N HIS B 669 20.10 -15.56 3.33
CA HIS B 669 18.89 -15.61 2.53
C HIS B 669 19.33 -15.92 1.11
N VAL B 670 18.98 -17.12 0.64
CA VAL B 670 19.39 -17.62 -0.67
C VAL B 670 18.16 -17.69 -1.55
N TYR B 671 18.24 -17.10 -2.73
CA TYR B 671 17.20 -17.26 -3.74
C TYR B 671 17.55 -18.49 -4.59
N PHE B 672 16.88 -19.61 -4.30
CA PHE B 672 17.11 -20.85 -5.05
C PHE B 672 16.34 -20.80 -6.37
N ARG B 673 16.87 -19.98 -7.28
CA ARG B 673 16.29 -19.89 -8.61
C ARG B 673 16.28 -21.24 -9.29
N GLN B 674 17.34 -22.01 -9.11
CA GLN B 674 17.40 -23.42 -9.46
C GLN B 674 17.83 -24.15 -8.19
N PRO B 675 17.55 -25.46 -8.06
CA PRO B 675 17.91 -26.18 -6.83
C PRO B 675 19.42 -26.19 -6.56
N TYR B 676 19.93 -25.07 -6.06
CA TYR B 676 21.36 -24.88 -5.89
C TYR B 676 21.94 -25.74 -4.79
N VAL B 677 23.25 -25.97 -4.90
CA VAL B 677 24.02 -26.87 -4.05
C VAL B 677 24.88 -26.05 -3.10
N LEU B 678 24.59 -26.15 -1.81
CA LEU B 678 25.46 -25.64 -0.75
C LEU B 678 26.57 -26.66 -0.52
N ASP B 679 27.64 -26.54 -1.31
CA ASP B 679 28.79 -27.46 -1.18
C ASP B 679 29.50 -27.19 0.14
N GLU B 680 30.12 -28.21 0.73
CA GLU B 680 30.79 -28.06 2.04
C GLU B 680 31.97 -27.09 1.91
N GLU B 681 32.70 -27.18 0.79
CA GLU B 681 33.89 -26.32 0.59
C GLU B 681 33.43 -24.86 0.61
N SER B 682 32.14 -24.60 0.41
CA SER B 682 31.61 -23.22 0.39
C SER B 682 31.75 -22.56 1.76
N GLY B 683 31.57 -23.33 2.83
CA GLY B 683 31.59 -22.74 4.18
C GLY B 683 30.27 -22.09 4.47
N LEU B 684 29.39 -22.06 3.46
CA LEU B 684 28.05 -21.46 3.63
C LEU B 684 27.27 -22.29 4.65
N ARG B 685 27.41 -23.61 4.58
CA ARG B 685 26.66 -24.46 5.49
C ARG B 685 26.85 -24.09 6.95
N ASP B 686 27.97 -23.47 7.29
CA ASP B 686 28.26 -23.08 8.66
C ASP B 686 27.67 -21.75 9.04
N ALA B 687 26.70 -21.28 8.25
CA ALA B 687 25.99 -20.05 8.56
C ALA B 687 25.09 -20.25 9.78
N GLY B 688 24.88 -19.17 10.52
CA GLY B 688 24.05 -19.24 11.70
C GLY B 688 22.59 -19.50 11.41
N ALA B 689 22.12 -19.09 10.23
CA ALA B 689 20.78 -19.43 9.78
C ALA B 689 20.77 -19.39 8.26
N ILE B 690 20.02 -20.31 7.67
CA ILE B 690 19.83 -20.30 6.23
C ILE B 690 18.35 -20.35 5.94
N LEU B 691 17.90 -19.47 5.05
CA LEU B 691 16.54 -19.50 4.54
C LEU B 691 16.55 -19.62 3.02
N ALA B 692 15.62 -20.38 2.50
CA ALA B 692 15.33 -20.38 1.06
C ALA B 692 14.23 -19.36 0.82
N GLY B 693 14.55 -18.30 0.06
CA GLY B 693 13.57 -17.29 -0.33
C GLY B 693 13.24 -17.37 -1.80
N PHE B 694 11.97 -17.19 -2.13
CA PHE B 694 11.50 -17.29 -3.52
C PHE B 694 11.02 -15.95 -4.07
N GLY B 695 11.60 -14.86 -3.60
CA GLY B 695 11.25 -13.57 -4.13
C GLY B 695 10.36 -12.84 -3.17
N MET B 696 10.88 -11.78 -2.54
CA MET B 696 10.08 -10.97 -1.63
C MET B 696 10.75 -9.60 -1.51
N THR B 697 10.00 -8.66 -0.96
CA THR B 697 10.54 -7.33 -0.76
C THR B 697 11.50 -7.33 0.44
N ASP B 698 12.35 -6.30 0.48
CA ASP B 698 13.19 -6.02 1.64
C ASP B 698 12.37 -6.08 2.92
N THR B 699 11.26 -5.34 2.95
CA THR B 699 10.49 -5.18 4.17
C THR B 699 9.76 -6.46 4.57
N ALA B 700 9.53 -7.38 3.63
CA ALA B 700 8.86 -8.62 3.99
C ALA B 700 9.83 -9.59 4.62
N LEU B 701 11.08 -9.58 4.17
CA LEU B 701 12.11 -10.40 4.80
C LEU B 701 12.42 -9.88 6.21
N MET B 702 12.59 -8.56 6.37
CA MET B 702 12.86 -7.99 7.69
C MET B 702 11.75 -8.31 8.71
N ASP B 703 10.50 -8.46 8.27
CA ASP B 703 9.43 -8.79 9.22
C ASP B 703 9.56 -10.21 9.75
N VAL B 704 10.01 -11.16 8.93
CA VAL B 704 10.20 -12.51 9.43
C VAL B 704 11.50 -12.60 10.22
N LEU B 705 12.54 -11.88 9.76
CA LEU B 705 13.83 -11.93 10.43
C LEU B 705 13.75 -11.43 11.85
N THR B 706 12.99 -10.36 12.07
CA THR B 706 12.88 -9.70 13.36
C THR B 706 11.80 -10.30 14.24
N GLY B 707 11.09 -11.32 13.77
CA GLY B 707 10.09 -11.98 14.57
C GLY B 707 8.73 -11.35 14.55
N ALA B 708 8.49 -10.37 13.67
CA ALA B 708 7.13 -9.91 13.46
C ALA B 708 6.23 -11.03 12.94
N TYR B 709 6.79 -11.94 12.15
CA TYR B 709 6.08 -13.14 11.68
C TYR B 709 7.07 -14.28 11.68
N ALA B 710 6.61 -15.46 12.08
CA ALA B 710 7.50 -16.60 12.06
C ALA B 710 7.44 -17.29 10.71
N PRO B 711 8.58 -17.82 10.25
CA PRO B 711 8.58 -18.60 9.01
C PRO B 711 7.83 -19.90 9.15
N GLN B 712 7.10 -20.25 8.09
CA GLN B 712 6.35 -21.49 8.05
C GLN B 712 6.37 -22.18 6.68
N GLY B 713 7.01 -21.59 5.68
CA GLY B 713 7.07 -22.24 4.37
C GLY B 713 7.83 -23.54 4.41
N LYS B 714 7.55 -24.40 3.42
CA LYS B 714 8.21 -25.70 3.32
C LYS B 714 8.64 -25.95 1.88
N LEU B 715 9.78 -26.64 1.73
CA LEU B 715 10.40 -26.84 0.44
C LEU B 715 9.44 -27.50 -0.54
N PRO B 716 9.28 -26.95 -1.75
CA PRO B 716 8.49 -27.62 -2.79
C PRO B 716 9.31 -28.48 -3.73
N PHE B 717 10.63 -28.54 -3.53
CA PHE B 717 11.54 -29.40 -4.26
C PHE B 717 12.73 -29.67 -3.35
N ALA B 718 13.38 -30.81 -3.58
CA ALA B 718 14.49 -31.18 -2.71
C ALA B 718 15.76 -30.44 -3.09
N LEU B 719 16.60 -30.21 -2.10
CA LEU B 719 17.90 -29.57 -2.24
C LEU B 719 18.97 -30.60 -1.93
N ALA B 720 19.99 -30.67 -2.79
CA ALA B 720 21.08 -31.62 -2.63
C ALA B 720 22.31 -30.94 -2.03
N GLY B 721 23.27 -31.75 -1.62
CA GLY B 721 24.48 -31.24 -0.99
C GLY B 721 25.77 -31.45 -1.75
N THR B 722 25.71 -32.18 -2.87
CA THR B 722 26.90 -32.55 -3.61
C THR B 722 26.65 -32.38 -5.10
N ARG B 723 27.70 -32.01 -5.84
CA ARG B 723 27.55 -32.00 -7.29
C ARG B 723 27.31 -33.40 -7.83
N GLU B 724 27.89 -34.41 -7.20
CA GLU B 724 27.65 -35.79 -7.64
C GLU B 724 26.19 -36.15 -7.57
N ALA B 725 25.47 -35.63 -6.59
CA ALA B 725 24.03 -35.90 -6.54
C ALA B 725 23.33 -35.30 -7.76
N ILE B 726 23.77 -34.11 -8.17
CA ILE B 726 23.18 -33.43 -9.32
C ILE B 726 23.28 -34.29 -10.57
N ILE B 727 24.42 -34.98 -10.76
CA ILE B 727 24.63 -35.70 -12.00
C ILE B 727 24.13 -37.14 -11.96
N GLU B 728 23.95 -37.72 -10.77
CA GLU B 728 23.42 -39.09 -10.75
C GLU B 728 21.91 -39.11 -10.88
N GLN B 729 21.22 -38.08 -10.40
CA GLN B 729 19.77 -38.13 -10.23
C GLN B 729 19.03 -38.27 -11.57
N ASP B 730 17.88 -38.97 -11.51
CA ASP B 730 17.03 -39.18 -12.67
C ASP B 730 16.29 -37.89 -13.03
N SER B 731 16.45 -37.44 -14.28
CA SER B 731 15.87 -36.17 -14.69
C SER B 731 14.36 -36.13 -14.47
N ASP B 732 13.70 -37.27 -14.50
CA ASP B 732 12.24 -37.35 -14.38
C ASP B 732 11.80 -37.72 -12.98
N ARG B 733 12.73 -37.81 -12.04
CA ARG B 733 12.39 -38.28 -10.71
C ARG B 733 12.62 -37.19 -9.68
N PRO B 734 11.65 -36.95 -8.80
CA PRO B 734 11.87 -35.96 -7.74
C PRO B 734 12.87 -36.47 -6.71
N GLY B 735 13.53 -35.53 -6.05
CA GLY B 735 14.43 -35.85 -4.97
C GLY B 735 15.73 -36.45 -5.47
N TYR B 736 16.55 -36.86 -4.50
CA TYR B 736 17.83 -37.53 -4.79
C TYR B 736 17.97 -38.80 -4.00
N ASP B 737 16.85 -39.36 -3.49
CA ASP B 737 16.89 -40.57 -2.69
C ASP B 737 17.51 -41.76 -3.41
N GLU B 738 17.47 -41.78 -4.73
CA GLU B 738 18.02 -42.88 -5.51
C GLU B 738 19.50 -42.66 -5.86
N THR B 739 20.17 -41.72 -5.19
CA THR B 739 21.56 -41.38 -5.45
C THR B 739 22.44 -41.74 -4.27
N GLU B 740 23.75 -41.81 -4.53
CA GLU B 740 24.72 -42.12 -3.48
C GLU B 740 24.69 -41.07 -2.37
N ASP B 741 24.87 -39.79 -2.72
CA ASP B 741 25.02 -38.76 -1.71
C ASP B 741 23.69 -38.40 -1.05
N GLY B 742 22.58 -38.50 -1.79
CA GLY B 742 21.26 -38.25 -1.24
C GLY B 742 20.96 -36.77 -1.04
N ALA B 743 19.77 -36.52 -0.51
CA ALA B 743 19.27 -35.15 -0.37
C ALA B 743 19.78 -34.48 0.91
N LEU B 744 20.16 -33.20 0.77
CA LEU B 744 20.52 -32.37 1.92
C LEU B 744 19.29 -31.94 2.72
N TYR B 745 18.23 -31.55 2.04
CA TYR B 745 16.96 -31.17 2.63
C TYR B 745 15.89 -31.76 1.72
N PRO B 746 15.04 -32.63 2.24
CA PRO B 746 14.02 -33.25 1.38
C PRO B 746 12.91 -32.28 1.04
N PHE B 747 12.16 -32.65 0.01
CA PHE B 747 10.86 -32.04 -0.22
C PHE B 747 10.06 -32.03 1.08
N GLY B 748 9.42 -30.90 1.37
CA GLY B 748 8.58 -30.77 2.55
C GLY B 748 9.29 -30.28 3.81
N TYR B 749 10.58 -29.93 3.73
CA TYR B 749 11.33 -29.61 4.93
C TYR B 749 11.26 -28.13 5.27
N GLY B 750 11.13 -27.83 6.55
CA GLY B 750 11.08 -26.45 6.98
C GLY B 750 10.98 -26.29 8.49
N LEU B 751 11.93 -25.55 9.07
CA LEU B 751 11.97 -25.27 10.50
C LEU B 751 11.15 -24.03 10.84
N THR B 752 10.88 -23.85 12.13
CA THR B 752 10.11 -22.71 12.62
C THR B 752 10.80 -22.09 13.82
N TYR B 753 10.19 -21.02 14.31
CA TYR B 753 10.56 -20.40 15.56
C TYR B 753 9.93 -21.18 16.71
N GLU B 754 10.57 -21.06 17.87
CA GLU B 754 10.37 -21.88 19.06
C GLU B 754 9.50 -21.17 20.09
N ASP B 755 8.33 -20.66 19.71
CA ASP B 755 7.58 -19.98 20.77
C ASP B 755 6.73 -20.91 21.62
N ASP B 756 6.02 -21.87 21.04
CA ASP B 756 5.27 -22.82 21.87
C ASP B 756 6.03 -24.14 21.99
C ACT C . -6.55 41.80 22.39
O ACT C . -7.48 42.30 23.16
OXT ACT C . -5.43 41.20 22.70
CH3 ACT C . -6.86 41.98 20.83
C6 C3G D . -1.10 26.53 16.95
C15 C3G D . -2.50 28.67 15.09
C17 C3G D . -2.23 31.03 14.91
C3 C3G D . -3.97 25.41 19.17
C2 C3G D . -4.78 26.56 18.63
C1 C3G D . -3.86 27.72 18.22
C5 C3G D . -1.86 26.36 18.27
C4 C3G D . -2.81 25.16 18.23
C14 C3G D . -3.30 28.87 16.19
C16 C3G D . -1.95 29.76 14.43
C18 C3G D . -3.07 31.24 16.00
C19 C3G D . -3.61 30.15 16.64
N20 C3G D . -1.66 32.18 14.22
O3 C3G D . -4.82 24.25 19.22
O2 C3G D . -5.83 27.03 19.47
O5 C3G D . -2.55 27.54 18.71
O4 C3G D . -2.08 23.98 18.57
O6A C3G D . -1.42 25.85 15.99
O6B C3G D . -0.17 27.30 16.88
O1 C3G D . -3.87 27.78 16.82
O21 C3G D . -1.04 31.99 13.18
O22 C3G D . -1.81 33.28 14.72
ZN ZN E . -24.31 19.52 25.96
ZN ZN F . 20.92 32.29 38.55
ZN ZN G . 13.82 40.97 20.85
ZN ZN H . -16.59 30.81 23.94
ZN ZN I . -13.35 46.36 30.97
ZN ZN J . 36.02 24.12 16.90
ZN ZN K . -33.79 46.45 9.80
ZN ZN L . 0.35 53.47 25.68
ZN ZN M . -14.01 21.50 10.51
ZN ZN N . 22.82 36.83 21.48
ZN ZN O . 7.02 0.24 10.77
ZN ZN P . 32.61 21.35 27.55
ZN ZN Q . 21.94 7.05 6.33
ZN ZN R . -19.34 -1.49 -17.49
ZN ZN S . -32.96 21.93 -9.46
ZN ZN T . -27.37 38.45 7.38
ZN ZN U . -41.22 21.42 21.30
ZN ZN V . 35.51 11.03 36.21
ZN ZN W . -6.49 3.58 34.14
ZN ZN X . 20.18 29.29 23.39
ZN ZN Y . -32.55 -11.49 7.29
ZN ZN Z . 18.57 44.80 39.03
S SO4 AA . -6.59 41.93 36.80
O1 SO4 AA . -7.27 40.82 37.47
O2 SO4 AA . -5.94 41.40 35.62
O3 SO4 AA . -7.61 42.95 36.47
O4 SO4 AA . -5.55 42.53 37.65
S SO4 BA . -15.54 51.35 7.78
O1 SO4 BA . -16.87 51.31 8.37
O2 SO4 BA . -15.41 50.34 6.75
O3 SO4 BA . -15.31 52.68 7.23
O4 SO4 BA . -14.55 51.03 8.81
S SO4 CA . -30.14 22.96 33.60
O1 SO4 CA . -30.42 21.52 33.45
O2 SO4 CA . -30.50 23.62 32.33
O3 SO4 CA . -28.71 23.17 33.90
O4 SO4 CA . -30.91 23.56 34.70
C6 C3G DA . 5.93 -16.78 -25.50
C15 C3G DA . 10.33 -18.42 -27.90
C17 C3G DA . 10.32 -16.28 -28.96
C3 C3G DA . 6.71 -20.11 -23.81
C2 C3G DA . 8.11 -20.18 -24.43
C1 C3G DA . 8.20 -19.37 -25.72
C5 C3G DA . 6.07 -18.27 -25.28
C4 C3G DA . 6.15 -18.71 -23.82
C14 C3G DA . 9.72 -17.86 -26.79
C16 C3G DA . 10.64 -17.63 -28.99
C18 C3G DA . 9.70 -15.69 -27.84
C19 C3G DA . 9.41 -16.50 -26.76
N20 C3G DA . 10.65 -15.44 -30.12
O3 C3G DA . 6.71 -20.68 -22.50
O2 C3G DA . 8.31 -21.57 -24.70
O5 C3G DA . 7.40 -18.21 -25.76
O4 C3G DA . 4.84 -18.73 -23.24
O6A C3G DA . 5.84 -16.37 -26.64
O6B C3G DA . 6.04 -16.02 -24.55
O1 C3G DA . 9.43 -18.67 -25.71
O21 C3G DA . 11.80 -15.00 -30.20
O22 C3G DA . 9.79 -15.21 -30.95
ZN ZN EA . -38.81 -1.79 -27.14
ZN ZN FA . -8.44 -10.41 -46.74
ZN ZN GA . 14.82 -16.15 -13.25
ZN ZN HA . -15.82 -9.76 -9.87
ZN ZN IA . 29.58 -21.64 13.71
ZN ZN JA . -10.06 -6.11 -5.53
ZN ZN KA . -15.60 4.61 -17.22
ZN ZN LA . -11.19 -12.45 -39.05
ZN ZN MA . 21.01 5.60 14.19
ZN ZN NA . 2.21 -18.15 -51.00
ZN ZN OA . 15.02 -23.93 -41.06
ZN ZN PA . 35.58 -22.66 -21.97
ZN ZN QA . -26.32 -9.77 -38.92
ZN ZN RA . 15.55 -35.65 -10.51
ZN ZN SA . -16.77 -24.17 -47.10
ZN ZN TA . 16.84 -31.36 -23.45
S SO4 UA . -7.41 -33.91 -8.50
O1 SO4 UA . -8.23 -34.29 -9.66
O2 SO4 UA . -8.27 -33.54 -7.37
O3 SO4 UA . -6.58 -32.77 -8.86
O4 SO4 UA . -6.54 -35.04 -8.17
#